data_6XHS
#
_entry.id   6XHS
#
_cell.length_a   49.357
_cell.length_b   138.521
_cell.length_c   109.564
_cell.angle_alpha   90.000
_cell.angle_beta   96.460
_cell.angle_gamma   90.000
#
_symmetry.space_group_name_H-M   'P 1 21 1'
#
loop_
_entity.id
_entity.type
_entity.pdbx_description
1 polymer 'Ribitol-5-phosphate cytidylyltransferase 1'
2 non-polymer "CYTIDINE-5'-TRIPHOSPHATE"
3 non-polymer 'THIOCYANATE ION'
4 non-polymer 'MAGNESIUM ION'
5 water water
#
_entity_poly.entity_id   1
_entity_poly.type   'polypeptide(L)'
_entity_poly.pdbx_seq_one_letter_code
;MKYAGILAGGIGSRMGNVPLPKQFLDLDNKPILIHTLEKFILINDFEKIIIATPQQWMTHTKDTLRKFKISDERIEVIQG
GSDRNDTIMNIVKHIESTNGINDDDVIVTHDAVRPFLTHRIIKENIQAALEYGAVDTVIDAIDTIVTSKDNQTIDAIPVR
NEMYQGQTPQSFNINLLKESYAQLSDEQKSILSDACKIIVETNKPVRLVKGELYNIKVTTPYDLKVANAIIRGGIADDGG
SLVPRGSAAAALEHHHHHHHH
;
_entity_poly.pdbx_strand_id   A,B,C,D,E,F
#
# COMPACT_ATOMS: atom_id res chain seq x y z
N MET A 1 57.70 -8.02 -15.65
CA MET A 1 56.74 -9.04 -15.25
C MET A 1 55.32 -8.71 -15.63
N LYS A 2 54.52 -9.75 -15.86
CA LYS A 2 53.14 -9.61 -16.28
C LYS A 2 52.26 -10.20 -15.18
N TYR A 3 51.28 -9.43 -14.72
CA TYR A 3 50.36 -9.85 -13.66
C TYR A 3 48.91 -9.78 -14.18
N ALA A 4 48.04 -10.69 -13.75
CA ALA A 4 46.62 -10.55 -14.06
C ALA A 4 45.84 -10.19 -12.79
N GLY A 5 44.92 -9.26 -12.92
CA GLY A 5 44.09 -8.88 -11.80
C GLY A 5 42.65 -9.16 -12.18
N ILE A 6 42.08 -10.17 -11.58
CA ILE A 6 40.73 -10.57 -11.91
C ILE A 6 39.81 -9.89 -10.91
N LEU A 7 38.91 -9.05 -11.41
CA LEU A 7 38.11 -8.20 -10.55
C LEU A 7 36.81 -8.93 -10.29
N ALA A 8 36.64 -9.45 -9.07
CA ALA A 8 35.44 -10.20 -8.68
C ALA A 8 34.66 -9.54 -7.56
N GLY A 9 34.34 -8.27 -7.71
CA GLY A 9 33.61 -7.47 -6.73
C GLY A 9 32.08 -7.58 -6.75
N GLY A 10 31.51 -8.37 -7.67
CA GLY A 10 30.07 -8.46 -7.84
C GLY A 10 29.44 -7.37 -8.75
N ILE A 11 28.13 -7.51 -8.94
CA ILE A 11 27.39 -6.59 -9.80
C ILE A 11 26.37 -5.90 -8.92
N GLY A 12 26.42 -4.57 -8.88
CA GLY A 12 25.57 -3.82 -7.98
C GLY A 12 24.13 -3.78 -8.44
N SER A 13 23.23 -3.79 -7.48
CA SER A 13 21.79 -3.66 -7.75
C SER A 13 21.43 -2.21 -8.02
N ARG A 14 20.42 -1.99 -8.85
CA ARG A 14 20.03 -0.61 -9.14
C ARG A 14 19.74 0.15 -7.84
N MET A 15 18.83 -0.36 -7.03
CA MET A 15 18.57 0.20 -5.70
C MET A 15 19.55 -0.41 -4.68
N GLY A 16 20.29 0.46 -3.99
CA GLY A 16 21.17 0.08 -2.89
C GLY A 16 22.62 -0.11 -3.28
N ASN A 17 22.89 -0.36 -4.56
CA ASN A 17 24.21 -0.78 -5.02
C ASN A 17 24.71 -1.97 -4.22
N VAL A 18 23.84 -2.94 -4.00
CA VAL A 18 24.24 -4.14 -3.26
C VAL A 18 25.05 -5.04 -4.19
N PRO A 19 26.22 -5.54 -3.76
CA PRO A 19 27.01 -6.43 -4.59
C PRO A 19 26.32 -7.79 -4.73
N LEU A 20 26.06 -8.20 -5.96
CA LEU A 20 25.60 -9.56 -6.12
C LEU A 20 26.68 -10.43 -6.70
N PRO A 21 26.92 -11.57 -6.12
CA PRO A 21 28.03 -12.39 -6.59
C PRO A 21 27.69 -13.13 -7.88
N LYS A 22 27.49 -12.36 -8.97
CA LYS A 22 27.09 -12.98 -10.22
C LYS A 22 28.14 -13.93 -10.79
N GLN A 23 29.42 -13.75 -10.45
CA GLN A 23 30.49 -14.61 -10.95
C GLN A 23 30.39 -16.05 -10.47
N PHE A 24 29.60 -16.32 -9.43
CA PHE A 24 29.45 -17.69 -8.98
C PHE A 24 28.27 -18.43 -9.60
N LEU A 25 27.46 -17.78 -10.44
CA LEU A 25 26.32 -18.41 -11.07
C LEU A 25 26.79 -19.44 -12.09
N ASP A 26 25.96 -20.44 -12.32
CA ASP A 26 26.41 -21.55 -13.15
C ASP A 26 26.33 -21.27 -14.64
N LEU A 27 27.40 -21.63 -15.34
CA LEU A 27 27.44 -21.57 -16.78
C LEU A 27 27.89 -22.97 -17.20
N ASP A 28 26.97 -23.79 -17.67
CA ASP A 28 27.29 -25.16 -18.11
C ASP A 28 28.04 -25.99 -17.04
N ASN A 29 27.54 -25.95 -15.79
CA ASN A 29 28.02 -26.77 -14.65
C ASN A 29 29.38 -26.33 -14.12
N LYS A 30 29.72 -25.05 -14.33
CA LYS A 30 30.93 -24.45 -13.83
C LYS A 30 30.68 -22.95 -13.61
N PRO A 31 31.09 -22.40 -12.48
CA PRO A 31 30.88 -20.97 -12.23
C PRO A 31 31.50 -20.09 -13.30
N ILE A 32 30.85 -18.96 -13.56
CA ILE A 32 31.38 -18.03 -14.56
C ILE A 32 32.85 -17.74 -14.24
N LEU A 33 33.12 -17.49 -12.96
CA LEU A 33 34.47 -17.21 -12.50
C LEU A 33 35.46 -18.30 -12.92
N ILE A 34 35.05 -19.57 -12.89
CA ILE A 34 35.99 -20.64 -13.25
C ILE A 34 36.33 -20.58 -14.73
N HIS A 35 35.33 -20.34 -15.59
CA HIS A 35 35.59 -20.14 -17.03
C HIS A 35 36.61 -19.02 -17.28
N THR A 36 36.40 -17.87 -16.63
CA THR A 36 37.33 -16.78 -16.87
C THR A 36 38.73 -17.14 -16.40
N LEU A 37 38.83 -17.72 -15.19
CA LEU A 37 40.15 -18.06 -14.68
C LEU A 37 40.83 -19.05 -15.59
N GLU A 38 40.09 -20.04 -16.12
CA GLU A 38 40.71 -21.03 -16.99
C GLU A 38 41.31 -20.34 -18.21
N LYS A 39 40.65 -19.28 -18.68
CA LYS A 39 41.21 -18.52 -19.80
C LYS A 39 42.54 -17.88 -19.41
N PHE A 40 42.65 -17.35 -18.17
CA PHE A 40 43.92 -16.73 -17.75
C PHE A 40 45.05 -17.72 -17.43
N ILE A 41 44.74 -18.90 -16.86
CA ILE A 41 45.77 -19.90 -16.59
C ILE A 41 46.50 -20.34 -17.85
N LEU A 42 45.82 -20.34 -19.00
CA LEU A 42 46.44 -20.72 -20.27
C LEU A 42 47.50 -19.74 -20.74
N ILE A 43 47.58 -18.54 -20.16
CA ILE A 43 48.61 -17.59 -20.54
C ILE A 43 49.79 -17.87 -19.61
N ASN A 44 50.86 -18.46 -20.17
CA ASN A 44 52.00 -18.87 -19.37
C ASN A 44 52.80 -17.70 -18.83
N ASP A 45 52.67 -16.53 -19.42
CA ASP A 45 53.49 -15.34 -19.13
C ASP A 45 53.07 -14.62 -17.85
N PHE A 46 51.92 -14.97 -17.28
CA PHE A 46 51.51 -14.32 -16.04
C PHE A 46 52.35 -14.82 -14.87
N GLU A 47 52.88 -13.87 -14.10
CA GLU A 47 53.61 -14.20 -12.90
C GLU A 47 52.66 -14.54 -11.76
N LYS A 48 51.57 -13.79 -11.64
CA LYS A 48 50.56 -14.04 -10.63
C LYS A 48 49.20 -13.72 -11.24
N ILE A 49 48.18 -14.44 -10.80
CA ILE A 49 46.80 -14.20 -11.19
C ILE A 49 46.04 -13.91 -9.89
N ILE A 50 45.78 -12.66 -9.63
CA ILE A 50 45.32 -12.24 -8.33
C ILE A 50 43.84 -11.93 -8.50
N ILE A 51 43.02 -12.64 -7.76
CA ILE A 51 41.59 -12.39 -7.74
C ILE A 51 41.33 -11.59 -6.49
N ALA A 52 40.73 -10.41 -6.66
CA ALA A 52 40.34 -9.56 -5.56
C ALA A 52 38.82 -9.54 -5.52
N THR A 53 38.27 -9.82 -4.35
CA THR A 53 36.84 -10.01 -4.19
C THR A 53 36.53 -9.52 -2.80
N PRO A 54 35.27 -9.16 -2.50
CA PRO A 54 34.96 -8.70 -1.15
C PRO A 54 35.30 -9.72 -0.06
N GLN A 55 35.67 -9.20 1.10
CA GLN A 55 36.06 -10.04 2.23
C GLN A 55 35.05 -11.17 2.46
N GLN A 56 33.75 -10.85 2.35
CA GLN A 56 32.72 -11.84 2.64
C GLN A 56 32.65 -12.95 1.60
N TRP A 57 33.32 -12.80 0.45
CA TRP A 57 33.28 -13.84 -0.56
C TRP A 57 34.59 -14.62 -0.71
N MET A 58 35.64 -14.28 0.07
CA MET A 58 36.96 -14.89 -0.15
C MET A 58 36.95 -16.39 0.13
N THR A 59 36.34 -16.80 1.25
CA THR A 59 36.33 -18.21 1.56
C THR A 59 35.59 -19.00 0.49
N HIS A 60 34.42 -18.53 0.08
CA HIS A 60 33.67 -19.25 -0.94
C HIS A 60 34.45 -19.27 -2.25
N THR A 61 35.18 -18.20 -2.57
CA THR A 61 35.99 -18.21 -3.77
C THR A 61 37.07 -19.30 -3.71
N LYS A 62 37.80 -19.38 -2.58
CA LYS A 62 38.84 -20.39 -2.40
C LYS A 62 38.23 -21.80 -2.43
N ASP A 63 37.06 -21.98 -1.79
CA ASP A 63 36.37 -23.26 -1.78
C ASP A 63 36.02 -23.68 -3.21
N THR A 64 35.60 -22.70 -4.03
CA THR A 64 35.20 -22.97 -5.40
C THR A 64 36.41 -23.35 -6.25
N LEU A 65 37.53 -22.67 -6.02
CA LEU A 65 38.78 -23.05 -6.66
C LEU A 65 39.12 -24.50 -6.36
N ARG A 66 38.97 -24.89 -5.10
CA ARG A 66 39.25 -26.27 -4.70
C ARG A 66 38.29 -27.27 -5.36
N LYS A 67 37.00 -26.93 -5.40
CA LYS A 67 36.02 -27.88 -5.93
C LYS A 67 36.26 -28.20 -7.40
N PHE A 68 36.71 -27.20 -8.16
CA PHE A 68 36.94 -27.39 -9.58
C PHE A 68 38.42 -27.62 -9.91
N LYS A 69 39.22 -28.05 -8.93
CA LYS A 69 40.56 -28.55 -9.24
C LYS A 69 41.45 -27.51 -9.90
N ILE A 70 41.23 -26.25 -9.56
CA ILE A 70 42.06 -25.16 -10.05
C ILE A 70 43.22 -25.16 -9.06
N SER A 71 44.35 -25.75 -9.45
CA SER A 71 45.46 -25.93 -8.55
C SER A 71 46.68 -25.09 -8.87
N ASP A 72 46.64 -24.29 -9.93
CA ASP A 72 47.78 -23.49 -10.35
C ASP A 72 48.34 -22.67 -9.20
N GLU A 73 49.65 -22.82 -8.96
CA GLU A 73 50.26 -22.14 -7.82
C GLU A 73 50.22 -20.61 -7.96
N ARG A 74 49.98 -20.08 -9.18
CA ARG A 74 49.91 -18.65 -9.42
C ARG A 74 48.58 -18.01 -9.00
N ILE A 75 47.56 -18.79 -8.72
CA ILE A 75 46.26 -18.20 -8.42
C ILE A 75 46.30 -17.73 -6.98
N GLU A 76 45.88 -16.50 -6.72
CA GLU A 76 45.80 -16.02 -5.35
C GLU A 76 44.52 -15.21 -5.14
N VAL A 77 43.88 -15.38 -3.99
CA VAL A 77 42.67 -14.64 -3.63
C VAL A 77 42.99 -13.62 -2.52
N ILE A 78 42.66 -12.35 -2.77
CA ILE A 78 42.85 -11.25 -1.81
C ILE A 78 41.56 -10.45 -1.63
N GLN A 79 41.56 -9.62 -0.58
CA GLN A 79 40.43 -8.75 -0.30
C GLN A 79 40.40 -7.54 -1.26
N GLY A 80 39.22 -7.30 -1.84
CA GLY A 80 39.00 -6.16 -2.70
C GLY A 80 38.80 -4.86 -1.93
N GLY A 81 38.49 -3.79 -2.68
CA GLY A 81 38.43 -2.47 -2.13
C GLY A 81 37.02 -1.90 -2.11
N SER A 82 36.93 -0.58 -1.95
CA SER A 82 35.63 0.06 -1.78
C SER A 82 34.86 0.30 -3.08
N ASP A 83 35.55 0.26 -4.22
CA ASP A 83 34.95 0.45 -5.55
C ASP A 83 35.93 -0.20 -6.51
N ARG A 84 35.60 -0.18 -7.81
CA ARG A 84 36.41 -0.95 -8.74
C ARG A 84 37.84 -0.43 -8.76
N ASN A 85 38.02 0.88 -8.80
CA ASN A 85 39.38 1.40 -8.83
C ASN A 85 40.11 1.17 -7.51
N ASP A 86 39.43 1.29 -6.38
CA ASP A 86 40.10 0.98 -5.13
C ASP A 86 40.53 -0.50 -5.06
N THR A 87 39.72 -1.40 -5.63
CA THR A 87 40.11 -2.80 -5.67
C THR A 87 41.35 -3.01 -6.57
N ILE A 88 41.38 -2.32 -7.72
CA ILE A 88 42.57 -2.39 -8.57
C ILE A 88 43.80 -2.00 -7.77
N MET A 89 43.67 -0.92 -7.00
CA MET A 89 44.82 -0.49 -6.20
C MET A 89 45.12 -1.45 -5.07
N ASN A 90 44.12 -2.18 -4.54
CA ASN A 90 44.43 -3.25 -3.60
C ASN A 90 45.33 -4.30 -4.24
N ILE A 91 45.05 -4.63 -5.50
CA ILE A 91 45.91 -5.58 -6.22
C ILE A 91 47.31 -4.98 -6.44
N VAL A 92 47.38 -3.74 -6.87
CA VAL A 92 48.69 -3.13 -7.08
C VAL A 92 49.51 -3.10 -5.78
N LYS A 93 48.88 -2.71 -4.68
CA LYS A 93 49.58 -2.66 -3.39
C LYS A 93 50.03 -4.04 -2.95
N HIS A 94 49.22 -5.06 -3.21
CA HIS A 94 49.62 -6.42 -2.88
C HIS A 94 50.83 -6.85 -3.68
N ILE A 95 50.85 -6.54 -4.98
CA ILE A 95 52.02 -6.85 -5.79
C ILE A 95 53.25 -6.15 -5.20
N GLU A 96 53.12 -4.86 -4.89
CA GLU A 96 54.26 -4.14 -4.37
C GLU A 96 54.77 -4.74 -3.05
N SER A 97 53.87 -5.14 -2.14
CA SER A 97 54.37 -5.66 -0.88
C SER A 97 54.95 -7.06 -0.99
N THR A 98 54.57 -7.81 -2.03
CA THR A 98 55.06 -9.18 -2.21
C THR A 98 56.31 -9.28 -3.06
N ASN A 99 56.24 -8.83 -4.33
CA ASN A 99 57.38 -8.92 -5.22
C ASN A 99 58.08 -7.61 -5.45
N GLY A 100 57.41 -6.49 -5.23
CA GLY A 100 57.88 -5.20 -5.70
C GLY A 100 57.63 -4.92 -7.18
N ILE A 101 57.28 -3.66 -7.48
CA ILE A 101 56.91 -3.30 -8.84
C ILE A 101 58.15 -2.98 -9.65
N ASN A 102 58.26 -3.57 -10.83
CA ASN A 102 59.31 -3.20 -11.77
C ASN A 102 58.82 -2.15 -12.75
N ASP A 103 59.78 -1.40 -13.29
CA ASP A 103 59.42 -0.34 -14.23
C ASP A 103 58.67 -0.91 -15.42
N ASP A 104 58.96 -2.15 -15.77
CA ASP A 104 58.31 -2.75 -16.93
C ASP A 104 57.13 -3.65 -16.54
N ASP A 105 56.75 -3.69 -15.27
CA ASP A 105 55.62 -4.52 -14.91
C ASP A 105 54.34 -3.98 -15.57
N VAL A 106 53.49 -4.89 -16.00
CA VAL A 106 52.16 -4.55 -16.47
C VAL A 106 51.17 -5.42 -15.72
N ILE A 107 49.95 -4.91 -15.60
CA ILE A 107 48.85 -5.61 -14.98
C ILE A 107 47.71 -5.66 -15.98
N VAL A 108 47.15 -6.85 -16.19
CA VAL A 108 45.99 -7.02 -17.07
C VAL A 108 44.79 -7.21 -16.15
N THR A 109 43.96 -6.19 -16.04
CA THR A 109 42.77 -6.20 -15.19
C THR A 109 41.56 -6.55 -16.03
N HIS A 110 40.66 -7.34 -15.44
CA HIS A 110 39.56 -7.94 -16.20
C HIS A 110 38.36 -8.31 -15.32
N ASP A 111 37.15 -8.11 -15.85
CA ASP A 111 35.93 -8.48 -15.14
C ASP A 111 35.88 -9.99 -14.95
N ALA A 112 35.60 -10.45 -13.72
CA ALA A 112 35.41 -11.88 -13.46
C ALA A 112 34.27 -12.50 -14.27
N VAL A 113 33.25 -11.70 -14.60
CA VAL A 113 32.07 -12.19 -15.33
C VAL A 113 32.18 -11.93 -16.82
N ARG A 114 33.40 -11.83 -17.34
CA ARG A 114 33.64 -11.79 -18.78
C ARG A 114 34.44 -13.02 -19.15
N PRO A 115 33.78 -14.17 -19.26
CA PRO A 115 34.48 -15.44 -19.48
C PRO A 115 34.87 -15.70 -20.92
N PHE A 116 34.44 -14.86 -21.85
CA PHE A 116 34.59 -15.21 -23.25
C PHE A 116 35.69 -14.43 -23.92
N LEU A 117 36.56 -13.76 -23.15
CA LEU A 117 37.76 -13.16 -23.74
C LEU A 117 38.64 -14.24 -24.34
N THR A 118 39.54 -13.84 -25.24
CA THR A 118 40.29 -14.79 -26.02
C THR A 118 41.78 -14.66 -25.73
N HIS A 119 42.52 -15.71 -26.10
CA HIS A 119 43.97 -15.68 -25.99
C HIS A 119 44.54 -14.44 -26.69
N ARG A 120 44.06 -14.16 -27.91
CA ARG A 120 44.53 -13.00 -28.67
C ARG A 120 44.33 -11.69 -27.90
N ILE A 121 43.13 -11.50 -27.31
CA ILE A 121 42.81 -10.27 -26.56
C ILE A 121 43.82 -10.09 -25.42
N ILE A 122 44.12 -11.18 -24.70
CA ILE A 122 45.05 -11.11 -23.59
C ILE A 122 46.47 -10.80 -24.09
N LYS A 123 46.93 -11.50 -25.13
CA LYS A 123 48.28 -11.25 -25.61
C LYS A 123 48.42 -9.83 -26.15
N GLU A 124 47.40 -9.36 -26.91
CA GLU A 124 47.45 -8.01 -27.45
C GLU A 124 47.42 -6.96 -26.35
N ASN A 125 46.65 -7.23 -25.27
CA ASN A 125 46.64 -6.34 -24.13
C ASN A 125 48.03 -6.26 -23.51
N ILE A 126 48.67 -7.42 -23.31
CA ILE A 126 50.00 -7.43 -22.71
C ILE A 126 50.97 -6.61 -23.55
N GLN A 127 51.01 -6.90 -24.87
CA GLN A 127 51.95 -6.20 -25.75
C GLN A 127 51.68 -4.70 -25.78
N ALA A 128 50.41 -4.30 -25.86
CA ALA A 128 50.08 -2.89 -25.89
C ALA A 128 50.43 -2.20 -24.58
N ALA A 129 50.21 -2.86 -23.45
CA ALA A 129 50.59 -2.28 -22.17
C ALA A 129 52.11 -2.14 -22.05
N LEU A 130 52.86 -3.17 -22.48
CA LEU A 130 54.32 -3.04 -22.45
C LEU A 130 54.81 -1.89 -23.31
N GLU A 131 54.22 -1.73 -24.48
CA GLU A 131 54.76 -0.76 -25.41
C GLU A 131 54.25 0.67 -25.17
N TYR A 132 52.95 0.81 -24.85
CA TYR A 132 52.30 2.11 -24.83
C TYR A 132 51.77 2.50 -23.46
N GLY A 133 51.75 1.61 -22.50
CA GLY A 133 51.49 2.01 -21.13
C GLY A 133 50.06 1.91 -20.66
N ALA A 134 49.07 1.97 -21.55
CA ALA A 134 47.66 1.95 -21.15
C ALA A 134 46.80 1.48 -22.30
N VAL A 135 45.81 0.65 -22.01
CA VAL A 135 45.01 0.05 -23.08
C VAL A 135 43.58 -0.19 -22.62
N ASP A 136 42.63 0.03 -23.53
CA ASP A 136 41.24 -0.30 -23.31
C ASP A 136 40.87 -1.32 -24.38
N THR A 137 40.16 -2.36 -24.00
CA THR A 137 39.61 -3.27 -24.98
C THR A 137 38.22 -2.76 -25.37
N VAL A 138 38.01 -2.52 -26.68
CA VAL A 138 36.80 -1.90 -27.17
C VAL A 138 36.33 -2.58 -28.45
N ILE A 139 35.05 -2.40 -28.77
CA ILE A 139 34.50 -2.74 -30.07
C ILE A 139 33.77 -1.55 -30.68
N ASP A 140 33.72 -1.54 -32.01
CA ASP A 140 32.96 -0.51 -32.72
C ASP A 140 31.51 -0.52 -32.23
N ALA A 141 30.96 0.67 -31.99
CA ALA A 141 29.56 0.78 -31.63
C ALA A 141 28.70 0.18 -32.74
N ILE A 142 27.76 -0.67 -32.36
CA ILE A 142 26.82 -1.23 -33.33
C ILE A 142 25.55 -0.39 -33.41
N ASP A 143 25.02 0.01 -32.27
CA ASP A 143 23.89 0.91 -32.21
C ASP A 143 24.37 2.36 -32.36
N THR A 144 23.48 3.23 -32.88
CA THR A 144 23.67 4.65 -32.70
C THR A 144 23.65 4.95 -31.21
N ILE A 145 24.61 5.72 -30.73
CA ILE A 145 24.68 6.09 -29.33
C ILE A 145 23.97 7.41 -29.19
N VAL A 146 23.12 7.52 -28.15
CA VAL A 146 22.38 8.74 -27.87
C VAL A 146 22.62 9.17 -26.43
N THR A 147 22.51 10.47 -26.18
CA THR A 147 22.70 10.99 -24.86
C THR A 147 21.41 11.54 -24.25
N SER A 148 21.33 11.51 -22.94
CA SER A 148 20.22 12.15 -22.25
C SER A 148 20.72 12.54 -20.88
N LYS A 149 20.37 13.74 -20.46
CA LYS A 149 20.77 14.23 -19.15
C LYS A 149 19.67 14.10 -18.10
N ASP A 150 18.45 13.72 -18.51
CA ASP A 150 17.28 13.67 -17.64
C ASP A 150 16.47 12.38 -17.73
N ASN A 151 16.90 11.40 -18.52
CA ASN A 151 16.18 10.15 -18.75
C ASN A 151 14.80 10.33 -19.40
N GLN A 152 14.57 11.49 -20.03
CA GLN A 152 13.31 11.82 -20.72
C GLN A 152 13.50 12.30 -22.16
N THR A 153 14.52 13.10 -22.44
CA THR A 153 14.72 13.68 -23.75
C THR A 153 16.15 13.47 -24.16
N ILE A 154 16.41 13.46 -25.47
CA ILE A 154 17.77 13.34 -25.99
C ILE A 154 18.55 14.63 -25.74
N ASP A 155 19.80 14.49 -25.30
CA ASP A 155 20.60 15.72 -25.33
C ASP A 155 21.38 15.84 -26.64
N ALA A 156 22.13 14.82 -27.05
CA ALA A 156 22.92 14.93 -28.27
C ALA A 156 23.03 13.56 -28.92
N ILE A 157 23.26 13.53 -30.23
CA ILE A 157 23.56 12.26 -30.90
C ILE A 157 24.86 12.37 -31.69
N PRO A 158 25.97 11.96 -31.09
CA PRO A 158 27.28 12.06 -31.75
C PRO A 158 27.41 11.10 -32.94
N VAL A 159 28.46 11.35 -33.70
CA VAL A 159 28.82 10.53 -34.87
C VAL A 159 29.16 9.10 -34.44
N ARG A 160 28.44 8.12 -35.02
CA ARG A 160 28.62 6.74 -34.58
C ARG A 160 30.05 6.26 -34.83
N ASN A 161 30.68 6.73 -35.93
CA ASN A 161 32.02 6.28 -36.28
C ASN A 161 33.05 6.62 -35.22
N GLU A 162 32.73 7.54 -34.33
CA GLU A 162 33.67 7.84 -33.28
C GLU A 162 33.31 7.16 -31.97
N MET A 163 32.24 6.36 -31.92
CA MET A 163 31.80 5.78 -30.65
C MET A 163 32.20 4.32 -30.51
N TYR A 164 32.66 3.93 -29.33
CA TYR A 164 33.00 2.55 -29.09
C TYR A 164 32.48 2.03 -27.78
N GLN A 165 32.09 0.77 -27.74
CA GLN A 165 31.66 0.14 -26.52
C GLN A 165 32.90 -0.43 -25.85
N GLY A 166 33.19 0.08 -24.65
CA GLY A 166 34.34 -0.36 -23.88
C GLY A 166 34.16 -1.75 -23.27
N GLN A 167 35.19 -2.57 -23.39
CA GLN A 167 35.13 -3.82 -22.63
C GLN A 167 36.27 -3.93 -21.62
N THR A 168 36.54 -5.15 -21.18
CA THR A 168 37.79 -5.45 -20.51
C THR A 168 38.35 -6.71 -21.15
N PRO A 169 39.63 -6.99 -20.95
CA PRO A 169 40.62 -6.40 -20.06
C PRO A 169 40.94 -4.95 -20.36
N GLN A 170 41.41 -4.26 -19.35
CA GLN A 170 42.09 -2.99 -19.46
C GLN A 170 43.46 -3.17 -18.80
N SER A 171 44.52 -2.84 -19.53
CA SER A 171 45.85 -3.20 -19.09
C SER A 171 46.74 -1.97 -19.09
N PHE A 172 47.67 -1.96 -18.15
CA PHE A 172 48.41 -0.76 -17.83
C PHE A 172 49.79 -1.18 -17.37
N ASN A 173 50.81 -0.39 -17.71
CA ASN A 173 52.06 -0.40 -16.97
C ASN A 173 51.76 0.02 -15.54
N ILE A 174 52.22 -0.76 -14.57
CA ILE A 174 51.76 -0.60 -13.19
C ILE A 174 52.21 0.73 -12.60
N ASN A 175 53.47 1.12 -12.79
CA ASN A 175 53.90 2.38 -12.18
C ASN A 175 53.14 3.55 -12.80
N LEU A 176 52.86 3.49 -14.11
CA LEU A 176 52.08 4.53 -14.79
C LEU A 176 50.67 4.65 -14.22
N LEU A 177 50.00 3.52 -14.05
CA LEU A 177 48.66 3.53 -13.47
C LEU A 177 48.71 4.11 -12.07
N LYS A 178 49.68 3.67 -11.30
CA LYS A 178 49.83 4.16 -9.94
C LYS A 178 50.04 5.68 -9.91
N GLU A 179 50.93 6.20 -10.76
CA GLU A 179 51.21 7.64 -10.80
C GLU A 179 49.98 8.42 -11.25
N SER A 180 49.30 7.92 -12.27
CA SER A 180 48.10 8.57 -12.76
C SER A 180 47.02 8.57 -11.67
N TYR A 181 46.80 7.42 -11.04
CA TYR A 181 45.81 7.33 -9.98
C TYR A 181 46.17 8.25 -8.81
N ALA A 182 47.46 8.34 -8.49
CA ALA A 182 47.91 9.23 -7.42
C ALA A 182 47.59 10.68 -7.74
N GLN A 183 47.45 11.02 -9.03
CA GLN A 183 47.07 12.38 -9.43
C GLN A 183 45.59 12.72 -9.18
N LEU A 184 44.70 11.75 -9.02
CA LEU A 184 43.27 12.05 -8.91
C LEU A 184 42.93 12.54 -7.50
N SER A 185 41.91 13.41 -7.40
CA SER A 185 41.42 13.88 -6.11
C SER A 185 40.48 12.85 -5.48
N ASP A 186 40.15 13.11 -4.20
CA ASP A 186 39.22 12.24 -3.49
C ASP A 186 37.85 12.24 -4.16
N GLU A 187 37.40 13.41 -4.67
CA GLU A 187 36.13 13.50 -5.37
C GLU A 187 36.13 12.69 -6.65
N GLN A 188 37.15 12.87 -7.51
CA GLN A 188 37.19 12.07 -8.74
C GLN A 188 37.30 10.58 -8.45
N LYS A 189 37.64 10.19 -7.23
CA LYS A 189 37.64 8.77 -6.89
C LYS A 189 36.25 8.16 -6.86
N SER A 190 35.19 8.98 -6.90
CA SER A 190 33.80 8.50 -6.88
C SER A 190 33.20 8.38 -8.28
N ILE A 191 33.45 9.36 -9.15
CA ILE A 191 32.86 9.34 -10.48
C ILE A 191 33.44 8.21 -11.32
N LEU A 192 34.77 8.10 -11.37
CA LEU A 192 35.41 7.24 -12.37
C LEU A 192 35.19 5.76 -12.07
N SER A 193 34.10 5.20 -12.59
CA SER A 193 33.89 3.76 -12.48
C SER A 193 34.93 2.98 -13.28
N ASP A 194 35.39 3.54 -14.40
CA ASP A 194 36.26 2.89 -15.37
C ASP A 194 37.73 3.07 -15.00
N ALA A 195 38.53 2.09 -15.38
CA ALA A 195 39.92 2.17 -14.97
C ALA A 195 40.73 3.02 -15.94
N CYS A 196 40.42 2.91 -17.25
CA CYS A 196 41.12 3.67 -18.28
C CYS A 196 40.87 5.17 -18.17
N LYS A 197 39.74 5.56 -17.58
CA LYS A 197 39.46 6.98 -17.41
C LYS A 197 40.41 7.66 -16.45
N ILE A 198 40.98 6.91 -15.48
CA ILE A 198 42.07 7.43 -14.64
C ILE A 198 43.16 8.01 -15.53
N ILE A 199 43.56 7.21 -16.51
CA ILE A 199 44.65 7.58 -17.40
C ILE A 199 44.24 8.75 -18.30
N VAL A 200 43.06 8.64 -18.92
CA VAL A 200 42.60 9.68 -19.83
C VAL A 200 42.50 11.01 -19.10
N GLU A 201 41.94 10.99 -17.89
CA GLU A 201 41.74 12.21 -17.12
C GLU A 201 43.07 12.81 -16.68
N THR A 202 44.11 11.99 -16.56
CA THR A 202 45.42 12.50 -16.22
C THR A 202 46.29 12.75 -17.47
N ASN A 203 45.66 12.87 -18.64
CA ASN A 203 46.33 13.32 -19.85
C ASN A 203 47.48 12.40 -20.27
N LYS A 204 47.23 11.10 -20.25
CA LYS A 204 48.14 10.15 -20.90
C LYS A 204 47.37 9.33 -21.92
N PRO A 205 48.01 8.90 -23.01
CA PRO A 205 47.26 8.20 -24.06
C PRO A 205 46.83 6.80 -23.63
N VAL A 206 45.70 6.36 -24.17
CA VAL A 206 45.23 4.99 -23.97
C VAL A 206 45.00 4.33 -25.31
N ARG A 207 45.66 3.21 -25.53
CA ARG A 207 45.51 2.54 -26.82
C ARG A 207 44.22 1.74 -26.86
N LEU A 208 43.75 1.50 -28.08
CA LEU A 208 42.59 0.64 -28.29
C LEU A 208 43.07 -0.71 -28.78
N VAL A 209 42.58 -1.77 -28.14
CA VAL A 209 42.69 -3.13 -28.64
C VAL A 209 41.26 -3.59 -28.89
N LYS A 210 41.00 -4.16 -30.07
CA LYS A 210 39.63 -4.52 -30.43
C LYS A 210 39.20 -5.84 -29.77
N GLY A 211 38.03 -5.84 -29.12
CA GLY A 211 37.45 -7.02 -28.45
C GLY A 211 36.62 -7.93 -29.33
N GLU A 212 35.51 -8.46 -28.79
CA GLU A 212 34.64 -9.33 -29.58
C GLU A 212 33.17 -9.08 -29.23
N LEU A 213 32.30 -9.32 -30.21
CA LEU A 213 30.88 -9.13 -29.96
C LEU A 213 30.39 -10.05 -28.85
N TYR A 214 31.01 -11.24 -28.72
CA TYR A 214 30.58 -12.23 -27.75
C TYR A 214 31.31 -12.09 -26.44
N ASN A 215 32.17 -11.10 -26.31
CA ASN A 215 32.89 -10.88 -25.07
C ASN A 215 31.99 -10.16 -24.07
N ILE A 216 30.86 -10.80 -23.78
CA ILE A 216 29.80 -10.16 -23.03
C ILE A 216 30.07 -10.21 -21.54
N LYS A 217 29.42 -9.30 -20.84
CA LYS A 217 29.42 -9.23 -19.39
C LYS A 217 28.14 -9.93 -18.91
N VAL A 218 28.28 -10.97 -18.10
CA VAL A 218 27.14 -11.80 -17.74
C VAL A 218 26.58 -11.23 -16.46
N THR A 219 25.58 -10.35 -16.60
CA THR A 219 25.12 -9.60 -15.45
C THR A 219 23.62 -9.78 -15.25
N THR A 220 22.90 -10.29 -16.25
CA THR A 220 21.46 -10.46 -16.19
C THR A 220 21.03 -11.88 -16.54
N PRO A 221 19.80 -12.25 -16.21
CA PRO A 221 19.31 -13.56 -16.68
C PRO A 221 19.30 -13.66 -18.21
N TYR A 222 18.96 -12.56 -18.89
CA TYR A 222 19.05 -12.55 -20.35
C TYR A 222 20.46 -12.85 -20.82
N ASP A 223 21.43 -12.14 -20.24
CA ASP A 223 22.81 -12.34 -20.62
C ASP A 223 23.24 -13.75 -20.30
N LEU A 224 22.69 -14.33 -19.24
CA LEU A 224 23.07 -15.69 -18.89
C LEU A 224 22.54 -16.71 -19.88
N LYS A 225 21.31 -16.53 -20.37
CA LYS A 225 20.81 -17.42 -21.41
C LYS A 225 21.62 -17.30 -22.69
N VAL A 226 21.92 -16.08 -23.12
CA VAL A 226 22.72 -15.98 -24.32
C VAL A 226 24.09 -16.60 -24.08
N ALA A 227 24.67 -16.40 -22.89
CA ALA A 227 25.99 -16.96 -22.63
C ALA A 227 25.94 -18.47 -22.75
N ASN A 228 24.86 -19.10 -22.28
CA ASN A 228 24.77 -20.54 -22.43
C ASN A 228 24.77 -20.93 -23.90
N ALA A 229 24.11 -20.13 -24.74
CA ALA A 229 24.14 -20.40 -26.18
C ALA A 229 25.55 -20.23 -26.75
N ILE A 230 26.19 -19.10 -26.44
CA ILE A 230 27.54 -18.82 -26.92
C ILE A 230 28.49 -19.95 -26.55
N ILE A 231 28.40 -20.42 -25.30
CA ILE A 231 29.33 -21.43 -24.82
C ILE A 231 29.07 -22.76 -25.53
N ARG A 232 27.81 -23.18 -25.60
CA ARG A 232 27.54 -24.46 -26.22
C ARG A 232 27.98 -24.46 -27.69
N GLY A 233 27.87 -23.31 -28.37
CA GLY A 233 28.14 -23.27 -29.81
C GLY A 233 29.53 -22.85 -30.28
N GLY A 234 30.43 -22.46 -29.37
CA GLY A 234 31.75 -21.97 -29.75
C GLY A 234 32.09 -20.55 -29.27
N MET B 1 -3.82 10.06 -37.72
CA MET B 1 -3.75 8.65 -38.15
C MET B 1 -2.39 8.04 -37.90
N LYS B 2 -2.33 6.72 -37.73
CA LYS B 2 -1.11 6.03 -37.34
C LYS B 2 -0.59 5.16 -38.47
N TYR B 3 0.71 5.31 -38.82
CA TYR B 3 1.30 4.52 -39.88
C TYR B 3 2.50 3.73 -39.34
N ALA B 4 2.72 2.53 -39.88
CA ALA B 4 3.94 1.81 -39.57
C ALA B 4 4.82 1.76 -40.81
N GLY B 5 6.10 2.01 -40.62
CA GLY B 5 7.02 1.87 -41.72
C GLY B 5 8.14 0.89 -41.43
N ILE B 6 8.06 -0.28 -42.04
CA ILE B 6 9.03 -1.32 -41.78
C ILE B 6 10.13 -1.25 -42.84
N LEU B 7 11.35 -1.03 -42.36
CA LEU B 7 12.49 -0.68 -43.19
C LEU B 7 13.27 -1.95 -43.54
N ALA B 8 13.11 -2.43 -44.76
CA ALA B 8 13.79 -3.61 -45.28
C ALA B 8 14.59 -3.24 -46.53
N GLY B 9 15.17 -2.04 -46.55
CA GLY B 9 15.84 -1.59 -47.74
C GLY B 9 17.30 -1.95 -47.78
N GLY B 10 17.80 -2.59 -46.71
CA GLY B 10 19.19 -2.99 -46.54
C GLY B 10 19.55 -4.32 -47.20
N ILE B 11 20.85 -4.61 -47.31
CA ILE B 11 21.30 -5.88 -47.89
C ILE B 11 22.21 -6.58 -46.86
N LEU B 20 22.11 -13.84 -49.79
CA LEU B 20 20.80 -13.33 -49.42
C LEU B 20 20.87 -12.25 -48.33
N PRO B 21 20.04 -11.22 -48.49
CA PRO B 21 20.06 -10.06 -47.61
C PRO B 21 19.55 -10.45 -46.25
N LYS B 22 20.10 -9.84 -45.20
CA LYS B 22 19.83 -10.31 -43.85
C LYS B 22 18.36 -10.26 -43.48
N GLN B 23 17.55 -9.35 -44.06
CA GLN B 23 16.15 -9.29 -43.61
C GLN B 23 15.32 -10.48 -44.08
N PHE B 24 15.77 -11.23 -45.08
CA PHE B 24 15.04 -12.40 -45.54
C PHE B 24 15.60 -13.73 -45.04
N LEU B 25 16.67 -13.74 -44.24
CA LEU B 25 17.23 -15.01 -43.78
C LEU B 25 16.25 -15.70 -42.84
N ASP B 26 16.26 -17.03 -42.86
CA ASP B 26 15.29 -17.74 -42.05
C ASP B 26 15.71 -17.81 -40.59
N LEU B 27 14.76 -17.49 -39.72
CA LEU B 27 14.90 -17.55 -38.27
C LEU B 27 13.75 -18.35 -37.69
N ASP B 28 14.05 -19.54 -37.21
CA ASP B 28 13.05 -20.49 -36.70
C ASP B 28 11.99 -20.80 -37.76
N ASN B 29 12.46 -21.04 -38.99
CA ASN B 29 11.66 -21.47 -40.13
C ASN B 29 10.67 -20.41 -40.57
N LYS B 30 10.96 -19.13 -40.31
CA LYS B 30 10.12 -18.05 -40.70
C LYS B 30 11.06 -16.88 -40.92
N PRO B 31 10.94 -16.15 -42.04
CA PRO B 31 11.87 -15.03 -42.29
C PRO B 31 11.79 -13.96 -41.20
N ILE B 32 12.96 -13.39 -40.88
CA ILE B 32 13.05 -12.35 -39.86
C ILE B 32 12.04 -11.24 -40.12
N LEU B 33 11.92 -10.83 -41.38
CA LEU B 33 10.94 -9.79 -41.75
C LEU B 33 9.53 -10.17 -41.31
N ILE B 34 9.16 -11.45 -41.45
CA ILE B 34 7.83 -11.91 -41.07
C ILE B 34 7.61 -11.86 -39.55
N HIS B 35 8.61 -12.28 -38.76
CA HIS B 35 8.55 -12.12 -37.31
C HIS B 35 8.23 -10.69 -36.91
N THR B 36 8.95 -9.73 -37.51
CA THR B 36 8.70 -8.34 -37.15
C THR B 36 7.31 -7.91 -37.61
N LEU B 37 6.96 -8.27 -38.84
CA LEU B 37 5.68 -7.84 -39.36
C LEU B 37 4.55 -8.35 -38.49
N GLU B 38 4.67 -9.60 -38.03
CA GLU B 38 3.63 -10.20 -37.22
C GLU B 38 3.44 -9.36 -35.98
N LYS B 39 4.54 -8.81 -35.46
CA LYS B 39 4.38 -7.93 -34.31
C LYS B 39 3.57 -6.70 -34.68
N PHE B 40 3.80 -6.14 -35.88
CA PHE B 40 3.05 -4.94 -36.26
C PHE B 40 1.58 -5.21 -36.62
N ILE B 41 1.29 -6.37 -37.20
CA ILE B 41 -0.07 -6.73 -37.57
C ILE B 41 -1.00 -6.79 -36.37
N LEU B 42 -0.49 -7.21 -35.20
CA LEU B 42 -1.38 -7.30 -34.05
C LEU B 42 -1.86 -5.95 -33.54
N ILE B 43 -1.29 -4.86 -34.05
CA ILE B 43 -1.74 -3.53 -33.68
C ILE B 43 -2.79 -3.11 -34.70
N ASN B 44 -4.06 -3.08 -34.27
CA ASN B 44 -5.17 -2.80 -35.19
C ASN B 44 -5.19 -1.35 -35.68
N ASP B 45 -4.58 -0.41 -34.95
CA ASP B 45 -4.73 1.03 -35.21
C ASP B 45 -3.88 1.55 -36.34
N PHE B 46 -3.00 0.75 -36.90
CA PHE B 46 -2.25 1.24 -38.04
C PHE B 46 -3.18 1.37 -39.24
N GLU B 47 -3.17 2.51 -39.92
CA GLU B 47 -3.95 2.55 -41.15
C GLU B 47 -3.27 1.75 -42.23
N LYS B 48 -1.96 1.87 -42.30
CA LYS B 48 -1.20 1.10 -43.25
C LYS B 48 0.10 0.69 -42.58
N ILE B 49 0.60 -0.47 -42.98
CA ILE B 49 1.88 -1.00 -42.55
C ILE B 49 2.69 -1.16 -43.81
N ILE B 50 3.65 -0.27 -44.01
CA ILE B 50 4.36 -0.15 -45.27
C ILE B 50 5.75 -0.75 -45.09
N ILE B 51 6.04 -1.74 -45.93
CA ILE B 51 7.33 -2.41 -46.00
C ILE B 51 8.08 -1.88 -47.20
N ALA B 52 9.27 -1.32 -47.02
CA ALA B 52 10.09 -0.85 -48.14
C ALA B 52 11.29 -1.76 -48.35
N THR B 53 11.50 -2.17 -49.60
CA THR B 53 12.53 -3.12 -49.96
C THR B 53 13.20 -2.70 -51.27
N PRO B 54 14.39 -3.23 -51.57
CA PRO B 54 14.97 -2.95 -52.88
C PRO B 54 14.08 -3.44 -54.02
N GLN B 55 14.19 -2.72 -55.16
CA GLN B 55 13.35 -2.98 -56.32
C GLN B 55 13.32 -4.46 -56.69
N GLN B 56 14.50 -5.10 -56.73
CA GLN B 56 14.54 -6.47 -57.19
C GLN B 56 13.92 -7.46 -56.22
N TRP B 57 13.62 -7.06 -55.00
CA TRP B 57 13.05 -7.98 -54.02
C TRP B 57 11.58 -7.73 -53.70
N MET B 58 10.90 -6.75 -54.34
CA MET B 58 9.54 -6.39 -53.90
C MET B 58 8.51 -7.48 -54.17
N THR B 59 8.49 -8.02 -55.38
CA THR B 59 7.53 -9.07 -55.70
C THR B 59 7.83 -10.30 -54.86
N HIS B 60 9.12 -10.63 -54.70
CA HIS B 60 9.51 -11.76 -53.89
C HIS B 60 9.02 -11.60 -52.44
N THR B 61 9.08 -10.38 -51.89
CA THR B 61 8.57 -10.15 -50.54
C THR B 61 7.05 -10.34 -50.49
N LYS B 62 6.34 -9.80 -51.49
CA LYS B 62 4.88 -9.94 -51.52
C LYS B 62 4.51 -11.42 -51.59
N ASP B 63 5.25 -12.16 -52.41
CA ASP B 63 5.03 -13.58 -52.55
C ASP B 63 5.29 -14.29 -51.21
N THR B 64 6.33 -13.87 -50.48
CA THR B 64 6.61 -14.55 -49.23
C THR B 64 5.52 -14.30 -48.21
N LEU B 65 4.95 -13.08 -48.20
CA LEU B 65 3.75 -12.84 -47.38
C LEU B 65 2.64 -13.81 -47.76
N ARG B 66 2.42 -14.00 -49.05
CA ARG B 66 1.36 -14.94 -49.43
C ARG B 66 1.71 -16.32 -48.90
N LYS B 67 2.99 -16.69 -48.92
CA LYS B 67 3.38 -18.02 -48.49
C LYS B 67 3.03 -18.28 -47.03
N PHE B 68 3.11 -17.26 -46.19
CA PHE B 68 2.83 -17.36 -44.76
C PHE B 68 1.41 -16.93 -44.40
N LYS B 69 0.52 -16.91 -45.37
CA LYS B 69 -0.91 -16.69 -45.14
C LYS B 69 -1.21 -15.32 -44.53
N ILE B 70 -0.36 -14.32 -44.75
CA ILE B 70 -0.61 -12.97 -44.28
C ILE B 70 -1.27 -12.18 -45.40
N SER B 71 -2.56 -11.88 -45.28
CA SER B 71 -3.27 -11.19 -46.36
C SER B 71 -3.76 -9.81 -45.99
N ASP B 72 -3.45 -9.35 -44.79
CA ASP B 72 -4.00 -8.11 -44.24
C ASP B 72 -3.87 -6.99 -45.27
N GLU B 73 -5.02 -6.41 -45.59
CA GLU B 73 -5.18 -5.40 -46.62
C GLU B 73 -4.42 -4.13 -46.23
N ARG B 74 -4.02 -3.99 -44.96
CA ARG B 74 -3.28 -2.81 -44.56
C ARG B 74 -1.83 -2.81 -45.02
N ILE B 75 -1.32 -3.95 -45.47
CA ILE B 75 0.08 -4.08 -45.84
C ILE B 75 0.29 -3.60 -47.27
N GLU B 76 1.32 -2.77 -47.47
CA GLU B 76 1.74 -2.34 -48.80
C GLU B 76 3.27 -2.45 -48.86
N VAL B 77 3.76 -2.97 -49.98
CA VAL B 77 5.19 -3.12 -50.23
C VAL B 77 5.60 -2.06 -51.24
N ILE B 78 6.59 -1.24 -50.88
CA ILE B 78 7.05 -0.18 -51.76
C ILE B 78 8.56 -0.26 -51.94
N GLN B 79 9.04 0.50 -52.93
CA GLN B 79 10.46 0.57 -53.22
C GLN B 79 11.17 1.45 -52.19
N GLY B 80 12.25 0.92 -51.60
CA GLY B 80 13.09 1.68 -50.68
C GLY B 80 14.06 2.61 -51.38
N GLY B 81 14.92 3.25 -50.58
CA GLY B 81 15.86 4.23 -51.08
C GLY B 81 17.31 3.82 -51.00
N SER B 82 18.19 4.78 -51.31
CA SER B 82 19.61 4.51 -51.42
C SER B 82 20.35 4.54 -50.08
N ASP B 83 19.75 5.13 -49.04
CA ASP B 83 20.28 5.03 -47.68
C ASP B 83 19.07 4.94 -46.77
N ARG B 84 19.33 4.70 -45.48
CA ARG B 84 18.23 4.37 -44.56
C ARG B 84 17.24 5.53 -44.46
N ASN B 85 17.76 6.75 -44.32
CA ASN B 85 16.87 7.89 -44.22
C ASN B 85 16.16 8.14 -45.55
N ASP B 86 16.82 7.83 -46.68
CA ASP B 86 16.12 7.86 -47.96
C ASP B 86 14.94 6.90 -47.94
N THR B 87 15.09 5.72 -47.34
CA THR B 87 13.96 4.80 -47.25
C THR B 87 12.82 5.36 -46.39
N ILE B 88 13.14 5.92 -45.22
CA ILE B 88 12.05 6.52 -44.42
C ILE B 88 11.31 7.58 -45.24
N MET B 89 12.08 8.43 -45.94
CA MET B 89 11.42 9.49 -46.70
C MET B 89 10.65 8.91 -47.87
N ASN B 90 11.10 7.78 -48.43
CA ASN B 90 10.29 7.12 -49.44
C ASN B 90 8.95 6.66 -48.89
N ILE B 91 8.94 6.13 -47.67
CA ILE B 91 7.66 5.72 -47.10
C ILE B 91 6.75 6.92 -46.87
N VAL B 92 7.28 8.01 -46.29
CA VAL B 92 6.46 9.21 -46.12
C VAL B 92 5.97 9.72 -47.47
N LYS B 93 6.86 9.75 -48.48
CA LYS B 93 6.42 10.25 -49.78
C LYS B 93 5.32 9.37 -50.35
N HIS B 94 5.39 8.06 -50.12
CA HIS B 94 4.32 7.18 -50.57
C HIS B 94 3.02 7.50 -49.86
N ILE B 95 3.09 7.71 -48.55
CA ILE B 95 1.90 8.09 -47.78
C ILE B 95 1.33 9.40 -48.31
N GLU B 96 2.20 10.40 -48.51
CA GLU B 96 1.76 11.70 -48.98
C GLU B 96 1.07 11.58 -50.34
N SER B 97 1.63 10.79 -51.26
CA SER B 97 0.98 10.66 -52.56
C SER B 97 -0.26 9.76 -52.52
N THR B 98 -0.43 8.91 -51.51
CA THR B 98 -1.60 8.04 -51.42
C THR B 98 -2.73 8.61 -50.58
N ASN B 99 -2.46 8.88 -49.33
CA ASN B 99 -3.50 9.37 -48.45
C ASN B 99 -3.39 10.86 -48.19
N GLY B 100 -2.24 11.47 -48.47
CA GLY B 100 -2.04 12.79 -47.95
C GLY B 100 -1.69 12.69 -46.49
N ILE B 101 -1.11 13.76 -45.96
CA ILE B 101 -0.70 13.77 -44.56
C ILE B 101 -1.66 14.61 -43.74
N ASN B 102 -2.18 14.03 -42.67
CA ASN B 102 -2.98 14.74 -41.68
C ASN B 102 -2.06 15.37 -40.64
N ASP B 103 -2.56 16.44 -40.02
CA ASP B 103 -1.74 17.16 -39.06
C ASP B 103 -1.34 16.29 -37.89
N ASP B 104 -2.16 15.31 -37.52
CA ASP B 104 -1.91 14.43 -36.38
C ASP B 104 -1.30 13.11 -36.79
N ASP B 105 -0.94 12.93 -38.07
CA ASP B 105 -0.37 11.65 -38.50
C ASP B 105 0.98 11.40 -37.83
N VAL B 106 1.22 10.13 -37.50
CA VAL B 106 2.49 9.67 -36.95
C VAL B 106 2.97 8.44 -37.72
N ILE B 107 4.28 8.26 -37.75
CA ILE B 107 4.85 7.10 -38.42
C ILE B 107 5.78 6.42 -37.43
N VAL B 108 5.64 5.11 -37.29
CA VAL B 108 6.52 4.28 -36.48
C VAL B 108 7.49 3.60 -37.43
N THR B 109 8.72 4.04 -37.46
CA THR B 109 9.68 3.43 -38.36
C THR B 109 10.49 2.40 -37.58
N HIS B 110 10.81 1.27 -38.22
CA HIS B 110 11.42 0.19 -37.46
C HIS B 110 12.27 -0.68 -38.38
N ASP B 111 13.43 -1.11 -37.87
CA ASP B 111 14.33 -2.03 -38.60
C ASP B 111 13.64 -3.37 -38.81
N ALA B 112 13.62 -3.86 -40.06
CA ALA B 112 13.08 -5.19 -40.33
C ALA B 112 13.83 -6.30 -39.60
N VAL B 113 15.11 -6.10 -39.32
CA VAL B 113 15.96 -7.11 -38.70
C VAL B 113 15.97 -6.98 -37.18
N ARG B 114 14.95 -6.34 -36.61
CA ARG B 114 14.79 -6.30 -35.16
C ARG B 114 13.47 -6.97 -34.83
N PRO B 115 13.44 -8.31 -34.84
CA PRO B 115 12.17 -9.02 -34.71
C PRO B 115 11.65 -9.14 -33.30
N PHE B 116 12.37 -8.68 -32.29
CA PHE B 116 11.97 -9.01 -30.93
C PHE B 116 11.37 -7.81 -30.20
N LEU B 117 11.01 -6.74 -30.90
CA LEU B 117 10.26 -5.68 -30.24
C LEU B 117 8.93 -6.21 -29.73
N THR B 118 8.36 -5.48 -28.78
CA THR B 118 7.20 -5.97 -28.07
C THR B 118 6.00 -5.05 -28.30
N HIS B 119 4.83 -5.60 -27.96
CA HIS B 119 3.61 -4.80 -27.99
C HIS B 119 3.79 -3.51 -27.22
N ARG B 120 4.35 -3.61 -26.01
CA ARG B 120 4.55 -2.42 -25.18
C ARG B 120 5.40 -1.38 -25.89
N ILE B 121 6.52 -1.80 -26.48
CA ILE B 121 7.36 -0.83 -27.17
C ILE B 121 6.56 -0.12 -28.29
N ILE B 122 5.79 -0.87 -29.06
CA ILE B 122 5.05 -0.21 -30.12
C ILE B 122 4.02 0.76 -29.52
N LYS B 123 3.29 0.33 -28.49
CA LYS B 123 2.26 1.21 -27.92
C LYS B 123 2.90 2.46 -27.29
N GLU B 124 4.01 2.32 -26.58
CA GLU B 124 4.68 3.50 -26.03
C GLU B 124 5.22 4.39 -27.14
N ASN B 125 5.73 3.79 -28.23
CA ASN B 125 6.16 4.56 -29.38
C ASN B 125 5.02 5.36 -29.98
N ILE B 126 3.87 4.70 -30.15
CA ILE B 126 2.71 5.38 -30.72
C ILE B 126 2.33 6.55 -29.85
N GLN B 127 2.17 6.28 -28.56
CA GLN B 127 1.71 7.30 -27.62
C GLN B 127 2.70 8.44 -27.50
N ALA B 128 3.99 8.11 -27.50
CA ALA B 128 5.03 9.10 -27.37
C ALA B 128 5.06 10.01 -28.59
N ALA B 129 4.88 9.43 -29.79
CA ALA B 129 4.83 10.25 -31.00
C ALA B 129 3.62 11.17 -30.99
N LEU B 130 2.47 10.67 -30.56
CA LEU B 130 1.29 11.52 -30.50
C LEU B 130 1.47 12.66 -29.51
N GLU B 131 2.14 12.39 -28.37
CA GLU B 131 2.20 13.44 -27.34
C GLU B 131 3.34 14.43 -27.52
N TYR B 132 4.52 13.95 -27.92
CA TYR B 132 5.74 14.77 -27.93
C TYR B 132 6.30 14.96 -29.33
N GLY B 133 5.84 14.17 -30.29
CA GLY B 133 6.20 14.37 -31.68
C GLY B 133 7.38 13.57 -32.15
N ALA B 134 8.27 13.18 -31.27
CA ALA B 134 9.45 12.46 -31.73
C ALA B 134 9.96 11.64 -30.55
N VAL B 135 10.39 10.42 -30.85
CA VAL B 135 10.76 9.51 -29.80
C VAL B 135 11.81 8.54 -30.32
N ASP B 136 12.74 8.18 -29.44
CA ASP B 136 13.76 7.18 -29.73
C ASP B 136 13.58 6.03 -28.75
N THR B 137 13.67 4.79 -29.24
CA THR B 137 13.65 3.62 -28.37
C THR B 137 15.08 3.29 -27.92
N VAL B 138 15.32 3.32 -26.61
CA VAL B 138 16.68 3.17 -26.08
C VAL B 138 16.68 2.27 -24.84
N ILE B 139 17.87 1.77 -24.53
CA ILE B 139 18.17 1.12 -23.27
C ILE B 139 19.40 1.81 -22.72
N ASP B 140 19.59 1.70 -21.40
CA ASP B 140 20.83 2.16 -20.77
C ASP B 140 22.02 1.52 -21.44
N ALA B 141 23.05 2.31 -21.69
CA ALA B 141 24.25 1.75 -22.29
C ALA B 141 24.71 0.55 -21.48
N ILE B 142 24.97 -0.55 -22.19
CA ILE B 142 25.37 -1.75 -21.47
C ILE B 142 26.85 -1.64 -21.08
N ASP B 143 27.68 -1.02 -21.93
CA ASP B 143 29.09 -0.79 -21.64
C ASP B 143 29.37 0.69 -21.40
N THR B 144 30.51 0.97 -20.74
CA THR B 144 31.11 2.30 -20.79
C THR B 144 31.38 2.67 -22.23
N ILE B 145 31.02 3.88 -22.59
CA ILE B 145 31.25 4.35 -23.94
C ILE B 145 32.59 5.08 -23.99
N VAL B 146 33.40 4.78 -25.01
CA VAL B 146 34.68 5.46 -25.22
C VAL B 146 34.65 6.02 -26.63
N THR B 147 35.27 7.19 -26.82
CA THR B 147 35.32 7.81 -28.13
C THR B 147 36.75 7.83 -28.66
N SER B 148 36.87 7.86 -29.98
CA SER B 148 38.16 7.98 -30.66
C SER B 148 38.05 8.66 -32.03
N LYS B 149 38.95 9.59 -32.30
CA LYS B 149 38.94 10.21 -33.61
C LYS B 149 39.98 9.58 -34.54
N ASP B 150 40.87 8.75 -34.01
CA ASP B 150 41.91 8.19 -34.85
C ASP B 150 41.91 6.66 -34.90
N ASN B 151 41.03 6.02 -34.15
CA ASN B 151 40.92 4.58 -34.11
C ASN B 151 42.14 3.90 -33.59
N GLN B 152 42.92 4.64 -32.87
CA GLN B 152 44.15 4.13 -32.31
C GLN B 152 44.23 4.45 -30.82
N THR B 153 43.71 5.62 -30.41
CA THR B 153 43.80 6.09 -29.02
C THR B 153 42.46 6.65 -28.59
N ILE B 154 42.22 6.65 -27.28
CA ILE B 154 40.97 7.20 -26.75
C ILE B 154 41.00 8.71 -26.88
N ASP B 155 39.91 9.30 -27.37
CA ASP B 155 39.80 10.74 -27.27
C ASP B 155 39.12 11.16 -25.97
N ALA B 156 37.96 10.55 -25.66
CA ALA B 156 37.23 10.89 -24.46
C ALA B 156 36.46 9.66 -24.00
N ILE B 157 36.15 9.65 -22.70
CA ILE B 157 35.25 8.68 -22.06
C ILE B 157 34.13 9.40 -21.32
N PRO B 158 32.93 9.56 -21.88
CA PRO B 158 31.88 10.31 -21.18
C PRO B 158 31.40 9.59 -19.92
N VAL B 159 30.67 10.35 -19.09
CA VAL B 159 30.06 9.83 -17.86
C VAL B 159 29.03 8.77 -18.24
N ARG B 160 29.18 7.56 -17.71
CA ARG B 160 28.43 6.43 -18.21
C ARG B 160 26.93 6.58 -18.01
N ASN B 161 26.51 7.21 -16.90
CA ASN B 161 25.08 7.33 -16.58
C ASN B 161 24.27 8.19 -17.54
N GLU B 162 24.90 8.97 -18.43
CA GLU B 162 24.20 9.74 -19.45
C GLU B 162 24.10 9.07 -20.79
N MET B 163 24.64 7.86 -20.95
CA MET B 163 24.73 7.18 -22.24
C MET B 163 23.63 6.14 -22.43
N TYR B 164 23.10 6.06 -23.64
CA TYR B 164 22.04 5.11 -23.99
C TYR B 164 22.39 4.47 -25.33
N GLN B 165 21.99 3.22 -25.50
CA GLN B 165 22.12 2.56 -26.79
C GLN B 165 20.84 2.80 -27.58
N GLY B 166 20.97 3.41 -28.75
CA GLY B 166 19.81 3.62 -29.58
C GLY B 166 19.36 2.34 -30.24
N GLN B 167 18.05 2.08 -30.17
CA GLN B 167 17.43 0.96 -30.87
C GLN B 167 16.42 1.55 -31.86
N THR B 168 15.46 0.74 -32.33
CA THR B 168 14.23 1.20 -32.99
C THR B 168 13.10 0.41 -32.35
N PRO B 169 11.84 0.83 -32.52
CA PRO B 169 11.29 1.90 -33.36
C PRO B 169 11.83 3.27 -33.03
N GLN B 170 11.77 4.11 -34.06
CA GLN B 170 11.86 5.55 -33.93
C GLN B 170 10.59 6.13 -34.52
N SER B 171 9.92 7.01 -33.79
CA SER B 171 8.59 7.38 -34.23
C SER B 171 8.45 8.90 -34.30
N PHE B 172 7.66 9.36 -35.27
CA PHE B 172 7.62 10.77 -35.59
C PHE B 172 6.23 11.17 -36.06
N ASN B 173 5.85 12.39 -35.71
CA ASN B 173 4.84 13.13 -36.46
C ASN B 173 5.30 13.30 -37.91
N ILE B 174 4.44 12.95 -38.86
CA ILE B 174 4.90 12.88 -40.25
C ILE B 174 5.29 14.26 -40.74
N ASN B 175 4.48 15.29 -40.45
CA ASN B 175 4.83 16.61 -40.96
C ASN B 175 6.14 17.11 -40.35
N LEU B 176 6.36 16.83 -39.04
CA LEU B 176 7.61 17.24 -38.39
C LEU B 176 8.81 16.58 -39.04
N LEU B 177 8.70 15.29 -39.32
CA LEU B 177 9.79 14.58 -39.94
C LEU B 177 10.08 15.15 -41.32
N LYS B 178 9.02 15.37 -42.12
CA LYS B 178 9.23 15.89 -43.46
C LYS B 178 9.89 17.27 -43.45
N GLU B 179 9.37 18.21 -42.66
CA GLU B 179 9.93 19.56 -42.67
C GLU B 179 11.35 19.62 -42.13
N SER B 180 11.61 18.86 -41.06
CA SER B 180 12.95 18.80 -40.52
C SER B 180 13.96 18.21 -41.48
N TYR B 181 13.58 17.10 -42.12
CA TYR B 181 14.51 16.48 -43.05
C TYR B 181 14.76 17.43 -44.21
N ALA B 182 13.71 18.15 -44.63
CA ALA B 182 13.80 19.10 -45.73
C ALA B 182 14.76 20.22 -45.41
N GLN B 183 15.01 20.51 -44.12
CA GLN B 183 15.94 21.57 -43.78
C GLN B 183 17.41 21.20 -43.95
N LEU B 184 17.75 19.91 -43.98
CA LEU B 184 19.16 19.55 -43.95
C LEU B 184 19.78 19.57 -45.33
N SER B 185 21.08 19.90 -45.37
CA SER B 185 21.84 19.87 -46.60
C SER B 185 22.28 18.43 -46.85
N ASP B 186 22.84 18.20 -48.04
CA ASP B 186 23.32 16.86 -48.37
C ASP B 186 24.44 16.41 -47.44
N GLU B 187 25.36 17.33 -47.10
CA GLU B 187 26.42 17.01 -46.13
C GLU B 187 25.84 16.71 -44.74
N GLN B 188 24.88 17.51 -44.26
CA GLN B 188 24.29 17.22 -42.95
C GLN B 188 23.59 15.87 -42.94
N LYS B 189 23.10 15.41 -44.08
CA LYS B 189 22.45 14.12 -44.14
C LYS B 189 23.48 13.00 -44.25
N SER B 190 24.69 13.32 -44.72
CA SER B 190 25.74 12.32 -44.90
C SER B 190 26.16 11.66 -43.57
N ILE B 191 26.01 12.34 -42.43
CA ILE B 191 26.52 11.79 -41.17
C ILE B 191 25.44 11.10 -40.33
N LEU B 192 24.16 11.25 -40.67
CA LEU B 192 23.14 10.85 -39.73
C LEU B 192 23.15 9.34 -39.49
N SER B 193 23.58 8.94 -38.28
CA SER B 193 23.68 7.54 -37.87
C SER B 193 22.32 6.88 -37.69
N ASP B 194 21.24 7.67 -37.71
CA ASP B 194 19.89 7.25 -37.36
C ASP B 194 18.91 8.31 -37.84
N ALA B 195 17.62 8.12 -37.55
CA ALA B 195 16.64 9.13 -37.92
C ALA B 195 16.41 10.19 -36.86
N CYS B 196 16.51 9.85 -35.57
CA CYS B 196 16.19 10.84 -34.55
C CYS B 196 17.11 12.06 -34.59
N LYS B 197 18.34 11.92 -35.12
CA LYS B 197 19.22 13.09 -35.21
C LYS B 197 18.72 14.15 -36.20
N ILE B 198 17.92 13.78 -37.19
CA ILE B 198 17.29 14.80 -38.02
C ILE B 198 16.60 15.82 -37.13
N ILE B 199 15.81 15.32 -36.18
CA ILE B 199 15.07 16.16 -35.25
C ILE B 199 16.03 16.87 -34.29
N VAL B 200 16.99 16.14 -33.74
CA VAL B 200 17.90 16.80 -32.78
C VAL B 200 18.62 17.96 -33.45
N GLU B 201 19.08 17.77 -34.68
CA GLU B 201 19.83 18.78 -35.41
C GLU B 201 18.97 19.97 -35.79
N THR B 202 17.67 19.77 -35.89
CA THR B 202 16.75 20.86 -36.15
C THR B 202 16.10 21.40 -34.87
N ASN B 203 16.70 21.11 -33.72
CA ASN B 203 16.33 21.70 -32.43
C ASN B 203 14.87 21.45 -32.04
N LYS B 204 14.41 20.23 -32.24
CA LYS B 204 13.14 19.83 -31.65
C LYS B 204 13.40 18.65 -30.71
N PRO B 205 12.61 18.47 -29.65
CA PRO B 205 12.91 17.40 -28.69
C PRO B 205 12.66 16.04 -29.27
N VAL B 206 13.43 15.06 -28.80
CA VAL B 206 13.17 13.65 -29.07
C VAL B 206 13.08 12.95 -27.73
N ARG B 207 11.95 12.28 -27.49
CA ARG B 207 11.63 11.57 -26.25
C ARG B 207 12.21 10.16 -26.25
N LEU B 208 12.37 9.63 -25.05
CA LEU B 208 12.89 8.30 -24.85
C LEU B 208 11.80 7.32 -24.47
N VAL B 209 11.81 6.19 -25.14
CA VAL B 209 11.04 5.01 -24.77
C VAL B 209 12.02 3.87 -24.49
N LYS B 210 11.77 3.13 -23.41
CA LYS B 210 12.67 2.05 -23.02
C LYS B 210 12.46 0.84 -23.92
N GLY B 211 13.57 0.31 -24.46
CA GLY B 211 13.53 -0.91 -25.23
C GLY B 211 13.68 -2.14 -24.35
N GLU B 212 14.39 -3.14 -24.87
CA GLU B 212 14.65 -4.35 -24.11
C GLU B 212 16.04 -4.82 -24.49
N LEU B 213 16.70 -5.52 -23.57
CA LEU B 213 18.02 -6.06 -23.84
C LEU B 213 17.99 -7.01 -25.03
N TYR B 214 16.86 -7.67 -25.25
CA TYR B 214 16.68 -8.67 -26.30
C TYR B 214 16.16 -8.08 -27.60
N ASN B 215 15.98 -6.77 -27.67
CA ASN B 215 15.55 -6.14 -28.92
C ASN B 215 16.74 -5.96 -29.87
N ILE B 216 17.44 -7.07 -30.16
CA ILE B 216 18.67 -6.96 -30.91
C ILE B 216 18.37 -6.86 -32.39
N LYS B 217 19.37 -6.36 -33.09
CA LYS B 217 19.51 -6.23 -34.54
C LYS B 217 20.38 -7.34 -35.13
N VAL B 218 19.88 -8.04 -36.13
CA VAL B 218 20.56 -9.19 -36.71
C VAL B 218 21.33 -8.67 -37.92
N THR B 219 22.62 -8.46 -37.74
CA THR B 219 23.47 -7.92 -38.78
C THR B 219 24.71 -8.75 -39.04
N THR B 220 25.10 -9.64 -38.12
CA THR B 220 26.25 -10.52 -38.23
C THR B 220 25.76 -11.94 -37.94
N PRO B 221 26.54 -12.96 -38.30
CA PRO B 221 26.15 -14.35 -37.94
C PRO B 221 25.95 -14.59 -36.44
N TYR B 222 26.77 -13.92 -35.62
CA TYR B 222 26.65 -14.00 -34.17
C TYR B 222 25.27 -13.58 -33.73
N ASP B 223 24.79 -12.46 -34.26
CA ASP B 223 23.46 -12.00 -33.89
C ASP B 223 22.41 -13.04 -34.23
N LEU B 224 22.59 -13.80 -35.32
CA LEU B 224 21.61 -14.83 -35.62
C LEU B 224 21.66 -15.97 -34.62
N LYS B 225 22.86 -16.31 -34.13
CA LYS B 225 22.97 -17.30 -33.05
C LYS B 225 22.28 -16.80 -31.78
N VAL B 226 22.49 -15.53 -31.44
CA VAL B 226 21.83 -14.95 -30.28
C VAL B 226 20.32 -14.94 -30.46
N ALA B 227 19.86 -14.61 -31.66
CA ALA B 227 18.44 -14.59 -31.93
C ALA B 227 17.82 -15.97 -31.78
N ASN B 228 18.52 -16.99 -32.26
CA ASN B 228 17.99 -18.34 -32.12
C ASN B 228 17.86 -18.69 -30.64
N ALA B 229 18.83 -18.25 -29.83
CA ALA B 229 18.74 -18.45 -28.39
C ALA B 229 17.53 -17.72 -27.81
N ILE B 230 17.33 -16.46 -28.23
CA ILE B 230 16.19 -15.66 -27.77
C ILE B 230 14.86 -16.35 -28.09
N ILE B 231 14.74 -16.89 -29.30
CA ILE B 231 13.48 -17.50 -29.69
C ILE B 231 13.22 -18.78 -28.91
N ARG B 232 14.20 -19.69 -28.87
CA ARG B 232 14.02 -20.96 -28.16
C ARG B 232 13.82 -20.75 -26.65
N GLY B 233 14.35 -19.64 -26.11
CA GLY B 233 14.19 -19.29 -24.72
C GLY B 233 12.91 -18.58 -24.40
N GLY B 234 12.21 -18.05 -25.41
CA GLY B 234 10.87 -17.51 -25.29
C GLY B 234 10.78 -16.11 -24.70
N ILE B 235 11.39 -15.13 -25.38
CA ILE B 235 11.63 -13.86 -24.74
C ILE B 235 11.85 -12.76 -25.78
N MET C 1 -23.93 23.93 -6.49
CA MET C 1 -24.02 22.70 -7.27
C MET C 1 -22.75 21.87 -7.18
N LYS C 2 -22.93 20.57 -7.39
CA LYS C 2 -21.86 19.59 -7.24
C LYS C 2 -21.52 19.05 -8.63
N TYR C 3 -20.22 19.08 -8.98
CA TYR C 3 -19.75 18.66 -10.29
C TYR C 3 -18.75 17.52 -10.09
N ALA C 4 -18.69 16.59 -11.02
CA ALA C 4 -17.67 15.55 -10.96
C ALA C 4 -16.63 15.69 -12.07
N GLY C 5 -15.37 15.50 -11.69
CA GLY C 5 -14.28 15.53 -12.66
C GLY C 5 -13.43 14.27 -12.70
N ILE C 6 -13.58 13.54 -13.79
CA ILE C 6 -12.87 12.29 -13.98
C ILE C 6 -11.62 12.62 -14.77
N LEU C 7 -10.47 12.30 -14.18
CA LEU C 7 -9.17 12.66 -14.70
C LEU C 7 -8.68 11.45 -15.49
N ALA C 8 -8.65 11.55 -16.80
CA ALA C 8 -8.25 10.41 -17.62
C ALA C 8 -6.96 10.77 -18.38
N GLY C 9 -5.94 11.22 -17.64
CA GLY C 9 -4.68 11.63 -18.25
C GLY C 9 -3.68 10.53 -18.58
N GLY C 10 -4.00 9.27 -18.29
CA GLY C 10 -3.05 8.23 -18.55
C GLY C 10 -2.07 8.11 -17.41
N ILE C 11 -1.21 7.11 -17.52
CA ILE C 11 -0.21 6.84 -16.51
C ILE C 11 1.16 7.00 -17.16
N GLY C 12 1.99 7.87 -16.58
CA GLY C 12 3.31 8.09 -17.15
C GLY C 12 4.15 6.82 -17.15
N SER C 13 4.85 6.61 -18.25
CA SER C 13 5.84 5.55 -18.29
C SER C 13 7.08 6.00 -17.54
N ARG C 14 7.78 5.04 -16.93
CA ARG C 14 8.96 5.35 -16.13
C ARG C 14 9.89 6.28 -16.90
N MET C 15 10.53 5.75 -17.94
CA MET C 15 11.38 6.54 -18.83
C MET C 15 10.55 7.30 -19.87
N GLY C 16 10.88 8.57 -20.08
CA GLY C 16 10.14 9.37 -21.04
C GLY C 16 8.87 10.01 -20.53
N ASN C 17 8.17 9.35 -19.59
CA ASN C 17 6.90 9.82 -19.00
C ASN C 17 5.80 9.98 -20.05
N VAL C 18 5.73 9.06 -20.99
CA VAL C 18 4.67 9.14 -21.99
C VAL C 18 3.40 8.52 -21.39
N PRO C 19 2.25 9.18 -21.49
CA PRO C 19 1.05 8.63 -20.87
C PRO C 19 0.46 7.51 -21.73
N LEU C 20 0.36 6.33 -21.15
CA LEU C 20 -0.33 5.13 -21.65
C LEU C 20 -1.80 5.14 -21.22
N PRO C 21 -2.76 4.90 -22.14
CA PRO C 21 -4.20 5.00 -21.82
C PRO C 21 -4.69 3.81 -21.01
N LYS C 22 -4.15 3.66 -19.81
CA LYS C 22 -4.46 2.50 -19.00
C LYS C 22 -5.95 2.48 -18.60
N GLN C 23 -6.63 3.63 -18.65
CA GLN C 23 -8.05 3.62 -18.30
C GLN C 23 -8.88 2.85 -19.31
N PHE C 24 -8.34 2.52 -20.48
CA PHE C 24 -9.09 1.71 -21.42
C PHE C 24 -8.84 0.21 -21.27
N LEU C 25 -7.97 -0.23 -20.34
CA LEU C 25 -7.75 -1.66 -20.22
C LEU C 25 -9.02 -2.32 -19.72
N ASP C 26 -9.24 -3.54 -20.17
CA ASP C 26 -10.47 -4.25 -19.89
C ASP C 26 -10.43 -4.89 -18.52
N LEU C 27 -11.50 -4.71 -17.76
CA LEU C 27 -11.69 -5.32 -16.45
C LEU C 27 -13.04 -6.02 -16.44
N ASP C 28 -13.02 -7.34 -16.53
CA ASP C 28 -14.23 -8.16 -16.53
C ASP C 28 -15.22 -7.69 -17.62
N ASN C 29 -14.68 -7.52 -18.84
CA ASN C 29 -15.43 -7.25 -20.07
C ASN C 29 -16.02 -5.83 -20.18
N LYS C 30 -15.42 -4.84 -19.49
CA LYS C 30 -15.81 -3.42 -19.62
C LYS C 30 -14.55 -2.60 -19.30
N PRO C 31 -14.21 -1.57 -20.07
CA PRO C 31 -13.04 -0.76 -19.71
C PRO C 31 -13.19 -0.12 -18.32
N ILE C 32 -12.05 0.00 -17.63
CA ILE C 32 -12.00 0.61 -16.29
C ILE C 32 -12.74 1.96 -16.25
N LEU C 33 -12.53 2.79 -17.28
CA LEU C 33 -13.17 4.09 -17.33
C LEU C 33 -14.68 3.97 -17.17
N ILE C 34 -15.27 2.95 -17.80
CA ILE C 34 -16.72 2.79 -17.76
C ILE C 34 -17.15 2.39 -16.35
N HIS C 35 -16.41 1.48 -15.70
CA HIS C 35 -16.66 1.13 -14.30
C HIS C 35 -16.69 2.36 -13.41
N THR C 36 -15.69 3.21 -13.56
CA THR C 36 -15.62 4.38 -12.70
C THR C 36 -16.82 5.28 -12.98
N LEU C 37 -17.14 5.51 -14.26
CA LEU C 37 -18.25 6.41 -14.56
C LEU C 37 -19.55 5.86 -14.00
N GLU C 38 -19.74 4.55 -14.08
CA GLU C 38 -20.99 4.00 -13.59
C GLU C 38 -21.12 4.29 -12.11
N LYS C 39 -20.00 4.27 -11.39
CA LYS C 39 -20.09 4.63 -9.98
C LYS C 39 -20.53 6.08 -9.84
N PHE C 40 -20.07 6.96 -10.74
CA PHE C 40 -20.47 8.38 -10.62
C PHE C 40 -21.89 8.66 -11.11
N ILE C 41 -22.33 7.96 -12.16
CA ILE C 41 -23.68 8.13 -12.70
C ILE C 41 -24.74 7.81 -11.68
N LEU C 42 -24.48 6.91 -10.75
CA LEU C 42 -25.49 6.62 -9.73
C LEU C 42 -25.73 7.80 -8.77
N ILE C 43 -24.89 8.82 -8.78
CA ILE C 43 -25.03 10.01 -7.93
C ILE C 43 -25.77 11.11 -8.69
N ASN C 44 -27.03 11.34 -8.33
CA ASN C 44 -27.86 12.30 -9.04
C ASN C 44 -27.48 13.76 -8.79
N ASP C 45 -26.74 14.08 -7.73
CA ASP C 45 -26.51 15.49 -7.42
C ASP C 45 -25.47 16.13 -8.30
N PHE C 46 -24.79 15.38 -9.13
CA PHE C 46 -23.82 15.99 -10.02
C PHE C 46 -24.58 16.74 -11.10
N GLU C 47 -24.17 17.98 -11.34
CA GLU C 47 -24.72 18.73 -12.48
C GLU C 47 -24.14 18.19 -13.77
N LYS C 48 -22.83 17.91 -13.77
CA LYS C 48 -22.14 17.34 -14.89
C LYS C 48 -21.06 16.40 -14.40
N ILE C 49 -20.77 15.39 -15.20
CA ILE C 49 -19.68 14.48 -14.97
C ILE C 49 -18.77 14.64 -16.17
N ILE C 50 -17.65 15.33 -15.97
CA ILE C 50 -16.79 15.80 -17.05
C ILE C 50 -15.54 14.91 -17.03
N ILE C 51 -15.26 14.27 -18.16
CA ILE C 51 -14.05 13.47 -18.33
C ILE C 51 -13.05 14.35 -19.08
N ALA C 52 -11.88 14.58 -18.50
CA ALA C 52 -10.82 15.35 -19.17
C ALA C 52 -9.71 14.41 -19.59
N THR C 53 -9.33 14.47 -20.86
CA THR C 53 -8.42 13.49 -21.44
C THR C 53 -7.62 14.17 -22.54
N PRO C 54 -6.44 13.64 -22.90
CA PRO C 54 -5.65 14.24 -23.99
C PRO C 54 -6.43 14.27 -25.31
N GLN C 55 -6.17 15.33 -26.10
CA GLN C 55 -6.85 15.47 -27.39
C GLN C 55 -6.78 14.19 -28.19
N GLN C 56 -5.63 13.52 -28.16
CA GLN C 56 -5.50 12.36 -29.02
C GLN C 56 -6.37 11.20 -28.60
N TRP C 57 -6.97 11.24 -27.40
CA TRP C 57 -7.84 10.18 -26.93
C TRP C 57 -9.31 10.55 -26.87
N MET C 58 -9.68 11.79 -27.21
CA MET C 58 -11.06 12.24 -26.99
C MET C 58 -12.07 11.50 -27.87
N THR C 59 -11.76 11.31 -29.16
CA THR C 59 -12.72 10.62 -30.02
C THR C 59 -12.90 9.17 -29.57
N HIS C 60 -11.80 8.45 -29.27
CA HIS C 60 -11.98 7.09 -28.77
C HIS C 60 -12.77 7.07 -27.47
N THR C 61 -12.59 8.08 -26.63
CA THR C 61 -13.38 8.09 -25.40
C THR C 61 -14.88 8.20 -25.71
N LYS C 62 -15.24 9.12 -26.61
CA LYS C 62 -16.65 9.26 -26.98
C LYS C 62 -17.20 8.00 -27.62
N ASP C 63 -16.40 7.35 -28.47
CA ASP C 63 -16.85 6.12 -29.10
C ASP C 63 -17.11 5.03 -28.07
N THR C 64 -16.23 4.92 -27.06
CA THR C 64 -16.39 3.89 -26.03
C THR C 64 -17.62 4.18 -25.17
N LEU C 65 -17.83 5.45 -24.82
CA LEU C 65 -19.06 5.85 -24.13
C LEU C 65 -20.28 5.41 -24.93
N ARG C 66 -20.26 5.66 -26.24
CA ARG C 66 -21.39 5.27 -27.08
C ARG C 66 -21.53 3.76 -27.13
N LYS C 67 -20.40 3.03 -27.23
CA LYS C 67 -20.44 1.58 -27.34
C LYS C 67 -21.03 0.91 -26.11
N PHE C 68 -20.82 1.49 -24.94
CA PHE C 68 -21.39 0.94 -23.71
C PHE C 68 -22.67 1.64 -23.34
N LYS C 69 -23.34 2.29 -24.30
CA LYS C 69 -24.72 2.73 -24.13
C LYS C 69 -24.81 3.71 -22.96
N ILE C 70 -23.73 4.44 -22.74
CA ILE C 70 -23.68 5.42 -21.67
C ILE C 70 -24.24 6.69 -22.30
N SER C 71 -25.51 6.97 -22.03
CA SER C 71 -26.16 8.05 -22.72
C SER C 71 -26.48 9.22 -21.80
N ASP C 72 -26.17 9.12 -20.52
CA ASP C 72 -26.50 10.16 -19.56
C ASP C 72 -26.04 11.52 -20.07
N GLU C 73 -26.99 12.46 -20.17
CA GLU C 73 -26.71 13.77 -20.76
C GLU C 73 -25.72 14.61 -19.96
N ARG C 74 -25.46 14.24 -18.70
CA ARG C 74 -24.52 14.96 -17.87
C ARG C 74 -23.07 14.65 -18.21
N ILE C 75 -22.81 13.62 -19.00
CA ILE C 75 -21.42 13.26 -19.25
C ILE C 75 -20.87 14.14 -20.36
N GLU C 76 -19.68 14.67 -20.12
CA GLU C 76 -19.01 15.50 -21.10
C GLU C 76 -17.53 15.12 -21.19
N VAL C 77 -17.02 15.09 -22.42
CA VAL C 77 -15.62 14.84 -22.68
C VAL C 77 -14.96 16.13 -23.13
N ILE C 78 -13.93 16.57 -22.41
CA ILE C 78 -13.19 17.78 -22.72
C ILE C 78 -11.70 17.50 -22.80
N GLN C 79 -10.97 18.44 -23.40
CA GLN C 79 -9.52 18.32 -23.56
C GLN C 79 -8.81 18.60 -22.24
N GLY C 80 -7.89 17.69 -21.87
CA GLY C 80 -7.08 17.84 -20.69
C GLY C 80 -5.96 18.83 -20.86
N GLY C 81 -5.17 18.96 -19.80
CA GLY C 81 -4.12 19.94 -19.72
C GLY C 81 -2.73 19.31 -19.77
N SER C 82 -1.73 20.12 -19.40
CA SER C 82 -0.35 19.66 -19.50
C SER C 82 0.08 18.80 -18.32
N ASP C 83 -0.66 18.79 -17.22
CA ASP C 83 -0.38 17.94 -16.07
C ASP C 83 -1.67 17.78 -15.25
N ARG C 84 -1.58 17.01 -14.16
CA ARG C 84 -2.81 16.66 -13.45
C ARG C 84 -3.48 17.91 -12.89
N ASN C 85 -2.70 18.79 -12.26
CA ASN C 85 -3.34 19.96 -11.69
C ASN C 85 -3.85 20.89 -12.78
N ASP C 86 -3.09 21.03 -13.86
CA ASP C 86 -3.57 21.81 -15.00
C ASP C 86 -4.81 21.20 -15.65
N THR C 87 -4.91 19.88 -15.67
CA THR C 87 -6.11 19.23 -16.18
C THR C 87 -7.32 19.53 -15.31
N ILE C 88 -7.14 19.46 -13.98
CA ILE C 88 -8.18 19.88 -13.06
C ILE C 88 -8.62 21.30 -13.39
N MET C 89 -7.62 22.18 -13.66
CA MET C 89 -7.94 23.57 -13.94
C MET C 89 -8.67 23.72 -15.28
N ASN C 90 -8.42 22.83 -16.24
CA ASN C 90 -9.25 22.81 -17.44
C ASN C 90 -10.69 22.49 -17.14
N ILE C 91 -10.92 21.57 -16.20
CA ILE C 91 -12.30 21.27 -15.82
C ILE C 91 -12.99 22.48 -15.15
N VAL C 92 -12.28 23.14 -14.24
CA VAL C 92 -12.84 24.34 -13.60
C VAL C 92 -13.15 25.40 -14.66
N LYS C 93 -12.20 25.63 -15.60
CA LYS C 93 -12.41 26.64 -16.64
C LYS C 93 -13.58 26.28 -17.55
N HIS C 94 -13.76 25.00 -17.85
CA HIS C 94 -14.89 24.57 -18.67
C HIS C 94 -16.21 24.84 -17.97
N ILE C 95 -16.29 24.51 -16.68
CA ILE C 95 -17.49 24.81 -15.92
C ILE C 95 -17.79 26.30 -15.90
N GLU C 96 -16.78 27.13 -15.64
CA GLU C 96 -17.05 28.57 -15.61
C GLU C 96 -17.58 29.07 -16.95
N SER C 97 -17.01 28.62 -18.07
CA SER C 97 -17.53 29.19 -19.31
C SER C 97 -18.89 28.63 -19.72
N THR C 98 -19.28 27.45 -19.23
CA THR C 98 -20.59 26.94 -19.64
C THR C 98 -21.67 27.35 -18.64
N ASN C 99 -21.53 26.98 -17.35
CA ASN C 99 -22.54 27.33 -16.35
C ASN C 99 -22.17 28.55 -15.50
N GLY C 100 -20.89 28.88 -15.43
CA GLY C 100 -20.37 29.83 -14.45
C GLY C 100 -20.19 29.27 -13.06
N ILE C 101 -19.24 29.81 -12.31
CA ILE C 101 -18.96 29.25 -11.00
C ILE C 101 -19.63 30.10 -9.90
N ASN C 102 -20.49 29.49 -9.10
CA ASN C 102 -21.00 30.12 -7.88
C ASN C 102 -20.18 29.71 -6.67
N ASP C 103 -20.21 30.57 -5.65
CA ASP C 103 -19.42 30.34 -4.44
C ASP C 103 -19.81 29.06 -3.71
N ASP C 104 -21.01 28.51 -3.89
CA ASP C 104 -21.30 27.27 -3.20
C ASP C 104 -21.02 26.03 -4.06
N ASP C 105 -20.50 26.20 -5.28
CA ASP C 105 -20.21 25.07 -6.16
C ASP C 105 -19.03 24.26 -5.59
N VAL C 106 -19.08 22.93 -5.72
CA VAL C 106 -17.95 22.07 -5.37
C VAL C 106 -17.65 21.12 -6.53
N ILE C 107 -16.39 20.65 -6.58
CA ILE C 107 -15.93 19.70 -7.61
C ILE C 107 -15.25 18.51 -6.93
N VAL C 108 -15.65 17.28 -7.30
CA VAL C 108 -15.00 16.04 -6.84
C VAL C 108 -14.16 15.46 -7.97
N THR C 109 -12.84 15.55 -7.83
CA THR C 109 -11.90 15.04 -8.83
C THR C 109 -11.42 13.65 -8.43
N HIS C 110 -11.26 12.76 -9.43
CA HIS C 110 -10.99 11.35 -9.22
C HIS C 110 -10.24 10.74 -10.40
N ASP C 111 -9.29 9.86 -10.08
CA ASP C 111 -8.53 9.14 -11.09
C ASP C 111 -9.45 8.23 -11.89
N ALA C 112 -9.32 8.28 -13.21
CA ALA C 112 -10.10 7.36 -14.03
C ALA C 112 -9.77 5.89 -13.76
N VAL C 113 -8.56 5.57 -13.30
CA VAL C 113 -8.18 4.16 -13.08
C VAL C 113 -8.39 3.72 -11.62
N ARG C 114 -9.28 4.38 -10.89
CA ARG C 114 -9.67 3.94 -9.54
C ARG C 114 -11.15 3.57 -9.58
N PRO C 115 -11.49 2.38 -10.08
CA PRO C 115 -12.90 2.04 -10.30
C PRO C 115 -13.66 1.52 -9.08
N PHE C 116 -13.01 1.31 -7.93
CA PHE C 116 -13.64 0.60 -6.83
C PHE C 116 -14.06 1.51 -5.68
N LEU C 117 -14.02 2.83 -5.87
CA LEU C 117 -14.60 3.71 -4.87
C LEU C 117 -16.09 3.44 -4.78
N THR C 118 -16.67 3.87 -3.67
CA THR C 118 -18.03 3.55 -3.30
C THR C 118 -18.93 4.78 -3.18
N HIS C 119 -20.24 4.51 -3.18
CA HIS C 119 -21.26 5.53 -2.94
C HIS C 119 -20.99 6.31 -1.66
N ARG C 120 -20.64 5.60 -0.57
CA ARG C 120 -20.33 6.28 0.69
C ARG C 120 -19.17 7.27 0.52
N ILE C 121 -18.09 6.82 -0.14
CA ILE C 121 -16.93 7.68 -0.34
C ILE C 121 -17.30 8.94 -1.12
N ILE C 122 -18.07 8.78 -2.20
CA ILE C 122 -18.40 9.96 -3.00
C ILE C 122 -19.28 10.90 -2.19
N LYS C 123 -20.28 10.36 -1.48
CA LYS C 123 -21.19 11.20 -0.71
C LYS C 123 -20.46 11.97 0.39
N GLU C 124 -19.54 11.29 1.10
CA GLU C 124 -18.77 11.96 2.15
C GLU C 124 -17.88 13.04 1.56
N ASN C 125 -17.29 12.79 0.39
CA ASN C 125 -16.51 13.83 -0.29
C ASN C 125 -17.37 15.06 -0.60
N ILE C 126 -18.56 14.84 -1.15
CA ILE C 126 -19.47 15.95 -1.46
C ILE C 126 -19.79 16.74 -0.19
N GLN C 127 -20.24 16.05 0.86
CA GLN C 127 -20.63 16.76 2.08
C GLN C 127 -19.44 17.49 2.69
N ALA C 128 -18.27 16.86 2.67
CA ALA C 128 -17.05 17.46 3.20
C ALA C 128 -16.63 18.68 2.41
N ALA C 129 -16.76 18.63 1.08
CA ALA C 129 -16.43 19.80 0.28
C ALA C 129 -17.40 20.95 0.55
N LEU C 130 -18.70 20.65 0.66
CA LEU C 130 -19.64 21.73 0.96
C LEU C 130 -19.35 22.35 2.31
N GLU C 131 -18.97 21.54 3.31
CA GLU C 131 -18.81 22.09 4.65
C GLU C 131 -17.44 22.70 4.91
N TYR C 132 -16.37 22.08 4.41
CA TYR C 132 -15.02 22.45 4.80
C TYR C 132 -14.20 22.95 3.65
N GLY C 133 -14.66 22.79 2.41
CA GLY C 133 -13.98 23.42 1.31
C GLY C 133 -12.93 22.60 0.58
N ALA C 134 -12.32 21.60 1.23
CA ALA C 134 -11.24 20.83 0.61
C ALA C 134 -11.13 19.48 1.31
N VAL C 135 -10.93 18.40 0.54
CA VAL C 135 -10.96 17.06 1.12
C VAL C 135 -10.02 16.11 0.41
N ASP C 136 -9.39 15.24 1.20
CA ASP C 136 -8.54 14.18 0.70
C ASP C 136 -9.14 12.87 1.18
N THR C 137 -9.21 11.90 0.28
CA THR C 137 -9.63 10.53 0.58
C THR C 137 -8.38 9.74 0.99
N VAL C 138 -8.37 9.22 2.22
CA VAL C 138 -7.16 8.59 2.76
C VAL C 138 -7.51 7.31 3.50
N ILE C 139 -6.49 6.47 3.68
CA ILE C 139 -6.52 5.34 4.60
C ILE C 139 -5.27 5.40 5.46
N ASP C 140 -5.32 4.81 6.65
CA ASP C 140 -4.11 4.71 7.46
C ASP C 140 -3.02 4.01 6.68
N ALA C 141 -1.79 4.54 6.74
CA ALA C 141 -0.67 3.87 6.09
C ALA C 141 -0.50 2.46 6.64
N ILE C 142 -0.45 1.46 5.76
CA ILE C 142 -0.32 0.08 6.25
C ILE C 142 1.15 -0.27 6.51
N ASP C 143 2.07 0.19 5.66
CA ASP C 143 3.45 -0.10 5.95
C ASP C 143 4.02 1.14 6.61
N THR C 144 5.09 0.92 7.32
CA THR C 144 5.96 1.98 7.78
C THR C 144 6.51 2.81 6.64
N ILE C 145 6.45 4.13 6.77
CA ILE C 145 7.00 5.00 5.74
C ILE C 145 8.44 5.34 6.09
N VAL C 146 9.32 5.23 5.09
CA VAL C 146 10.74 5.56 5.22
C VAL C 146 11.08 6.50 4.07
N THR C 147 11.98 7.46 4.31
CA THR C 147 12.39 8.39 3.26
C THR C 147 13.83 8.21 2.83
N SER C 148 14.09 8.60 1.59
CA SER C 148 15.44 8.59 1.06
C SER C 148 15.56 9.65 -0.02
N LYS C 149 16.68 10.38 0.01
CA LYS C 149 16.98 11.41 -0.95
C LYS C 149 17.89 10.88 -2.06
N ASP C 150 18.40 9.67 -1.93
CA ASP C 150 19.34 9.12 -2.88
C ASP C 150 18.99 7.76 -3.45
N ASN C 151 17.96 7.12 -2.98
CA ASN C 151 17.62 5.84 -3.51
C ASN C 151 18.61 4.83 -3.08
N GLN C 152 19.30 5.12 -2.00
CA GLN C 152 20.29 4.18 -1.51
C GLN C 152 20.23 3.95 0.00
N THR C 153 19.99 4.99 0.79
CA THR C 153 20.01 4.88 2.23
C THR C 153 18.81 5.61 2.80
N ILE C 154 18.43 5.22 4.00
CA ILE C 154 17.34 5.93 4.67
C ILE C 154 17.84 7.32 5.08
N ASP C 155 16.99 8.32 4.85
CA ASP C 155 17.16 9.67 5.39
C ASP C 155 16.47 9.81 6.74
N ALA C 156 15.19 9.45 6.79
CA ALA C 156 14.41 9.51 8.01
C ALA C 156 13.33 8.44 7.92
N ILE C 157 12.82 8.06 9.07
CA ILE C 157 11.67 7.18 9.17
C ILE C 157 10.61 7.88 10.00
N PRO C 158 9.62 8.49 9.35
CA PRO C 158 8.61 9.24 10.12
C PRO C 158 7.78 8.34 11.01
N VAL C 159 7.05 9.00 11.91
CA VAL C 159 6.12 8.38 12.86
C VAL C 159 4.95 7.72 12.13
N ARG C 160 4.82 6.40 12.29
CA ARG C 160 3.85 5.66 11.48
C ARG C 160 2.42 6.07 11.81
N ASN C 161 2.10 6.34 13.08
CA ASN C 161 0.72 6.63 13.45
C ASN C 161 0.18 7.93 12.86
N GLU C 162 1.03 8.81 12.34
CA GLU C 162 0.57 10.04 11.70
C GLU C 162 0.50 9.91 10.20
N MET C 163 0.77 8.74 9.63
CA MET C 163 0.90 8.59 8.19
C MET C 163 -0.36 7.99 7.57
N TYR C 164 -0.76 8.55 6.44
CA TYR C 164 -1.91 8.09 5.70
C TYR C 164 -1.53 7.99 4.23
N GLN C 165 -2.12 7.01 3.53
CA GLN C 165 -1.97 6.90 2.09
C GLN C 165 -3.05 7.72 1.40
N GLY C 166 -2.65 8.70 0.60
CA GLY C 166 -3.63 9.48 -0.13
C GLY C 166 -4.23 8.69 -1.28
N GLN C 167 -5.56 8.79 -1.42
CA GLN C 167 -6.21 8.22 -2.58
C GLN C 167 -6.90 9.37 -3.30
N THR C 168 -7.89 9.04 -4.12
CA THR C 168 -8.89 9.97 -4.62
C THR C 168 -10.25 9.32 -4.43
N PRO C 169 -11.34 10.11 -4.44
CA PRO C 169 -11.48 11.51 -4.83
C PRO C 169 -10.72 12.51 -3.96
N GLN C 170 -10.45 13.66 -4.56
CA GLN C 170 -10.09 14.91 -3.91
C GLN C 170 -11.09 15.99 -4.35
N SER C 171 -11.73 16.67 -3.38
CA SER C 171 -12.85 17.54 -3.65
C SER C 171 -12.65 18.92 -3.04
N PHE C 172 -13.21 19.93 -3.70
CA PHE C 172 -12.85 21.30 -3.36
C PHE C 172 -14.07 22.19 -3.59
N ASN C 173 -14.20 23.21 -2.75
CA ASN C 173 -14.96 24.37 -3.15
C ASN C 173 -14.21 24.95 -4.36
N ILE C 174 -14.95 25.20 -5.46
CA ILE C 174 -14.29 25.52 -6.74
C ILE C 174 -13.56 26.86 -6.66
N ASN C 175 -14.21 27.87 -6.08
CA ASN C 175 -13.56 29.17 -6.00
C ASN C 175 -12.34 29.12 -5.08
N LEU C 176 -12.43 28.33 -4.01
CA LEU C 176 -11.29 28.17 -3.13
C LEU C 176 -10.09 27.60 -3.90
N LEU C 177 -10.35 26.56 -4.70
CA LEU C 177 -9.30 25.98 -5.51
C LEU C 177 -8.73 26.99 -6.50
N LYS C 178 -9.60 27.76 -7.16
CA LYS C 178 -9.14 28.73 -8.14
C LYS C 178 -8.24 29.80 -7.52
N GLU C 179 -8.69 30.37 -6.39
CA GLU C 179 -7.91 31.41 -5.71
C GLU C 179 -6.58 30.88 -5.20
N SER C 180 -6.61 29.69 -4.61
CA SER C 180 -5.43 29.05 -4.11
C SER C 180 -4.39 28.75 -5.17
N TYR C 181 -4.86 28.20 -6.28
CA TYR C 181 -3.97 27.90 -7.40
C TYR C 181 -3.37 29.18 -7.93
N ALA C 182 -4.18 30.24 -8.02
CA ALA C 182 -3.68 31.53 -8.47
C ALA C 182 -2.63 32.10 -7.52
N GLN C 183 -2.64 31.70 -6.24
CA GLN C 183 -1.62 32.23 -5.35
C GLN C 183 -0.22 31.67 -5.64
N LEU C 184 -0.14 30.50 -6.25
CA LEU C 184 1.11 29.77 -6.45
C LEU C 184 1.91 30.22 -7.67
N SER C 185 3.21 30.06 -7.57
CA SER C 185 4.15 30.37 -8.64
C SER C 185 4.23 29.27 -9.69
N ASP C 186 4.91 29.60 -10.79
CA ASP C 186 5.13 28.60 -11.84
C ASP C 186 6.00 27.45 -11.34
N GLU C 187 7.01 27.77 -10.52
CA GLU C 187 7.84 26.72 -9.94
C GLU C 187 7.05 25.86 -8.98
N GLN C 188 6.27 26.49 -8.11
CA GLN C 188 5.44 25.76 -7.15
C GLN C 188 4.45 24.88 -7.88
N LYS C 189 3.79 25.42 -8.89
CA LYS C 189 2.93 24.62 -9.74
C LYS C 189 3.70 23.43 -10.30
N SER C 190 4.83 23.69 -10.95
CA SER C 190 5.59 22.65 -11.64
C SER C 190 5.95 21.49 -10.72
N ILE C 191 6.43 21.80 -9.51
CA ILE C 191 6.89 20.75 -8.59
C ILE C 191 5.74 19.87 -8.12
N LEU C 192 4.50 20.33 -8.25
CA LEU C 192 3.38 19.66 -7.60
C LEU C 192 2.77 18.56 -8.47
N SER C 193 2.44 17.44 -7.82
CA SER C 193 1.73 16.31 -8.43
C SER C 193 0.24 16.32 -8.14
N ASP C 194 -0.14 16.89 -7.00
CA ASP C 194 -1.34 16.51 -6.25
C ASP C 194 -2.20 17.74 -6.05
N ALA C 195 -3.51 17.54 -5.94
CA ALA C 195 -4.38 18.72 -5.84
C ALA C 195 -4.59 19.23 -4.42
N CYS C 196 -4.62 18.36 -3.41
CA CYS C 196 -4.81 18.85 -2.06
C CYS C 196 -3.63 19.67 -1.56
N LYS C 197 -2.43 19.47 -2.10
CA LYS C 197 -1.28 20.26 -1.66
C LYS C 197 -1.40 21.71 -2.07
N ILE C 198 -2.11 22.02 -3.16
CA ILE C 198 -2.41 23.40 -3.49
C ILE C 198 -3.03 24.10 -2.28
N ILE C 199 -4.04 23.44 -1.69
CA ILE C 199 -4.75 23.99 -0.55
C ILE C 199 -3.83 24.04 0.69
N VAL C 200 -3.13 22.93 0.98
CA VAL C 200 -2.26 22.93 2.16
C VAL C 200 -1.18 24.02 2.07
N GLU C 201 -0.58 24.18 0.88
CA GLU C 201 0.48 25.17 0.71
C GLU C 201 -0.02 26.59 0.80
N THR C 202 -1.30 26.81 0.53
CA THR C 202 -1.85 28.14 0.75
C THR C 202 -2.49 28.29 2.13
N ASN C 203 -2.15 27.41 3.06
CA ASN C 203 -2.50 27.50 4.49
C ASN C 203 -4.01 27.58 4.76
N LYS C 204 -4.81 26.76 4.05
CA LYS C 204 -6.22 26.57 4.38
C LYS C 204 -6.44 25.08 4.70
N PRO C 205 -7.39 24.73 5.56
CA PRO C 205 -7.50 23.32 5.95
C PRO C 205 -8.03 22.43 4.84
N VAL C 206 -7.56 21.18 4.85
CA VAL C 206 -8.05 20.10 4.01
C VAL C 206 -8.47 18.95 4.90
N ARG C 207 -9.73 18.55 4.80
CA ARG C 207 -10.27 17.48 5.63
C ARG C 207 -10.00 16.08 5.03
N LEU C 208 -9.99 15.07 5.89
CA LEU C 208 -9.81 13.67 5.51
C LEU C 208 -11.13 12.91 5.53
N VAL C 209 -11.40 12.17 4.47
CA VAL C 209 -12.47 11.20 4.35
C VAL C 209 -11.81 9.82 4.16
N LYS C 210 -12.33 8.82 4.86
CA LYS C 210 -11.74 7.48 4.82
C LYS C 210 -12.08 6.73 3.54
N GLY C 211 -11.05 6.19 2.89
CA GLY C 211 -11.26 5.36 1.74
C GLY C 211 -11.52 3.93 2.16
N GLU C 212 -11.01 3.04 1.32
CA GLU C 212 -11.11 1.61 1.49
C GLU C 212 -9.81 0.95 1.05
N LEU C 213 -9.50 -0.19 1.65
CA LEU C 213 -8.30 -0.89 1.23
C LEU C 213 -8.38 -1.28 -0.23
N TYR C 214 -9.59 -1.48 -0.74
CA TYR C 214 -9.76 -1.90 -2.11
C TYR C 214 -9.88 -0.74 -3.13
N ASN C 215 -9.76 0.54 -2.72
CA ASN C 215 -9.89 1.65 -3.67
C ASN C 215 -8.59 1.88 -4.45
N ILE C 216 -8.13 0.83 -5.12
CA ILE C 216 -6.79 0.87 -5.70
C ILE C 216 -6.78 1.61 -7.04
N LYS C 217 -5.58 2.09 -7.40
CA LYS C 217 -5.27 2.69 -8.69
C LYS C 217 -4.67 1.61 -9.57
N VAL C 218 -5.29 1.36 -10.71
CA VAL C 218 -4.92 0.25 -11.58
C VAL C 218 -3.92 0.76 -12.61
N THR C 219 -2.64 0.55 -12.31
CA THR C 219 -1.58 1.16 -13.07
C THR C 219 -0.57 0.15 -13.57
N THR C 220 -0.57 -1.07 -13.07
CA THR C 220 0.39 -2.10 -13.46
C THR C 220 -0.35 -3.38 -13.78
N PRO C 221 0.30 -4.33 -14.46
CA PRO C 221 -0.33 -5.65 -14.66
C PRO C 221 -0.67 -6.36 -13.35
N TYR C 222 0.17 -6.20 -12.32
CA TYR C 222 -0.16 -6.74 -11.00
C TYR C 222 -1.46 -6.16 -10.47
N ASP C 223 -1.59 -4.83 -10.56
CA ASP C 223 -2.81 -4.21 -10.08
C ASP C 223 -3.99 -4.71 -10.85
N LEU C 224 -3.81 -5.05 -12.12
CA LEU C 224 -4.93 -5.57 -12.87
C LEU C 224 -5.32 -6.97 -12.40
N LYS C 225 -4.34 -7.78 -12.00
CA LYS C 225 -4.66 -9.08 -11.39
C LYS C 225 -5.42 -8.94 -10.08
N VAL C 226 -5.00 -8.00 -9.23
CA VAL C 226 -5.69 -7.76 -7.95
C VAL C 226 -7.10 -7.26 -8.19
N ALA C 227 -7.29 -6.36 -9.18
CA ALA C 227 -8.61 -5.83 -9.50
C ALA C 227 -9.55 -6.93 -9.98
N ASN C 228 -9.04 -7.84 -10.82
CA ASN C 228 -9.90 -8.94 -11.24
C ASN C 228 -10.29 -9.76 -10.03
N ALA C 229 -9.36 -9.93 -9.09
CA ALA C 229 -9.73 -10.63 -7.87
C ALA C 229 -10.82 -9.90 -7.09
N ILE C 230 -10.68 -8.58 -6.94
CA ILE C 230 -11.68 -7.80 -6.21
C ILE C 230 -13.06 -7.98 -6.83
N ILE C 231 -13.16 -7.93 -8.17
CA ILE C 231 -14.46 -8.11 -8.80
C ILE C 231 -14.98 -9.54 -8.64
N ARG C 232 -14.14 -10.53 -8.88
CA ARG C 232 -14.58 -11.93 -8.79
C ARG C 232 -15.06 -12.32 -7.40
N GLY C 233 -14.88 -11.47 -6.38
CA GLY C 233 -15.28 -11.83 -5.02
C GLY C 233 -16.34 -10.93 -4.44
N GLY C 234 -16.78 -9.94 -5.22
CA GLY C 234 -17.82 -9.02 -4.79
C GLY C 234 -17.38 -7.99 -3.78
N ILE C 235 -16.09 -7.66 -3.72
CA ILE C 235 -15.48 -6.87 -2.64
C ILE C 235 -15.82 -5.39 -2.80
N ALA C 236 -16.48 -5.02 -3.90
CA ALA C 236 -16.96 -3.64 -4.04
C ALA C 236 -18.31 -3.44 -3.33
N MET D 1 28.54 -15.92 9.75
CA MET D 1 27.40 -16.79 9.48
C MET D 1 26.10 -16.00 9.38
N LYS D 2 25.16 -16.58 8.65
CA LYS D 2 23.90 -15.92 8.35
C LYS D 2 22.76 -16.63 9.06
N TYR D 3 21.93 -15.87 9.77
CA TYR D 3 20.82 -16.42 10.53
C TYR D 3 19.52 -15.80 10.02
N ALA D 4 18.46 -16.59 10.04
CA ALA D 4 17.12 -16.09 9.75
C ALA D 4 16.29 -16.06 11.03
N GLY D 5 15.59 -14.95 11.21
CA GLY D 5 14.66 -14.78 12.30
C GLY D 5 13.27 -14.42 11.84
N ILE D 6 12.34 -15.34 11.95
CA ILE D 6 10.99 -15.08 11.52
C ILE D 6 10.23 -14.59 12.74
N LEU D 7 9.74 -13.36 12.64
CA LEU D 7 9.08 -12.67 13.75
C LEU D 7 7.57 -12.89 13.62
N ALA D 8 7.01 -13.72 14.50
CA ALA D 8 5.60 -14.09 14.52
C ALA D 8 4.97 -13.60 15.82
N GLY D 9 5.11 -12.32 16.11
CA GLY D 9 4.60 -11.79 17.35
C GLY D 9 3.14 -11.46 17.30
N GLY D 10 2.52 -11.73 16.17
CA GLY D 10 1.14 -11.41 16.00
C GLY D 10 0.90 -9.99 15.56
N ILE D 11 -0.39 -9.74 15.34
CA ILE D 11 -0.89 -8.46 14.87
C ILE D 11 -1.80 -7.87 15.92
N GLY D 12 -1.40 -6.72 16.47
CA GLY D 12 -2.19 -6.01 17.44
C GLY D 12 -3.55 -5.58 16.90
N SER D 13 -4.62 -6.06 17.55
CA SER D 13 -5.97 -5.61 17.28
C SER D 13 -6.13 -4.15 17.65
N ARG D 14 -7.19 -3.54 17.12
CA ARG D 14 -7.34 -2.09 17.20
C ARG D 14 -7.55 -1.68 18.67
N MET D 15 -8.66 -2.08 19.25
CA MET D 15 -8.89 -1.80 20.65
C MET D 15 -8.16 -2.83 21.52
N GLY D 16 -7.41 -2.33 22.51
CA GLY D 16 -6.62 -3.14 23.42
C GLY D 16 -5.23 -3.51 22.92
N ASN D 17 -5.07 -3.66 21.61
CA ASN D 17 -3.84 -4.19 21.06
C ASN D 17 -3.53 -5.54 21.73
N VAL D 18 -4.34 -6.52 21.37
CA VAL D 18 -4.08 -7.90 21.72
C VAL D 18 -3.48 -8.59 20.50
N PRO D 19 -2.34 -9.25 20.62
CA PRO D 19 -1.79 -9.97 19.47
C PRO D 19 -2.73 -11.07 19.02
N LEU D 20 -3.14 -10.98 17.86
CA LEU D 20 -3.92 -12.05 17.29
C LEU D 20 -3.01 -12.89 16.40
N PRO D 21 -3.02 -14.18 16.53
CA PRO D 21 -2.05 -15.00 15.79
C PRO D 21 -2.45 -15.13 14.33
N LYS D 22 -2.42 -14.00 13.63
CA LYS D 22 -2.84 -13.98 12.22
C LYS D 22 -1.99 -14.88 11.35
N GLN D 23 -0.76 -15.18 11.77
CA GLN D 23 0.09 -16.02 10.95
C GLN D 23 -0.43 -17.44 10.85
N PHE D 24 -1.40 -17.82 11.67
CA PHE D 24 -1.96 -19.16 11.59
C PHE D 24 -3.16 -19.24 10.69
N LEU D 25 -3.60 -18.12 10.11
CA LEU D 25 -4.75 -18.13 9.23
C LEU D 25 -4.45 -18.87 7.96
N ASP D 26 -5.49 -19.48 7.40
CA ASP D 26 -5.34 -20.32 6.22
C ASP D 26 -5.20 -19.52 4.92
N LEU D 27 -4.17 -19.87 4.14
CA LEU D 27 -3.93 -19.33 2.79
C LEU D 27 -3.73 -20.49 1.84
N ASP D 28 -4.73 -20.77 1.00
CA ASP D 28 -4.66 -21.89 0.07
C ASP D 28 -4.32 -23.19 0.80
N ASN D 29 -5.00 -23.42 1.93
CA ASN D 29 -4.93 -24.65 2.74
C ASN D 29 -3.60 -24.87 3.49
N LYS D 30 -2.84 -23.82 3.79
CA LYS D 30 -1.58 -23.98 4.53
C LYS D 30 -1.38 -22.68 5.30
N PRO D 31 -1.04 -22.72 6.58
CA PRO D 31 -0.91 -21.47 7.35
C PRO D 31 0.12 -20.52 6.74
N ILE D 32 -0.18 -19.22 6.83
CA ILE D 32 0.71 -18.21 6.25
C ILE D 32 2.14 -18.44 6.73
N LEU D 33 2.30 -18.72 8.03
CA LEU D 33 3.61 -18.93 8.61
C LEU D 33 4.37 -20.03 7.86
N ILE D 34 3.68 -21.10 7.47
CA ILE D 34 4.35 -22.19 6.77
C ILE D 34 4.83 -21.72 5.39
N HIS D 35 3.99 -20.95 4.65
CA HIS D 35 4.40 -20.35 3.37
C HIS D 35 5.69 -19.53 3.50
N THR D 36 5.74 -18.67 4.52
CA THR D 36 6.93 -17.83 4.68
C THR D 36 8.15 -18.70 4.98
N LEU D 37 8.00 -19.65 5.91
CA LEU D 37 9.16 -20.44 6.24
C LEU D 37 9.66 -21.21 5.03
N GLU D 38 8.77 -21.75 4.21
CA GLU D 38 9.25 -22.48 3.06
C GLU D 38 10.12 -21.59 2.21
N LYS D 39 9.76 -20.29 2.14
CA LYS D 39 10.62 -19.39 1.37
C LYS D 39 12.03 -19.35 1.99
N PHE D 40 12.11 -19.37 3.34
CA PHE D 40 13.44 -19.35 4.01
C PHE D 40 14.22 -20.67 3.98
N ILE D 41 13.52 -21.82 4.06
CA ILE D 41 14.17 -23.14 4.03
C ILE D 41 14.94 -23.35 2.74
N LEU D 42 14.47 -22.77 1.64
CA LEU D 42 15.12 -22.87 0.32
C LEU D 42 16.45 -22.14 0.27
N ILE D 43 16.78 -21.34 1.27
CA ILE D 43 18.06 -20.65 1.33
C ILE D 43 18.99 -21.58 2.09
N ASN D 44 19.90 -22.22 1.36
CA ASN D 44 20.76 -23.22 1.96
C ASN D 44 21.79 -22.66 2.93
N ASP D 45 22.14 -21.37 2.81
CA ASP D 45 23.23 -20.76 3.58
C ASP D 45 22.91 -20.39 5.02
N PHE D 46 21.65 -20.51 5.44
CA PHE D 46 21.31 -20.20 6.84
C PHE D 46 21.81 -21.24 7.83
N GLU D 47 22.44 -20.76 8.89
CA GLU D 47 22.85 -21.67 9.93
C GLU D 47 21.66 -22.06 10.79
N LYS D 48 20.79 -21.10 11.08
CA LYS D 48 19.59 -21.40 11.84
C LYS D 48 18.46 -20.49 11.35
N ILE D 49 17.24 -21.03 11.41
CA ILE D 49 16.02 -20.31 11.09
C ILE D 49 15.20 -20.33 12.36
N ILE D 50 15.13 -19.19 13.03
CA ILE D 50 14.62 -19.11 14.40
C ILE D 50 13.25 -18.43 14.36
N ILE D 51 12.19 -19.10 14.81
CA ILE D 51 10.86 -18.46 14.88
C ILE D 51 10.62 -18.00 16.32
N ALA D 52 10.34 -16.72 16.49
CA ALA D 52 10.05 -16.17 17.81
C ALA D 52 8.56 -15.79 17.86
N THR D 53 7.90 -16.25 18.91
CA THR D 53 6.45 -16.16 19.06
C THR D 53 6.18 -16.02 20.53
N PRO D 54 5.02 -15.47 20.92
CA PRO D 54 4.74 -15.35 22.36
C PRO D 54 4.80 -16.76 22.92
N GLN D 55 5.26 -16.84 24.18
CA GLN D 55 5.43 -18.12 24.86
C GLN D 55 4.15 -18.95 24.70
N GLN D 56 2.98 -18.31 24.80
CA GLN D 56 1.70 -19.02 24.76
C GLN D 56 1.41 -19.60 23.38
N TRP D 57 2.19 -19.24 22.37
CA TRP D 57 2.01 -19.77 21.03
C TRP D 57 3.11 -20.74 20.61
N MET D 58 4.09 -21.02 21.49
CA MET D 58 5.24 -21.85 21.08
C MET D 58 4.80 -23.28 20.79
N THR D 59 3.97 -23.86 21.67
CA THR D 59 3.53 -25.23 21.44
C THR D 59 2.70 -25.33 20.16
N HIS D 60 1.74 -24.42 19.96
CA HIS D 60 0.97 -24.51 18.73
C HIS D 60 1.81 -24.30 17.49
N THR D 61 2.82 -23.40 17.51
CA THR D 61 3.64 -23.28 16.31
C THR D 61 4.39 -24.58 16.04
N LYS D 62 4.98 -25.19 17.10
CA LYS D 62 5.69 -26.46 16.90
C LYS D 62 4.76 -27.56 16.42
N ASP D 63 3.54 -27.63 16.97
CA ASP D 63 2.63 -28.67 16.51
C ASP D 63 2.25 -28.47 15.04
N THR D 64 2.00 -27.22 14.61
CA THR D 64 1.62 -27.01 13.21
C THR D 64 2.80 -27.26 12.29
N LEU D 65 4.01 -26.85 12.69
CA LEU D 65 5.19 -27.21 11.90
C LEU D 65 5.22 -28.71 11.70
N ARG D 66 4.94 -29.45 12.77
CA ARG D 66 4.91 -30.90 12.67
C ARG D 66 3.81 -31.37 11.72
N LYS D 67 2.64 -30.75 11.78
CA LYS D 67 1.54 -31.22 10.93
C LYS D 67 1.86 -31.10 9.46
N PHE D 68 2.62 -30.09 9.08
CA PHE D 68 2.95 -29.86 7.68
C PHE D 68 4.32 -30.38 7.30
N LYS D 69 4.88 -31.30 8.07
CA LYS D 69 6.07 -32.05 7.69
C LYS D 69 7.30 -31.16 7.54
N ILE D 70 7.35 -30.05 8.28
CA ILE D 70 8.50 -29.14 8.29
C ILE D 70 9.47 -29.69 9.32
N SER D 71 10.49 -30.41 8.85
CA SER D 71 11.43 -31.12 9.72
C SER D 71 12.85 -30.59 9.73
N ASP D 72 13.16 -29.56 8.93
CA ASP D 72 14.52 -29.03 8.80
C ASP D 72 15.13 -28.77 10.18
N GLU D 73 16.31 -29.38 10.43
CA GLU D 73 16.97 -29.33 11.73
C GLU D 73 17.44 -27.94 12.12
N ARG D 74 17.53 -27.02 11.16
CA ARG D 74 17.97 -25.67 11.48
C ARG D 74 16.90 -24.87 12.16
N ILE D 75 15.65 -25.35 12.12
CA ILE D 75 14.55 -24.59 12.67
C ILE D 75 14.46 -24.74 14.18
N GLU D 76 14.40 -23.61 14.86
CA GLU D 76 14.21 -23.61 16.29
C GLU D 76 13.18 -22.51 16.56
N VAL D 77 12.24 -22.77 17.45
CA VAL D 77 11.25 -21.77 17.86
C VAL D 77 11.59 -21.37 19.29
N ILE D 78 11.73 -20.06 19.52
CA ILE D 78 12.05 -19.54 20.85
C ILE D 78 11.00 -18.52 21.27
N GLN D 79 11.00 -18.20 22.54
CA GLN D 79 10.06 -17.25 23.12
C GLN D 79 10.41 -15.80 22.80
N GLY D 80 9.41 -15.04 22.34
CA GLY D 80 9.56 -13.63 22.07
C GLY D 80 9.53 -12.71 23.30
N GLY D 81 9.63 -11.41 23.00
CA GLY D 81 9.76 -10.38 24.00
C GLY D 81 8.56 -9.46 24.12
N SER D 82 8.80 -8.31 24.76
CA SER D 82 7.78 -7.32 25.10
C SER D 82 7.40 -6.42 23.96
N ASP D 83 8.20 -6.38 22.90
CA ASP D 83 7.89 -5.64 21.69
C ASP D 83 8.73 -6.25 20.57
N ARG D 84 8.55 -5.72 19.36
CA ARG D 84 9.17 -6.35 18.19
C ARG D 84 10.70 -6.33 18.30
N ASN D 85 11.27 -5.19 18.68
CA ASN D 85 12.72 -5.09 18.80
C ASN D 85 13.25 -5.92 19.95
N ASP D 86 12.52 -5.98 21.07
CA ASP D 86 12.95 -6.87 22.15
C ASP D 86 12.92 -8.32 21.68
N THR D 87 11.96 -8.69 20.84
CA THR D 87 11.92 -10.03 20.28
C THR D 87 13.14 -10.31 19.39
N ILE D 88 13.50 -9.35 18.53
CA ILE D 88 14.73 -9.45 17.73
C ILE D 88 15.93 -9.69 18.64
N MET D 89 15.99 -8.95 19.75
CA MET D 89 17.12 -9.10 20.65
C MET D 89 17.10 -10.46 21.34
N ASN D 90 15.90 -11.03 21.60
CA ASN D 90 15.82 -12.40 22.08
C ASN D 90 16.44 -13.40 21.10
N ILE D 91 16.20 -13.20 19.80
CA ILE D 91 16.82 -14.10 18.82
C ILE D 91 18.34 -13.97 18.86
N VAL D 92 18.84 -12.73 18.90
CA VAL D 92 20.28 -12.50 18.98
C VAL D 92 20.85 -13.18 20.22
N LYS D 93 20.16 -13.03 21.37
CA LYS D 93 20.64 -13.66 22.60
C LYS D 93 20.66 -15.17 22.48
N HIS D 94 19.66 -15.74 21.81
CA HIS D 94 19.64 -17.18 21.59
C HIS D 94 20.82 -17.63 20.74
N ILE D 95 21.11 -16.89 19.65
CA ILE D 95 22.28 -17.18 18.83
C ILE D 95 23.57 -17.10 19.63
N GLU D 96 23.73 -16.02 20.41
CA GLU D 96 24.96 -15.87 21.19
C GLU D 96 25.14 -17.01 22.19
N SER D 97 24.06 -17.41 22.85
CA SER D 97 24.19 -18.43 23.87
C SER D 97 24.38 -19.80 23.27
N THR D 98 23.90 -20.01 22.05
CA THR D 98 24.00 -21.33 21.44
C THR D 98 25.27 -21.46 20.59
N ASN D 99 25.43 -20.59 19.59
CA ASN D 99 26.57 -20.66 18.69
C ASN D 99 27.65 -19.61 18.96
N GLY D 100 27.33 -18.55 19.70
CA GLY D 100 28.15 -17.36 19.79
C GLY D 100 28.03 -16.44 18.57
N ILE D 101 28.25 -15.14 18.78
CA ILE D 101 28.13 -14.15 17.70
C ILE D 101 29.51 -13.84 17.14
N ASN D 102 29.64 -13.95 15.82
CA ASN D 102 30.80 -13.52 15.07
C ASN D 102 30.65 -12.10 14.51
N ASP D 103 31.80 -11.48 14.28
CA ASP D 103 31.89 -10.14 13.74
C ASP D 103 31.28 -10.08 12.35
N ASP D 104 31.25 -11.20 11.64
CA ASP D 104 30.63 -11.25 10.32
C ASP D 104 29.19 -11.78 10.35
N ASP D 105 28.63 -12.09 11.52
CA ASP D 105 27.27 -12.60 11.56
C ASP D 105 26.29 -11.54 11.08
N VAL D 106 25.26 -11.98 10.37
CA VAL D 106 24.11 -11.17 9.94
C VAL D 106 22.84 -11.91 10.34
N ILE D 107 21.76 -11.17 10.56
CA ILE D 107 20.46 -11.72 10.88
C ILE D 107 19.46 -11.14 9.89
N VAL D 108 18.65 -12.02 9.29
CA VAL D 108 17.61 -11.58 8.36
C VAL D 108 16.28 -11.71 9.09
N THR D 109 15.71 -10.59 9.51
CA THR D 109 14.45 -10.58 10.24
C THR D 109 13.33 -10.27 9.25
N HIS D 110 12.19 -10.91 9.45
CA HIS D 110 11.11 -10.90 8.48
C HIS D 110 9.79 -11.18 9.17
N ASP D 111 8.73 -10.51 8.70
CA ASP D 111 7.38 -10.74 9.22
C ASP D 111 6.95 -12.16 8.88
N ALA D 112 6.46 -12.87 9.88
CA ALA D 112 5.91 -14.20 9.60
C ALA D 112 4.75 -14.14 8.63
N VAL D 113 4.03 -13.02 8.61
CA VAL D 113 2.83 -12.84 7.79
C VAL D 113 3.10 -12.13 6.45
N ARG D 114 4.32 -12.16 5.93
CA ARG D 114 4.64 -11.67 4.58
C ARG D 114 5.14 -12.88 3.81
N PRO D 115 4.24 -13.72 3.31
CA PRO D 115 4.67 -14.99 2.72
C PRO D 115 5.15 -14.90 1.28
N PHE D 116 5.06 -13.76 0.61
CA PHE D 116 5.28 -13.65 -0.84
C PHE D 116 6.61 -12.99 -1.19
N LEU D 117 7.48 -12.84 -0.22
CA LEU D 117 8.85 -12.40 -0.45
C LEU D 117 9.56 -13.41 -1.35
N THR D 118 10.64 -12.96 -2.00
CA THR D 118 11.25 -13.79 -3.03
C THR D 118 12.67 -14.21 -2.63
N HIS D 119 13.18 -15.19 -3.38
CA HIS D 119 14.56 -15.58 -3.28
C HIS D 119 15.47 -14.35 -3.51
N ARG D 120 15.16 -13.53 -4.53
CA ARG D 120 15.96 -12.34 -4.80
C ARG D 120 16.03 -11.41 -3.60
N ILE D 121 14.89 -11.11 -2.98
CA ILE D 121 14.88 -10.21 -1.83
C ILE D 121 15.76 -10.77 -0.71
N ILE D 122 15.66 -12.07 -0.44
CA ILE D 122 16.44 -12.67 0.63
C ILE D 122 17.93 -12.61 0.30
N LYS D 123 18.29 -12.95 -0.95
CA LYS D 123 19.70 -12.97 -1.33
C LYS D 123 20.28 -11.56 -1.24
N GLU D 124 19.52 -10.57 -1.71
CA GLU D 124 19.98 -9.21 -1.63
C GLU D 124 20.05 -8.74 -0.19
N ASN D 125 19.12 -9.16 0.67
CA ASN D 125 19.20 -8.81 2.08
C ASN D 125 20.45 -9.35 2.75
N ILE D 126 20.77 -10.63 2.51
CA ILE D 126 21.99 -11.19 3.10
C ILE D 126 23.20 -10.38 2.62
N GLN D 127 23.28 -10.16 1.29
CA GLN D 127 24.44 -9.46 0.72
C GLN D 127 24.54 -8.03 1.22
N ALA D 128 23.40 -7.34 1.35
CA ALA D 128 23.43 -5.96 1.81
C ALA D 128 23.83 -5.89 3.28
N ALA D 129 23.38 -6.82 4.12
CA ALA D 129 23.86 -6.79 5.50
C ALA D 129 25.36 -7.07 5.58
N LEU D 130 25.84 -8.05 4.80
CA LEU D 130 27.27 -8.36 4.78
C LEU D 130 28.10 -7.18 4.30
N GLU D 131 27.61 -6.46 3.30
CA GLU D 131 28.40 -5.39 2.70
C GLU D 131 28.24 -4.07 3.47
N TYR D 132 27.02 -3.77 3.92
CA TYR D 132 26.65 -2.48 4.47
C TYR D 132 26.20 -2.49 5.92
N GLY D 133 25.88 -3.64 6.52
CA GLY D 133 25.62 -3.66 7.94
C GLY D 133 24.17 -3.50 8.37
N ALA D 134 23.33 -2.86 7.55
CA ALA D 134 21.94 -2.62 7.90
C ALA D 134 21.14 -2.42 6.62
N VAL D 135 19.94 -2.99 6.58
CA VAL D 135 19.15 -3.02 5.36
C VAL D 135 17.67 -2.95 5.69
N ASP D 136 16.93 -2.18 4.89
CA ASP D 136 15.47 -2.15 4.94
C ASP D 136 15.00 -2.54 3.54
N THR D 137 14.01 -3.42 3.45
CA THR D 137 13.41 -3.72 2.16
C THR D 137 12.28 -2.74 1.90
N VAL D 138 12.37 -1.98 0.80
CA VAL D 138 11.40 -0.92 0.58
C VAL D 138 10.96 -0.91 -0.87
N ILE D 139 9.82 -0.28 -1.10
CA ILE D 139 9.38 0.04 -2.44
C ILE D 139 9.02 1.52 -2.50
N ASP D 140 9.07 2.04 -3.73
CA ASP D 140 8.60 3.38 -3.97
C ASP D 140 7.18 3.49 -3.45
N ALA D 141 6.88 4.60 -2.77
CA ALA D 141 5.54 4.83 -2.29
C ALA D 141 4.55 4.76 -3.46
N ILE D 142 3.48 3.98 -3.29
CA ILE D 142 2.54 3.83 -4.40
C ILE D 142 1.65 5.06 -4.55
N ASP D 143 1.22 5.62 -3.42
CA ASP D 143 0.40 6.83 -3.39
C ASP D 143 1.18 7.99 -2.83
N THR D 144 0.63 9.18 -3.05
CA THR D 144 1.03 10.33 -2.27
C THR D 144 0.85 10.03 -0.80
N ILE D 145 1.84 10.37 -0.02
CA ILE D 145 1.78 10.22 1.43
C ILE D 145 1.29 11.52 2.03
N VAL D 146 0.38 11.43 2.98
CA VAL D 146 -0.07 12.61 3.71
C VAL D 146 0.05 12.32 5.19
N THR D 147 0.30 13.37 5.98
CA THR D 147 0.40 13.20 7.41
C THR D 147 -0.78 13.91 8.05
N SER D 148 -1.18 13.46 9.24
CA SER D 148 -2.23 14.10 10.01
C SER D 148 -1.97 13.85 11.47
N LYS D 149 -2.14 14.88 12.30
CA LYS D 149 -1.97 14.70 13.75
C LYS D 149 -3.27 14.49 14.50
N ASP D 150 -4.44 14.62 13.84
CA ASP D 150 -5.72 14.55 14.53
C ASP D 150 -6.77 13.64 13.91
N ASN D 151 -6.48 12.91 12.84
CA ASN D 151 -7.47 12.11 12.10
C ASN D 151 -8.60 12.98 11.50
N GLN D 152 -8.40 14.32 11.38
CA GLN D 152 -9.42 15.22 10.84
C GLN D 152 -8.92 16.06 9.66
N THR D 153 -7.68 16.54 9.71
CA THR D 153 -7.14 17.44 8.69
C THR D 153 -5.72 17.02 8.33
N ILE D 154 -5.30 17.42 7.14
CA ILE D 154 -3.93 17.17 6.69
C ILE D 154 -2.99 18.07 7.50
N ASP D 155 -1.88 17.50 7.96
CA ASP D 155 -0.83 18.37 8.48
C ASP D 155 0.18 18.77 7.41
N ALA D 156 0.70 17.80 6.67
CA ALA D 156 1.70 18.10 5.68
C ALA D 156 1.56 17.10 4.55
N ILE D 157 2.04 17.50 3.38
CA ILE D 157 2.11 16.54 2.29
C ILE D 157 3.53 16.51 1.76
N PRO D 158 4.35 15.56 2.17
CA PRO D 158 5.75 15.55 1.72
C PRO D 158 5.89 15.23 0.23
N VAL D 159 7.08 15.53 -0.29
CA VAL D 159 7.41 15.25 -1.68
C VAL D 159 7.41 13.73 -1.91
N ARG D 160 6.53 13.25 -2.78
CA ARG D 160 6.32 11.81 -2.90
C ARG D 160 7.54 11.07 -3.44
N ASN D 161 8.36 11.69 -4.28
CA ASN D 161 9.50 10.97 -4.83
C ASN D 161 10.50 10.55 -3.74
N GLU D 162 10.40 11.10 -2.53
CA GLU D 162 11.27 10.72 -1.44
C GLU D 162 10.60 9.74 -0.47
N MET D 163 9.38 9.31 -0.76
CA MET D 163 8.60 8.45 0.15
C MET D 163 8.69 7.02 -0.35
N TYR D 164 8.86 6.11 0.59
CA TYR D 164 8.96 4.69 0.31
C TYR D 164 8.12 3.92 1.31
N GLN D 165 7.58 2.80 0.88
CA GLN D 165 6.94 1.92 1.83
C GLN D 165 7.96 0.92 2.39
N GLY D 166 8.15 0.95 3.70
CA GLY D 166 9.06 -0.02 4.30
C GLY D 166 8.38 -1.37 4.28
N GLN D 167 9.10 -2.40 3.89
CA GLN D 167 8.57 -3.75 4.03
C GLN D 167 9.53 -4.52 4.93
N THR D 168 9.49 -5.84 4.88
CA THR D 168 10.57 -6.66 5.40
C THR D 168 10.94 -7.69 4.34
N PRO D 169 12.15 -8.30 4.44
CA PRO D 169 13.16 -8.32 5.52
C PRO D 169 13.84 -7.00 5.88
N GLN D 170 14.32 -6.97 7.11
CA GLN D 170 15.31 -6.02 7.57
C GLN D 170 16.50 -6.80 8.13
N SER D 171 17.68 -6.45 7.67
CA SER D 171 18.82 -7.30 7.93
C SER D 171 19.99 -6.49 8.46
N PHE D 172 20.79 -7.12 9.33
CA PHE D 172 21.78 -6.39 10.11
C PHE D 172 22.89 -7.36 10.36
N ASN D 173 24.10 -6.83 10.37
CA ASN D 173 25.20 -7.47 11.05
C ASN D 173 24.87 -7.51 12.53
N ILE D 174 25.01 -8.68 13.14
CA ILE D 174 24.49 -8.88 14.50
C ILE D 174 25.27 -8.00 15.48
N ASN D 175 26.58 -7.93 15.35
CA ASN D 175 27.29 -7.09 16.30
C ASN D 175 26.91 -5.62 16.11
N LEU D 176 26.70 -5.18 14.86
CA LEU D 176 26.26 -3.81 14.62
C LEU D 176 24.90 -3.54 15.27
N LEU D 177 23.96 -4.49 15.09
CA LEU D 177 22.62 -4.36 15.66
C LEU D 177 22.67 -4.31 17.18
N LYS D 178 23.49 -5.17 17.79
CA LYS D 178 23.67 -5.20 19.25
C LYS D 178 24.23 -3.88 19.77
N GLU D 179 25.27 -3.35 19.11
CA GLU D 179 25.86 -2.11 19.61
C GLU D 179 24.90 -0.95 19.53
N SER D 180 24.22 -0.80 18.39
CA SER D 180 23.26 0.30 18.26
C SER D 180 22.15 0.16 19.30
N TYR D 181 21.62 -1.06 19.49
CA TYR D 181 20.56 -1.22 20.48
C TYR D 181 21.05 -0.88 21.89
N ALA D 182 22.29 -1.28 22.23
CA ALA D 182 22.83 -0.89 23.53
C ALA D 182 23.02 0.61 23.66
N GLN D 183 23.16 1.33 22.53
CA GLN D 183 23.37 2.78 22.58
C GLN D 183 22.11 3.53 22.98
N LEU D 184 20.94 2.94 22.80
CA LEU D 184 19.73 3.67 23.11
C LEU D 184 19.42 3.52 24.58
N SER D 185 18.67 4.47 25.10
CA SER D 185 18.25 4.35 26.47
C SER D 185 17.10 3.36 26.61
N ASP D 186 16.78 2.96 27.85
CA ASP D 186 15.63 2.07 28.06
C ASP D 186 14.31 2.73 27.67
N GLU D 187 14.14 4.02 27.95
CA GLU D 187 12.94 4.72 27.53
C GLU D 187 12.90 4.87 26.01
N GLN D 188 14.02 5.30 25.42
CA GLN D 188 14.08 5.42 23.96
C GLN D 188 13.79 4.10 23.28
N LYS D 189 14.12 2.97 23.93
CA LYS D 189 14.06 1.68 23.26
C LYS D 189 12.63 1.27 22.93
N SER D 190 11.73 1.31 23.92
CA SER D 190 10.36 0.83 23.74
C SER D 190 9.42 1.90 23.22
N ILE D 191 9.93 2.88 22.47
CA ILE D 191 9.12 3.83 21.71
C ILE D 191 9.28 3.61 20.21
N LEU D 192 10.12 2.66 19.79
CA LEU D 192 10.46 2.41 18.39
C LEU D 192 9.93 1.04 18.00
N SER D 193 8.89 1.01 17.17
CA SER D 193 8.29 -0.22 16.65
C SER D 193 8.98 -0.77 15.41
N ASP D 194 10.03 -0.11 14.92
CA ASP D 194 10.74 -0.50 13.71
C ASP D 194 12.22 -0.72 14.05
N ALA D 195 12.82 -1.68 13.35
CA ALA D 195 14.17 -2.12 13.70
C ALA D 195 15.24 -1.22 13.10
N CYS D 196 15.00 -0.73 11.88
CA CYS D 196 15.90 0.17 11.18
C CYS D 196 15.98 1.52 11.84
N LYS D 197 14.93 1.92 12.54
CA LYS D 197 15.02 3.20 13.23
C LYS D 197 16.06 3.15 14.36
N ILE D 198 16.32 1.98 14.92
CA ILE D 198 17.45 1.83 15.83
C ILE D 198 18.73 2.34 15.20
N ILE D 199 19.03 1.82 14.00
CA ILE D 199 20.25 2.14 13.29
C ILE D 199 20.27 3.61 12.93
N VAL D 200 19.17 4.13 12.46
CA VAL D 200 19.08 5.52 12.10
C VAL D 200 19.31 6.43 13.27
N GLU D 201 18.67 6.13 14.39
CA GLU D 201 18.81 6.97 15.58
C GLU D 201 20.24 6.96 16.12
N THR D 202 21.01 5.89 15.85
CA THR D 202 22.41 5.84 16.24
C THR D 202 23.35 6.29 15.12
N ASN D 203 22.86 7.04 14.13
CA ASN D 203 23.69 7.71 13.11
C ASN D 203 24.52 6.70 12.33
N LYS D 204 23.93 5.58 11.97
CA LYS D 204 24.56 4.65 11.07
C LYS D 204 23.70 4.43 9.83
N PRO D 205 24.31 4.12 8.69
CA PRO D 205 23.53 3.99 7.46
C PRO D 205 22.66 2.74 7.47
N VAL D 206 21.52 2.83 6.79
CA VAL D 206 20.66 1.70 6.50
C VAL D 206 20.51 1.66 4.99
N ARG D 207 20.87 0.54 4.39
CA ARG D 207 20.80 0.41 2.95
C ARG D 207 19.38 0.06 2.52
N LEU D 208 19.05 0.41 1.28
CA LEU D 208 17.76 0.10 0.70
C LEU D 208 17.92 -1.06 -0.26
N VAL D 209 17.03 -2.06 -0.11
CA VAL D 209 16.85 -3.16 -1.06
C VAL D 209 15.42 -3.11 -1.59
N LYS D 210 15.27 -3.26 -2.90
CA LYS D 210 13.94 -3.15 -3.51
C LYS D 210 13.12 -4.39 -3.22
N GLY D 211 11.90 -4.18 -2.71
CA GLY D 211 10.94 -5.26 -2.48
C GLY D 211 10.06 -5.56 -3.68
N GLU D 212 8.79 -5.89 -3.45
CA GLU D 212 7.86 -6.13 -4.54
C GLU D 212 6.50 -5.58 -4.14
N LEU D 213 5.71 -5.18 -5.15
CA LEU D 213 4.39 -4.69 -4.83
C LEU D 213 3.54 -5.76 -4.15
N TYR D 214 3.79 -7.03 -4.47
CA TYR D 214 3.01 -8.14 -3.93
C TYR D 214 3.58 -8.73 -2.64
N ASN D 215 4.67 -8.17 -2.12
CA ASN D 215 5.22 -8.64 -0.86
C ASN D 215 4.44 -8.03 0.32
N ILE D 216 3.12 -8.25 0.29
CA ILE D 216 2.20 -7.61 1.22
C ILE D 216 2.17 -8.36 2.55
N LYS D 217 1.69 -7.68 3.58
CA LYS D 217 1.44 -8.28 4.89
C LYS D 217 -0.02 -8.74 4.91
N VAL D 218 -0.23 -10.03 5.20
CA VAL D 218 -1.54 -10.64 5.12
C VAL D 218 -2.16 -10.62 6.52
N THR D 219 -2.97 -9.60 6.79
CA THR D 219 -3.52 -9.39 8.11
C THR D 219 -5.03 -9.21 8.12
N THR D 220 -5.68 -8.97 6.98
CA THR D 220 -7.12 -8.74 6.93
C THR D 220 -7.80 -9.71 5.98
N PRO D 221 -9.13 -9.87 6.06
CA PRO D 221 -9.81 -10.73 5.06
C PRO D 221 -9.59 -10.24 3.65
N TYR D 222 -9.54 -8.91 3.47
CA TYR D 222 -9.20 -8.38 2.16
C TYR D 222 -7.83 -8.85 1.72
N ASP D 223 -6.85 -8.77 2.61
CA ASP D 223 -5.52 -9.24 2.25
C ASP D 223 -5.59 -10.71 1.89
N LEU D 224 -6.45 -11.46 2.55
CA LEU D 224 -6.59 -12.87 2.24
C LEU D 224 -7.21 -13.11 0.87
N LYS D 225 -8.17 -12.26 0.46
CA LYS D 225 -8.71 -12.36 -0.91
C LYS D 225 -7.63 -12.06 -1.95
N VAL D 226 -6.86 -11.00 -1.71
CA VAL D 226 -5.75 -10.66 -2.60
C VAL D 226 -4.70 -11.76 -2.60
N ALA D 227 -4.38 -12.31 -1.43
CA ALA D 227 -3.36 -13.35 -1.30
C ALA D 227 -3.75 -14.61 -2.04
N ASN D 228 -5.02 -15.02 -1.92
CA ASN D 228 -5.45 -16.19 -2.64
C ASN D 228 -5.33 -15.93 -4.14
N ALA D 229 -5.61 -14.68 -4.56
CA ALA D 229 -5.41 -14.32 -5.95
C ALA D 229 -3.94 -14.39 -6.37
N ILE D 230 -3.03 -13.86 -5.53
CA ILE D 230 -1.61 -13.89 -5.86
C ILE D 230 -1.14 -15.32 -6.06
N ILE D 231 -1.56 -16.24 -5.18
CA ILE D 231 -1.13 -17.63 -5.34
C ILE D 231 -1.75 -18.21 -6.61
N ARG D 232 -3.07 -18.01 -6.80
CA ARG D 232 -3.72 -18.56 -7.98
C ARG D 232 -3.13 -18.00 -9.27
N GLY D 233 -2.41 -16.86 -9.20
CA GLY D 233 -1.69 -16.30 -10.33
C GLY D 233 -0.20 -16.61 -10.38
N GLY D 234 0.36 -17.13 -9.28
CA GLY D 234 1.76 -17.52 -9.22
C GLY D 234 2.74 -16.41 -8.86
N ILE D 235 2.38 -15.16 -9.18
CA ILE D 235 3.25 -13.99 -8.98
C ILE D 235 3.87 -13.97 -7.59
N MET E 1 -3.68 -24.03 30.41
CA MET E 1 -4.88 -24.58 29.83
C MET E 1 -5.99 -23.52 29.85
N LYS E 2 -6.98 -23.67 28.99
CA LYS E 2 -8.03 -22.67 28.82
C LYS E 2 -9.36 -23.23 29.34
N TYR E 3 -10.03 -22.47 30.19
CA TYR E 3 -11.28 -22.89 30.78
C TYR E 3 -12.35 -21.85 30.43
N ALA E 4 -13.60 -22.29 30.23
CA ALA E 4 -14.72 -21.37 30.02
C ALA E 4 -15.69 -21.42 31.20
N GLY E 5 -16.11 -20.26 31.68
CA GLY E 5 -17.10 -20.27 32.74
C GLY E 5 -18.35 -19.49 32.36
N ILE E 6 -19.42 -20.24 32.08
CA ILE E 6 -20.70 -19.69 31.64
C ILE E 6 -21.60 -19.50 32.84
N LEU E 7 -22.02 -18.24 33.05
CA LEU E 7 -22.71 -17.82 34.27
C LEU E 7 -24.21 -17.90 34.03
N ALA E 8 -24.80 -18.96 34.56
CA ALA E 8 -26.23 -19.21 34.49
C ALA E 8 -26.81 -19.35 35.90
N GLY E 9 -26.27 -18.63 36.89
CA GLY E 9 -26.70 -18.83 38.25
C GLY E 9 -27.87 -18.00 38.76
N GLY E 10 -28.40 -17.10 37.93
CA GLY E 10 -29.45 -16.21 38.35
C GLY E 10 -30.81 -16.87 38.27
N ILE E 11 -31.82 -16.20 38.82
CA ILE E 11 -33.19 -16.70 38.76
C ILE E 11 -34.05 -15.89 37.81
N GLY E 12 -33.61 -14.69 37.41
CA GLY E 12 -34.34 -13.88 36.44
C GLY E 12 -35.45 -13.04 37.03
N SER E 13 -35.10 -12.09 37.91
CA SER E 13 -36.10 -11.23 38.51
C SER E 13 -36.69 -10.23 37.52
N ARG E 14 -35.87 -9.65 36.63
CA ARG E 14 -36.26 -8.48 35.84
C ARG E 14 -36.90 -8.80 34.50
N MET E 15 -37.49 -9.98 34.30
CA MET E 15 -38.33 -10.24 33.14
C MET E 15 -39.81 -10.26 33.49
N GLY E 16 -40.16 -10.36 34.77
CA GLY E 16 -41.52 -10.62 35.20
C GLY E 16 -41.67 -12.02 35.78
N ASN E 17 -42.86 -12.60 35.66
CA ASN E 17 -43.12 -13.97 36.09
C ASN E 17 -43.34 -14.82 34.84
N VAL E 18 -42.24 -15.19 34.19
CA VAL E 18 -42.25 -16.08 33.04
C VAL E 18 -42.18 -17.51 33.57
N PRO E 19 -42.47 -18.55 32.77
CA PRO E 19 -42.38 -19.91 33.32
C PRO E 19 -41.01 -20.25 33.88
N LEU E 20 -39.93 -19.80 33.25
CA LEU E 20 -38.58 -20.26 33.57
C LEU E 20 -37.67 -19.06 33.82
N PRO E 21 -36.51 -19.29 34.44
CA PRO E 21 -35.53 -18.19 34.57
C PRO E 21 -34.96 -17.83 33.19
N LYS E 22 -34.52 -16.56 33.05
CA LYS E 22 -34.32 -16.00 31.71
C LYS E 22 -33.32 -16.79 30.85
N GLN E 23 -32.32 -17.42 31.47
CA GLN E 23 -31.34 -18.17 30.69
C GLN E 23 -31.89 -19.43 30.05
N PHE E 24 -33.03 -19.94 30.51
CA PHE E 24 -33.63 -21.12 29.93
C PHE E 24 -34.74 -20.82 28.95
N LEU E 25 -35.10 -19.56 28.76
CA LEU E 25 -36.21 -19.23 27.87
C LEU E 25 -35.87 -19.50 26.40
N ASP E 26 -36.92 -19.81 25.63
CA ASP E 26 -36.75 -20.20 24.23
C ASP E 26 -36.48 -18.93 23.43
N LEU E 27 -35.47 -19.01 22.57
CA LEU E 27 -35.11 -17.96 21.63
C LEU E 27 -35.02 -18.68 20.28
N ASP E 28 -35.99 -18.46 19.40
CA ASP E 28 -36.06 -19.21 18.14
C ASP E 28 -36.11 -20.72 18.36
N ASN E 29 -36.93 -21.16 19.33
CA ASN E 29 -37.24 -22.58 19.60
C ASN E 29 -36.02 -23.35 20.14
N LYS E 30 -35.08 -22.65 20.77
CA LYS E 30 -33.90 -23.19 21.37
C LYS E 30 -33.55 -22.29 22.56
N PRO E 31 -33.26 -22.86 23.73
CA PRO E 31 -32.93 -22.04 24.91
C PRO E 31 -31.74 -21.11 24.72
N ILE E 32 -31.85 -19.93 25.32
CA ILE E 32 -30.79 -18.93 25.29
C ILE E 32 -29.45 -19.54 25.74
N LEU E 33 -29.49 -20.29 26.85
CA LEU E 33 -28.27 -20.91 27.35
C LEU E 33 -27.60 -21.78 26.27
N ILE E 34 -28.40 -22.51 25.48
CA ILE E 34 -27.84 -23.39 24.46
C ILE E 34 -27.21 -22.57 23.33
N HIS E 35 -27.87 -21.50 22.90
CA HIS E 35 -27.27 -20.59 21.93
C HIS E 35 -25.91 -20.16 22.41
N THR E 36 -25.81 -19.76 23.67
CA THR E 36 -24.52 -19.31 24.17
C THR E 36 -23.47 -20.43 24.19
N LEU E 37 -23.87 -21.61 24.70
CA LEU E 37 -22.93 -22.71 24.88
C LEU E 37 -22.36 -23.15 23.52
N GLU E 38 -23.19 -23.18 22.48
CA GLU E 38 -22.70 -23.62 21.18
C GLU E 38 -21.54 -22.76 20.67
N LYS E 39 -21.54 -21.47 20.98
CA LYS E 39 -20.39 -20.67 20.56
C LYS E 39 -19.10 -21.15 21.23
N PHE E 40 -19.19 -21.54 22.51
CA PHE E 40 -17.99 -22.00 23.20
C PHE E 40 -17.59 -23.40 22.76
N ILE E 41 -18.56 -24.27 22.47
CA ILE E 41 -18.22 -25.60 21.99
C ILE E 41 -17.42 -25.50 20.70
N LEU E 42 -17.68 -24.49 19.87
CA LEU E 42 -16.92 -24.34 18.64
C LEU E 42 -15.46 -23.94 18.88
N ILE E 43 -15.10 -23.57 20.11
CA ILE E 43 -13.71 -23.24 20.46
C ILE E 43 -13.03 -24.51 20.99
N ASN E 44 -12.14 -25.11 20.18
CA ASN E 44 -11.52 -26.37 20.59
C ASN E 44 -10.52 -26.20 21.73
N ASP E 45 -10.04 -24.99 21.99
CA ASP E 45 -8.96 -24.84 22.96
C ASP E 45 -9.41 -24.90 24.42
N PHE E 46 -10.71 -24.93 24.70
CA PHE E 46 -11.18 -25.05 26.08
C PHE E 46 -10.91 -26.46 26.63
N GLU E 47 -10.33 -26.54 27.84
CA GLU E 47 -10.17 -27.83 28.51
C GLU E 47 -11.48 -28.32 29.10
N LYS E 48 -12.25 -27.41 29.68
CA LYS E 48 -13.58 -27.68 30.24
C LYS E 48 -14.45 -26.45 29.98
N ILE E 49 -15.73 -26.68 29.79
CA ILE E 49 -16.75 -25.62 29.64
C ILE E 49 -17.74 -25.81 30.79
N ILE E 50 -17.69 -24.94 31.76
CA ILE E 50 -18.41 -25.14 33.01
C ILE E 50 -19.59 -24.20 33.03
N ILE E 51 -20.79 -24.78 33.14
CA ILE E 51 -22.02 -24.01 33.26
C ILE E 51 -22.40 -24.06 34.74
N ALA E 52 -22.56 -22.91 35.38
CA ALA E 52 -23.00 -22.88 36.77
C ALA E 52 -24.42 -22.35 36.82
N THR E 53 -25.30 -23.07 37.52
CA THR E 53 -26.73 -22.77 37.55
C THR E 53 -27.18 -22.91 38.99
N PRO E 54 -28.33 -22.34 39.36
CA PRO E 54 -28.85 -22.57 40.72
C PRO E 54 -29.08 -24.05 40.92
N GLN E 55 -28.88 -24.50 42.17
CA GLN E 55 -29.00 -25.92 42.50
C GLN E 55 -30.29 -26.50 41.95
N GLN E 56 -31.39 -25.76 42.10
CA GLN E 56 -32.67 -26.31 41.73
C GLN E 56 -32.83 -26.51 40.23
N TRP E 57 -32.02 -25.85 39.41
CA TRP E 57 -32.19 -25.92 37.95
C TRP E 57 -31.10 -26.75 37.29
N MET E 58 -30.20 -27.35 38.07
CA MET E 58 -29.08 -28.09 37.50
C MET E 58 -29.60 -29.28 36.72
N THR E 59 -30.60 -29.97 37.30
CA THR E 59 -31.19 -31.13 36.64
C THR E 59 -31.86 -30.75 35.32
N HIS E 60 -32.64 -29.66 35.32
CA HIS E 60 -33.24 -29.24 34.06
C HIS E 60 -32.18 -28.90 33.02
N THR E 61 -31.08 -28.29 33.46
CA THR E 61 -30.03 -27.93 32.50
C THR E 61 -29.41 -29.18 31.87
N LYS E 62 -29.08 -30.19 32.69
CA LYS E 62 -28.50 -31.42 32.15
C LYS E 62 -29.47 -32.12 31.21
N ASP E 63 -30.76 -32.16 31.60
CA ASP E 63 -31.79 -32.79 30.76
C ASP E 63 -31.92 -32.09 29.42
N THR E 64 -31.87 -30.75 29.44
CA THR E 64 -32.00 -30.01 28.19
C THR E 64 -30.76 -30.18 27.30
N LEU E 65 -29.56 -30.21 27.90
CA LEU E 65 -28.36 -30.54 27.14
C LEU E 65 -28.51 -31.88 26.45
N ARG E 66 -29.00 -32.88 27.18
CA ARG E 66 -29.16 -34.18 26.56
C ARG E 66 -30.18 -34.09 25.43
N LYS E 67 -31.24 -33.29 25.60
CA LYS E 67 -32.28 -33.19 24.58
C LYS E 67 -31.78 -32.65 23.24
N PHE E 68 -30.81 -31.73 23.25
CA PHE E 68 -30.28 -31.14 22.02
C PHE E 68 -29.00 -31.78 21.56
N LYS E 69 -28.70 -32.99 22.04
CA LYS E 69 -27.59 -33.82 21.55
C LYS E 69 -26.24 -33.10 21.77
N ILE E 70 -26.18 -32.22 22.76
CA ILE E 70 -24.93 -31.55 23.12
C ILE E 70 -24.31 -32.44 24.19
N SER E 71 -23.36 -33.27 23.77
CA SER E 71 -22.75 -34.28 24.62
C SER E 71 -21.27 -34.02 24.91
N ASP E 72 -20.69 -32.89 24.43
CA ASP E 72 -19.25 -32.59 24.53
C ASP E 72 -18.74 -32.85 25.95
N GLU E 73 -17.71 -33.72 26.03
CA GLU E 73 -17.16 -34.23 27.29
C GLU E 73 -16.54 -33.14 28.16
N ARG E 74 -16.28 -31.95 27.61
CA ARG E 74 -15.71 -30.84 28.34
C ARG E 74 -16.73 -30.14 29.23
N ILE E 75 -18.02 -30.40 29.05
CA ILE E 75 -19.07 -29.68 29.76
C ILE E 75 -19.34 -30.29 31.14
N GLU E 76 -19.42 -29.42 32.15
CA GLU E 76 -19.80 -29.78 33.52
C GLU E 76 -20.81 -28.76 34.04
N VAL E 77 -21.85 -29.25 34.70
CA VAL E 77 -22.89 -28.41 35.30
C VAL E 77 -22.63 -28.41 36.80
N ILE E 78 -22.43 -27.24 37.38
CA ILE E 78 -22.16 -27.13 38.80
C ILE E 78 -23.11 -26.12 39.44
N GLN E 79 -23.11 -26.10 40.76
CA GLN E 79 -23.94 -25.17 41.53
C GLN E 79 -23.33 -23.75 41.58
N GLY E 80 -24.15 -22.73 41.32
CA GLY E 80 -23.72 -21.35 41.46
C GLY E 80 -23.71 -20.81 42.88
N GLY E 81 -23.41 -19.52 43.00
CA GLY E 81 -23.25 -18.86 44.28
C GLY E 81 -24.36 -17.86 44.55
N SER E 82 -24.17 -17.09 45.63
CA SER E 82 -25.25 -16.21 46.05
C SER E 82 -25.29 -14.91 45.28
N ASP E 83 -24.22 -14.59 44.55
CA ASP E 83 -24.18 -13.47 43.64
C ASP E 83 -23.23 -13.87 42.53
N ARG E 84 -23.12 -13.02 41.51
CA ARG E 84 -22.37 -13.37 40.32
C ARG E 84 -20.90 -13.61 40.61
N ASN E 85 -20.27 -12.75 41.40
CA ASN E 85 -18.86 -13.00 41.67
C ASN E 85 -18.70 -14.23 42.54
N ASP E 86 -19.65 -14.48 43.45
CA ASP E 86 -19.62 -15.73 44.20
C ASP E 86 -19.77 -16.93 43.27
N THR E 87 -20.60 -16.79 42.24
CA THR E 87 -20.75 -17.85 41.24
C THR E 87 -19.46 -18.10 40.47
N ILE E 88 -18.81 -17.03 40.01
CA ILE E 88 -17.50 -17.16 39.37
C ILE E 88 -16.52 -17.92 40.28
N MET E 89 -16.50 -17.54 41.56
CA MET E 89 -15.52 -18.14 42.46
C MET E 89 -15.84 -19.62 42.71
N ASN E 90 -17.13 -19.97 42.70
CA ASN E 90 -17.52 -21.38 42.74
C ASN E 90 -16.97 -22.13 41.54
N ILE E 91 -17.01 -21.51 40.36
CA ILE E 91 -16.48 -22.17 39.15
C ILE E 91 -14.95 -22.37 39.24
N VAL E 92 -14.21 -21.32 39.64
CA VAL E 92 -12.76 -21.46 39.84
C VAL E 92 -12.44 -22.53 40.90
N LYS E 93 -13.20 -22.55 42.01
CA LYS E 93 -12.93 -23.54 43.07
C LYS E 93 -13.14 -24.93 42.52
N HIS E 94 -14.15 -25.09 41.68
CA HIS E 94 -14.35 -26.38 41.05
C HIS E 94 -13.16 -26.75 40.17
N ILE E 95 -12.66 -25.80 39.39
CA ILE E 95 -11.46 -26.02 38.57
C ILE E 95 -10.26 -26.43 39.41
N GLU E 96 -9.95 -25.72 40.50
CA GLU E 96 -8.78 -26.07 41.31
C GLU E 96 -8.89 -27.48 41.90
N SER E 97 -10.09 -27.85 42.39
CA SER E 97 -10.20 -29.15 43.02
C SER E 97 -10.25 -30.30 42.02
N THR E 98 -10.67 -30.07 40.77
CA THR E 98 -10.74 -31.17 39.82
C THR E 98 -9.44 -31.33 39.03
N ASN E 99 -8.99 -30.26 38.34
CA ASN E 99 -7.81 -30.31 37.50
C ASN E 99 -6.57 -29.68 38.14
N GLY E 100 -6.74 -28.88 39.18
CA GLY E 100 -5.72 -28.01 39.74
C GLY E 100 -5.56 -26.79 38.87
N ILE E 101 -5.13 -25.67 39.45
CA ILE E 101 -4.92 -24.44 38.69
C ILE E 101 -3.45 -24.28 38.38
N ASN E 102 -3.11 -24.08 37.11
CA ASN E 102 -1.75 -23.71 36.78
C ASN E 102 -1.61 -22.19 36.78
N ASP E 103 -0.38 -21.72 36.99
CA ASP E 103 -0.11 -20.30 37.08
C ASP E 103 -0.46 -19.60 35.77
N ASP E 104 -0.43 -20.34 34.66
CA ASP E 104 -0.73 -19.82 33.34
C ASP E 104 -2.18 -20.06 32.87
N ASP E 105 -3.03 -20.64 33.73
CA ASP E 105 -4.43 -20.89 33.37
C ASP E 105 -5.23 -19.61 33.15
N VAL E 106 -6.16 -19.64 32.20
CA VAL E 106 -7.04 -18.50 32.04
C VAL E 106 -8.49 -18.96 32.02
N ILE E 107 -9.37 -18.06 32.44
CA ILE E 107 -10.78 -18.34 32.45
C ILE E 107 -11.53 -17.20 31.73
N VAL E 108 -12.44 -17.55 30.83
CA VAL E 108 -13.27 -16.59 30.11
C VAL E 108 -14.67 -16.72 30.72
N THR E 109 -15.09 -15.72 31.50
CA THR E 109 -16.39 -15.78 32.17
C THR E 109 -17.42 -15.02 31.35
N HIS E 110 -18.65 -15.54 31.28
CA HIS E 110 -19.64 -14.98 30.37
C HIS E 110 -21.08 -15.28 30.81
N ASP E 111 -21.95 -14.27 30.66
CA ASP E 111 -23.38 -14.40 30.95
C ASP E 111 -24.04 -15.40 30.01
N ALA E 112 -24.78 -16.32 30.57
CA ALA E 112 -25.57 -17.20 29.73
C ALA E 112 -26.55 -16.44 28.86
N VAL E 113 -27.00 -15.25 29.31
CA VAL E 113 -28.03 -14.48 28.62
C VAL E 113 -27.45 -13.44 27.64
N ARG E 114 -26.19 -13.65 27.20
CA ARG E 114 -25.58 -12.86 26.12
C ARG E 114 -25.27 -13.88 25.04
N PRO E 115 -26.29 -14.31 24.28
CA PRO E 115 -26.09 -15.45 23.38
C PRO E 115 -25.41 -15.12 22.06
N PHE E 116 -25.16 -13.84 21.79
CA PHE E 116 -24.74 -13.39 20.46
C PHE E 116 -23.28 -13.00 20.40
N LEU E 117 -22.49 -13.34 21.42
CA LEU E 117 -21.06 -13.14 21.30
C LEU E 117 -20.54 -13.98 20.13
N THR E 118 -19.34 -13.63 19.67
CA THR E 118 -18.85 -14.21 18.44
C THR E 118 -17.58 -15.00 18.69
N HIS E 119 -17.23 -15.80 17.69
CA HIS E 119 -15.98 -16.49 17.71
C HIS E 119 -14.85 -15.53 17.95
N ARG E 120 -14.86 -14.40 17.23
CA ARG E 120 -13.78 -13.41 17.39
C ARG E 120 -13.66 -12.91 18.82
N ILE E 121 -14.78 -12.56 19.45
CA ILE E 121 -14.77 -12.04 20.82
C ILE E 121 -14.15 -13.05 21.80
N ILE E 122 -14.54 -14.32 21.68
CA ILE E 122 -14.05 -15.33 22.60
C ILE E 122 -12.56 -15.56 22.38
N LYS E 123 -12.14 -15.66 21.11
CA LYS E 123 -10.74 -15.91 20.80
C LYS E 123 -9.86 -14.74 21.22
N GLU E 124 -10.33 -13.51 20.98
CA GLU E 124 -9.58 -12.32 21.39
C GLU E 124 -9.51 -12.23 22.91
N ASN E 125 -10.57 -12.63 23.61
CA ASN E 125 -10.54 -12.71 25.07
C ASN E 125 -9.48 -13.70 25.54
N ILE E 126 -9.42 -14.87 24.92
CA ILE E 126 -8.43 -15.86 25.30
C ILE E 126 -7.03 -15.27 25.15
N GLN E 127 -6.75 -14.69 23.97
CA GLN E 127 -5.42 -14.15 23.75
C GLN E 127 -5.14 -13.00 24.71
N ALA E 128 -6.15 -12.17 24.99
CA ALA E 128 -5.94 -11.05 25.89
C ALA E 128 -5.68 -11.53 27.30
N ALA E 129 -6.36 -12.59 27.73
CA ALA E 129 -6.12 -13.10 29.07
C ALA E 129 -4.73 -13.71 29.19
N LEU E 130 -4.31 -14.46 28.16
CA LEU E 130 -2.98 -15.06 28.18
C LEU E 130 -1.89 -13.99 28.19
N GLU E 131 -2.10 -12.90 27.46
CA GLU E 131 -1.03 -11.92 27.33
C GLU E 131 -1.04 -10.94 28.49
N TYR E 132 -2.22 -10.53 28.94
CA TYR E 132 -2.32 -9.43 29.88
C TYR E 132 -2.94 -9.79 31.21
N GLY E 133 -3.57 -10.96 31.35
CA GLY E 133 -4.02 -11.37 32.66
C GLY E 133 -5.45 -11.03 33.05
N ALA E 134 -6.04 -9.99 32.45
CA ALA E 134 -7.37 -9.54 32.85
C ALA E 134 -7.95 -8.77 31.68
N VAL E 135 -9.25 -8.96 31.39
CA VAL E 135 -9.83 -8.39 30.17
C VAL E 135 -11.29 -8.02 30.36
N ASP E 136 -11.68 -6.92 29.73
CA ASP E 136 -13.07 -6.50 29.69
C ASP E 136 -13.50 -6.44 28.23
N THR E 137 -14.67 -7.00 27.94
CA THR E 137 -15.28 -6.84 26.63
C THR E 137 -16.16 -5.60 26.67
N VAL E 138 -15.85 -4.62 25.81
CA VAL E 138 -16.50 -3.32 25.81
C VAL E 138 -16.81 -2.87 24.39
N ILE E 139 -17.73 -1.90 24.29
CA ILE E 139 -17.94 -1.15 23.06
C ILE E 139 -17.89 0.33 23.41
N ASP E 140 -17.55 1.15 22.41
CA ASP E 140 -17.65 2.61 22.56
C ASP E 140 -19.05 2.97 23.05
N ALA E 141 -19.15 3.87 24.06
CA ALA E 141 -20.46 4.29 24.57
C ALA E 141 -21.36 4.78 23.45
N ILE E 142 -22.55 4.23 23.40
CA ILE E 142 -23.47 4.59 22.33
C ILE E 142 -24.19 5.92 22.59
N ASP E 143 -24.51 6.23 23.85
CA ASP E 143 -25.11 7.50 24.26
C ASP E 143 -24.13 8.31 25.10
N THR E 144 -24.43 9.60 25.22
CA THR E 144 -23.79 10.35 26.29
C THR E 144 -24.10 9.70 27.62
N ILE E 145 -23.07 9.49 28.42
CA ILE E 145 -23.25 8.94 29.74
C ILE E 145 -23.38 10.11 30.69
N VAL E 146 -24.34 10.05 31.60
CA VAL E 146 -24.53 11.10 32.58
C VAL E 146 -24.50 10.42 33.95
N THR E 147 -23.91 11.08 34.94
CA THR E 147 -23.87 10.47 36.25
C THR E 147 -24.76 11.26 37.20
N SER E 148 -25.28 10.54 38.21
CA SER E 148 -26.10 11.16 39.23
C SER E 148 -26.00 10.38 40.54
N LYS E 149 -25.90 11.12 41.64
CA LYS E 149 -25.82 10.55 42.96
C LYS E 149 -27.17 10.55 43.64
N ASP E 150 -28.21 11.12 43.01
CA ASP E 150 -29.49 11.21 43.68
C ASP E 150 -30.68 10.65 42.90
N ASN E 151 -30.47 10.15 41.68
CA ASN E 151 -31.55 9.65 40.81
C ASN E 151 -32.58 10.72 40.51
N GLN E 152 -32.25 11.98 40.78
CA GLN E 152 -33.11 13.12 40.62
C GLN E 152 -32.50 14.23 39.78
N THR E 153 -31.20 14.45 39.93
CA THR E 153 -30.54 15.59 39.30
C THR E 153 -29.23 15.10 38.71
N ILE E 154 -28.73 15.81 37.69
CA ILE E 154 -27.43 15.47 37.10
C ILE E 154 -26.32 15.89 38.05
N ASP E 155 -25.36 15.00 38.24
CA ASP E 155 -24.12 15.39 38.92
C ASP E 155 -23.02 15.83 37.96
N ALA E 156 -22.71 15.02 36.95
CA ALA E 156 -21.65 15.35 36.01
C ALA E 156 -21.92 14.68 34.66
N ILE E 157 -21.35 15.25 33.61
CA ILE E 157 -21.34 14.63 32.29
C ILE E 157 -19.89 14.48 31.83
N PRO E 158 -19.30 13.30 32.00
CA PRO E 158 -17.89 13.08 31.62
C PRO E 158 -17.72 13.12 30.11
N VAL E 159 -16.45 13.21 29.69
CA VAL E 159 -16.16 13.23 28.26
C VAL E 159 -16.53 11.90 27.61
N ARG E 160 -17.44 11.98 26.63
CA ARG E 160 -18.07 10.78 26.06
C ARG E 160 -17.06 9.86 25.40
N ASN E 161 -16.02 10.40 24.76
CA ASN E 161 -15.07 9.58 24.02
C ASN E 161 -14.27 8.64 24.92
N GLU E 162 -14.32 8.82 26.23
CA GLU E 162 -13.69 7.90 27.17
C GLU E 162 -14.64 6.88 27.79
N MET E 163 -15.91 6.89 27.42
CA MET E 163 -16.89 6.05 28.10
C MET E 163 -17.20 4.82 27.26
N TYR E 164 -17.33 3.68 27.92
CA TYR E 164 -17.62 2.43 27.23
C TYR E 164 -18.66 1.68 28.03
N GLN E 165 -19.49 0.94 27.32
CA GLN E 165 -20.40 -0.01 27.94
C GLN E 165 -19.68 -1.33 28.10
N GLY E 166 -19.59 -1.78 29.35
CA GLY E 166 -19.05 -3.10 29.65
C GLY E 166 -20.05 -4.18 29.29
N GLN E 167 -19.57 -5.22 28.61
CA GLN E 167 -20.32 -6.43 28.31
C GLN E 167 -19.60 -7.58 28.98
N THR E 168 -19.84 -8.83 28.53
CA THR E 168 -19.00 -9.98 28.81
C THR E 168 -18.75 -10.66 27.47
N PRO E 169 -17.72 -11.53 27.36
CA PRO E 169 -16.87 -12.17 28.37
C PRO E 169 -16.01 -11.19 29.16
N GLN E 170 -15.60 -11.64 30.35
CA GLN E 170 -14.50 -11.07 31.11
C GLN E 170 -13.54 -12.21 31.43
N SER E 171 -12.27 -12.03 31.13
CA SER E 171 -11.32 -13.13 31.19
C SER E 171 -10.11 -12.76 32.04
N PHE E 172 -9.55 -13.77 32.73
CA PHE E 172 -8.55 -13.53 33.77
C PHE E 172 -7.59 -14.72 33.79
N ASN E 173 -6.33 -14.44 34.08
CA ASN E 173 -5.48 -15.48 34.64
C ASN E 173 -6.12 -15.88 35.95
N ILE E 174 -6.33 -17.19 36.16
CA ILE E 174 -7.15 -17.62 37.29
C ILE E 174 -6.49 -17.25 38.61
N ASN E 175 -5.18 -17.48 38.73
CA ASN E 175 -4.50 -17.17 39.98
C ASN E 175 -4.53 -15.67 40.27
N LEU E 176 -4.44 -14.85 39.22
CA LEU E 176 -4.51 -13.41 39.42
C LEU E 176 -5.84 -13.04 40.02
N LEU E 177 -6.91 -13.61 39.49
CA LEU E 177 -8.25 -13.36 40.02
C LEU E 177 -8.40 -13.81 41.46
N LYS E 178 -7.88 -15.01 41.80
CA LYS E 178 -8.01 -15.54 43.15
C LYS E 178 -7.29 -14.64 44.16
N GLU E 179 -6.03 -14.27 43.85
CA GLU E 179 -5.27 -13.42 44.75
C GLU E 179 -5.93 -12.06 44.90
N SER E 180 -6.37 -11.46 43.79
CA SER E 180 -7.04 -10.17 43.85
C SER E 180 -8.35 -10.25 44.66
N TYR E 181 -9.15 -11.30 44.45
CA TYR E 181 -10.37 -11.47 45.20
C TYR E 181 -10.06 -11.59 46.69
N ALA E 182 -8.97 -12.31 47.03
CA ALA E 182 -8.56 -12.42 48.42
C ALA E 182 -8.13 -11.08 49.01
N GLN E 183 -7.67 -10.16 48.16
CA GLN E 183 -7.23 -8.84 48.64
C GLN E 183 -8.40 -7.93 49.04
N LEU E 184 -9.61 -8.21 48.57
CA LEU E 184 -10.77 -7.33 48.73
C LEU E 184 -11.46 -7.48 50.08
N SER E 185 -12.09 -6.39 50.51
CA SER E 185 -12.88 -6.37 51.73
C SER E 185 -14.29 -6.90 51.52
N ASP E 186 -14.96 -7.11 52.65
CA ASP E 186 -16.33 -7.56 52.62
C ASP E 186 -17.19 -6.50 51.96
N GLU E 187 -16.88 -5.23 52.24
CA GLU E 187 -17.57 -4.08 51.64
C GLU E 187 -17.34 -3.97 50.13
N GLN E 188 -16.08 -4.12 49.66
CA GLN E 188 -15.79 -4.08 48.23
C GLN E 188 -16.53 -5.17 47.46
N LYS E 189 -16.87 -6.28 48.12
CA LYS E 189 -17.67 -7.32 47.50
C LYS E 189 -19.16 -7.04 47.69
N SER E 190 -19.54 -5.76 47.83
CA SER E 190 -20.94 -5.38 47.97
C SER E 190 -21.45 -4.50 46.84
N ILE E 191 -20.59 -4.04 45.93
CA ILE E 191 -20.96 -3.07 44.90
C ILE E 191 -20.67 -3.58 43.49
N LEU E 192 -20.16 -4.79 43.35
CA LEU E 192 -19.55 -5.23 42.12
C LEU E 192 -20.61 -5.54 41.07
N SER E 193 -20.81 -4.60 40.15
CA SER E 193 -21.60 -4.85 38.94
C SER E 193 -21.02 -6.01 38.12
N ASP E 194 -19.77 -6.38 38.38
CA ASP E 194 -19.00 -7.26 37.50
C ASP E 194 -17.78 -7.79 38.26
N ALA E 195 -17.02 -8.64 37.57
CA ALA E 195 -15.80 -9.25 38.07
C ALA E 195 -14.57 -8.39 37.77
N CYS E 196 -14.59 -7.59 36.69
CA CYS E 196 -13.44 -6.77 36.30
C CYS E 196 -13.05 -5.71 37.35
N LYS E 197 -14.02 -5.27 38.15
CA LYS E 197 -13.69 -4.32 39.20
C LYS E 197 -12.80 -4.95 40.28
N ILE E 198 -12.89 -6.26 40.46
CA ILE E 198 -11.98 -6.96 41.36
C ILE E 198 -10.53 -6.64 40.97
N ILE E 199 -10.22 -6.80 39.68
CA ILE E 199 -8.86 -6.56 39.20
C ILE E 199 -8.48 -5.09 39.30
N VAL E 200 -9.35 -4.18 38.84
CA VAL E 200 -8.97 -2.78 38.92
C VAL E 200 -8.74 -2.34 40.38
N GLU E 201 -9.59 -2.80 41.30
CA GLU E 201 -9.44 -2.44 42.72
C GLU E 201 -8.15 -2.98 43.30
N THR E 202 -7.62 -4.07 42.75
CA THR E 202 -6.31 -4.53 43.19
C THR E 202 -5.19 -3.95 42.32
N ASN E 203 -5.50 -2.86 41.58
CA ASN E 203 -4.56 -1.99 40.85
C ASN E 203 -3.70 -2.76 39.85
N LYS E 204 -4.29 -3.68 39.13
CA LYS E 204 -3.64 -4.30 38.01
C LYS E 204 -4.39 -3.96 36.72
N PRO E 205 -3.72 -3.94 35.57
CA PRO E 205 -4.34 -3.45 34.34
C PRO E 205 -5.40 -4.44 33.88
N VAL E 206 -6.44 -3.91 33.24
CA VAL E 206 -7.43 -4.71 32.54
C VAL E 206 -7.48 -4.20 31.10
N ARG E 207 -7.22 -5.07 30.13
CA ARG E 207 -7.21 -4.70 28.72
C ARG E 207 -8.61 -4.71 28.13
N LEU E 208 -8.79 -3.97 27.04
CA LEU E 208 -10.09 -3.90 26.39
C LEU E 208 -10.11 -4.76 25.14
N VAL E 209 -11.17 -5.55 24.97
CA VAL E 209 -11.45 -6.24 23.73
C VAL E 209 -12.77 -5.71 23.21
N LYS E 210 -12.83 -5.44 21.89
CA LYS E 210 -14.04 -4.87 21.34
C LYS E 210 -15.11 -5.94 21.28
N GLY E 211 -16.28 -5.61 21.82
CA GLY E 211 -17.46 -6.47 21.74
C GLY E 211 -18.22 -6.17 20.47
N GLU E 212 -19.54 -6.20 20.54
CA GLU E 212 -20.35 -5.90 19.38
C GLU E 212 -21.59 -5.17 19.86
N LEU E 213 -22.18 -4.34 18.98
CA LEU E 213 -23.39 -3.66 19.39
C LEU E 213 -24.53 -4.64 19.72
N TYR E 214 -24.56 -5.80 19.07
CA TYR E 214 -25.61 -6.80 19.24
C TYR E 214 -25.30 -7.86 20.29
N ASN E 215 -24.16 -7.76 20.96
CA ASN E 215 -23.79 -8.70 22.02
C ASN E 215 -24.55 -8.35 23.30
N ILE E 216 -25.88 -8.33 23.16
CA ILE E 216 -26.76 -7.84 24.20
C ILE E 216 -27.00 -8.91 25.26
N LYS E 217 -27.42 -8.42 26.43
CA LYS E 217 -27.84 -9.18 27.59
C LYS E 217 -29.35 -9.17 27.59
N VAL E 218 -29.95 -10.34 27.71
CA VAL E 218 -31.40 -10.43 27.76
C VAL E 218 -31.77 -10.26 29.23
N THR E 219 -32.29 -9.08 29.56
CA THR E 219 -32.56 -8.70 30.95
C THR E 219 -34.01 -8.34 31.18
N THR E 220 -34.73 -7.89 30.15
CA THR E 220 -36.12 -7.46 30.20
C THR E 220 -36.93 -8.05 29.05
N PRO E 221 -38.27 -7.98 29.11
CA PRO E 221 -39.07 -8.47 27.96
C PRO E 221 -38.74 -7.77 26.66
N TYR E 222 -38.43 -6.48 26.75
CA TYR E 222 -37.99 -5.75 25.56
C TYR E 222 -36.74 -6.40 24.96
N ASP E 223 -35.76 -6.78 25.80
CA ASP E 223 -34.53 -7.35 25.28
C ASP E 223 -34.78 -8.67 24.57
N LEU E 224 -35.71 -9.49 25.05
CA LEU E 224 -35.96 -10.74 24.35
C LEU E 224 -36.66 -10.50 23.02
N LYS E 225 -37.52 -9.47 22.97
CA LYS E 225 -38.09 -9.11 21.67
C LYS E 225 -36.99 -8.68 20.70
N VAL E 226 -36.03 -7.87 21.17
CA VAL E 226 -34.91 -7.45 20.32
C VAL E 226 -34.05 -8.65 19.89
N ALA E 227 -33.82 -9.60 20.80
CA ALA E 227 -33.01 -10.78 20.48
C ALA E 227 -33.70 -11.63 19.42
N ASN E 228 -35.02 -11.76 19.54
CA ASN E 228 -35.80 -12.48 18.53
C ASN E 228 -35.66 -11.81 17.18
N ALA E 229 -35.63 -10.48 17.19
CA ALA E 229 -35.43 -9.78 15.93
C ALA E 229 -34.07 -10.09 15.33
N ILE E 230 -33.03 -10.06 16.16
CA ILE E 230 -31.66 -10.35 15.69
C ILE E 230 -31.54 -11.73 15.06
N ILE E 231 -32.10 -12.77 15.70
CA ILE E 231 -31.99 -14.08 15.07
C ILE E 231 -32.82 -14.15 13.79
N ARG E 232 -34.08 -13.70 13.86
CA ARG E 232 -35.00 -13.74 12.73
C ARG E 232 -34.48 -12.88 11.57
N MET F 1 -45.27 29.87 26.45
CA MET F 1 -45.44 29.08 25.25
C MET F 1 -44.40 27.97 25.10
N LYS F 2 -44.77 26.92 24.38
CA LYS F 2 -43.92 25.76 24.22
C LYS F 2 -43.49 25.63 22.76
N TYR F 3 -42.18 25.45 22.54
CA TYR F 3 -41.66 25.34 21.19
C TYR F 3 -40.93 24.00 21.12
N ALA F 4 -40.94 23.35 19.95
CA ALA F 4 -40.15 22.13 19.74
C ALA F 4 -39.01 22.40 18.76
N GLY F 5 -37.83 21.89 19.07
CA GLY F 5 -36.70 22.02 18.16
C GLY F 5 -36.10 20.71 17.70
N ILE F 6 -36.30 20.36 16.45
CA ILE F 6 -35.81 19.10 15.93
C ILE F 6 -34.45 19.35 15.29
N LEU F 7 -33.45 18.68 15.83
CA LEU F 7 -32.05 18.90 15.48
C LEU F 7 -31.66 17.86 14.44
N ALA F 8 -31.51 18.28 13.19
CA ALA F 8 -31.20 17.33 12.13
C ALA F 8 -29.82 17.61 11.54
N GLY F 9 -28.78 17.66 12.39
CA GLY F 9 -27.45 17.97 11.94
C GLY F 9 -26.67 16.83 11.38
N GLY F 10 -27.23 15.63 11.34
CA GLY F 10 -26.52 14.45 10.90
C GLY F 10 -25.59 13.85 11.95
N ILE F 11 -24.99 12.72 11.58
CA ILE F 11 -24.11 11.97 12.46
C ILE F 11 -22.72 11.98 11.85
N GLY F 12 -21.80 12.63 12.55
CA GLY F 12 -20.45 12.74 12.03
C GLY F 12 -19.79 11.39 11.83
N SER F 13 -18.96 11.33 10.79
CA SER F 13 -18.21 10.13 10.48
C SER F 13 -17.05 9.98 11.47
N ARG F 14 -16.51 8.78 11.56
CA ARG F 14 -15.35 8.57 12.44
C ARG F 14 -14.22 9.51 12.06
N MET F 15 -13.74 9.41 10.81
CA MET F 15 -12.62 10.23 10.33
C MET F 15 -13.14 11.43 9.53
N GLY F 16 -12.84 12.64 10.02
CA GLY F 16 -13.16 13.87 9.33
C GLY F 16 -14.31 14.64 9.96
N ASN F 17 -15.21 13.96 10.66
CA ASN F 17 -16.36 14.60 11.28
C ASN F 17 -17.27 15.25 10.23
N VAL F 18 -17.35 14.63 9.07
CA VAL F 18 -18.34 15.08 8.09
C VAL F 18 -19.68 14.42 8.42
N PRO F 19 -20.77 15.20 8.49
CA PRO F 19 -22.07 14.65 8.90
C PRO F 19 -22.77 13.97 7.74
N LEU F 20 -23.11 12.71 7.93
CA LEU F 20 -23.88 11.99 6.96
C LEU F 20 -25.32 12.22 7.37
N PRO F 21 -26.20 12.35 6.42
CA PRO F 21 -27.63 12.64 6.73
C PRO F 21 -28.41 11.36 7.04
N LYS F 22 -28.07 10.75 8.18
CA LYS F 22 -28.70 9.51 8.60
C LYS F 22 -30.19 9.67 8.86
N GLN F 23 -30.66 10.89 9.14
CA GLN F 23 -32.06 11.09 9.46
C GLN F 23 -32.97 10.89 8.26
N PHE F 24 -32.43 10.84 7.06
CA PHE F 24 -33.22 10.58 5.86
C PHE F 24 -33.29 9.11 5.49
N LEU F 25 -32.62 8.24 6.27
CA LEU F 25 -32.65 6.82 5.96
C LEU F 25 -34.05 6.28 6.16
N ASP F 26 -34.39 5.26 5.37
CA ASP F 26 -35.77 4.80 5.34
C ASP F 26 -36.07 3.93 6.55
N LEU F 27 -37.20 4.23 7.20
CA LEU F 27 -37.74 3.44 8.30
C LEU F 27 -39.18 3.08 7.93
N ASP F 28 -39.36 1.81 7.56
CA ASP F 28 -40.64 1.25 7.14
C ASP F 28 -41.20 2.13 6.04
N ASN F 29 -40.31 2.48 5.09
CA ASN F 29 -40.63 3.18 3.84
C ASN F 29 -41.02 4.64 4.05
N LYS F 30 -40.55 5.25 5.14
CA LYS F 30 -40.76 6.67 5.42
C LYS F 30 -39.47 7.02 6.16
N PRO F 31 -38.82 8.12 5.79
CA PRO F 31 -37.60 8.57 6.49
C PRO F 31 -37.78 8.78 7.99
N ILE F 32 -36.72 8.47 8.72
CA ILE F 32 -36.72 8.62 10.18
C ILE F 32 -37.19 10.00 10.59
N LEU F 33 -36.71 11.04 9.91
CA LEU F 33 -37.08 12.41 10.25
C LEU F 33 -38.61 12.60 10.31
N ILE F 34 -39.33 12.03 9.35
CA ILE F 34 -40.79 12.18 9.36
C ILE F 34 -41.41 11.42 10.51
N HIS F 35 -40.93 10.21 10.81
CA HIS F 35 -41.44 9.50 11.99
C HIS F 35 -41.31 10.38 13.23
N THR F 36 -40.14 10.99 13.40
CA THR F 36 -39.96 11.83 14.59
C THR F 36 -40.92 13.02 14.54
N LEU F 37 -41.02 13.69 13.36
CA LEU F 37 -41.92 14.84 13.30
C LEU F 37 -43.35 14.43 13.56
N GLU F 38 -43.76 13.28 13.03
CA GLU F 38 -45.11 12.83 13.20
C GLU F 38 -45.39 12.65 14.69
N LYS F 39 -44.39 12.21 15.45
CA LYS F 39 -44.58 12.09 16.90
C LYS F 39 -44.85 13.48 17.50
N PHE F 40 -44.12 14.50 17.02
CA PHE F 40 -44.30 15.87 17.53
C PHE F 40 -45.56 16.59 17.04
N ILE F 41 -45.99 16.32 15.81
CA ILE F 41 -47.20 16.96 15.29
C ILE F 41 -48.42 16.61 16.14
N LEU F 42 -48.47 15.41 16.75
CA LEU F 42 -49.63 15.11 17.60
C LEU F 42 -49.71 15.92 18.88
N ILE F 43 -48.65 16.64 19.28
CA ILE F 43 -48.65 17.45 20.49
C ILE F 43 -49.08 18.85 20.11
N ASN F 44 -50.33 19.18 20.44
CA ASN F 44 -50.92 20.46 20.05
C ASN F 44 -50.40 21.67 20.80
N ASP F 45 -49.79 21.49 21.95
CA ASP F 45 -49.42 22.70 22.67
C ASP F 45 -48.16 23.37 22.12
N PHE F 46 -47.47 22.74 21.19
CA PHE F 46 -46.31 23.39 20.61
C PHE F 46 -46.78 24.54 19.73
N GLU F 47 -46.17 25.72 19.94
CA GLU F 47 -46.42 26.90 19.11
C GLU F 47 -45.75 26.80 17.75
N LYS F 48 -44.54 26.26 17.68
CA LYS F 48 -43.86 26.09 16.40
C LYS F 48 -43.02 24.82 16.55
N ILE F 49 -42.86 24.08 15.46
CA ILE F 49 -42.03 22.87 15.45
C ILE F 49 -40.92 23.09 14.43
N ILE F 50 -39.70 23.38 14.91
CA ILE F 50 -38.60 23.88 14.09
C ILE F 50 -37.56 22.79 13.89
N ILE F 51 -37.30 22.47 12.63
CA ILE F 51 -36.27 21.52 12.23
C ILE F 51 -35.05 22.33 11.85
N ALA F 52 -33.91 22.06 12.48
CA ALA F 52 -32.65 22.71 12.12
C ALA F 52 -31.71 21.73 11.43
N THR F 53 -31.17 22.14 10.29
CA THR F 53 -30.39 21.25 9.45
C THR F 53 -29.33 22.09 8.72
N PRO F 54 -28.24 21.48 8.26
CA PRO F 54 -27.24 22.25 7.51
C PRO F 54 -27.86 22.86 6.27
N GLN F 55 -27.34 24.04 5.88
CA GLN F 55 -27.83 24.77 4.70
C GLN F 55 -27.96 23.86 3.49
N GLN F 56 -26.97 23.03 3.25
CA GLN F 56 -26.92 22.19 2.05
C GLN F 56 -28.01 21.11 2.07
N TRP F 57 -28.69 20.90 3.20
CA TRP F 57 -29.73 19.89 3.28
C TRP F 57 -31.13 20.51 3.36
N MET F 58 -31.25 21.83 3.36
CA MET F 58 -32.54 22.47 3.56
C MET F 58 -33.50 22.17 2.41
N THR F 59 -33.02 22.26 1.17
CA THR F 59 -33.89 22.01 0.05
C THR F 59 -34.38 20.56 0.07
N HIS F 60 -33.47 19.60 0.29
CA HIS F 60 -33.93 18.22 0.32
C HIS F 60 -34.90 18.00 1.47
N THR F 61 -34.68 18.66 2.61
CA THR F 61 -35.58 18.50 3.73
C THR F 61 -36.96 19.01 3.37
N LYS F 62 -37.03 20.20 2.73
CA LYS F 62 -38.32 20.77 2.35
C LYS F 62 -39.01 19.90 1.30
N ASP F 63 -38.23 19.40 0.34
CA ASP F 63 -38.79 18.51 -0.66
C ASP F 63 -39.36 17.25 -0.02
N THR F 64 -38.65 16.71 0.99
CA THR F 64 -39.09 15.51 1.67
C THR F 64 -40.34 15.75 2.51
N LEU F 65 -40.41 16.90 3.18
CA LEU F 65 -41.64 17.28 3.87
C LEU F 65 -42.81 17.33 2.90
N ARG F 66 -42.58 17.93 1.71
CA ARG F 66 -43.65 17.99 0.73
C ARG F 66 -44.04 16.57 0.31
N LYS F 67 -43.05 15.70 0.11
CA LYS F 67 -43.30 14.33 -0.37
C LYS F 67 -44.12 13.50 0.61
N PHE F 68 -43.92 13.68 1.90
CA PHE F 68 -44.66 12.86 2.84
C PHE F 68 -45.88 13.56 3.44
N LYS F 69 -46.43 14.58 2.78
CA LYS F 69 -47.76 15.11 3.13
C LYS F 69 -47.78 15.71 4.54
N ILE F 70 -46.63 16.25 4.94
CA ILE F 70 -46.44 16.92 6.22
C ILE F 70 -46.86 18.37 6.03
N SER F 71 -48.09 18.72 6.44
CA SER F 71 -48.65 20.03 6.15
C SER F 71 -48.84 20.93 7.36
N ASP F 72 -48.55 20.46 8.56
CA ASP F 72 -48.79 21.28 9.75
C ASP F 72 -48.10 22.64 9.61
N GLU F 73 -48.88 23.71 9.79
CA GLU F 73 -48.38 25.07 9.58
C GLU F 73 -47.28 25.47 10.57
N ARG F 74 -47.10 24.75 11.68
CA ARG F 74 -46.09 25.00 12.71
C ARG F 74 -44.69 24.55 12.33
N ILE F 75 -44.57 23.81 11.24
CA ILE F 75 -43.33 23.21 10.80
C ILE F 75 -42.51 24.26 10.06
N GLU F 76 -41.24 24.43 10.44
CA GLU F 76 -40.36 25.36 9.74
C GLU F 76 -38.97 24.77 9.66
N VAL F 77 -38.31 24.92 8.52
CA VAL F 77 -36.93 24.45 8.37
C VAL F 77 -36.03 25.69 8.41
N ILE F 78 -35.04 25.69 9.29
CA ILE F 78 -34.12 26.82 9.37
C ILE F 78 -32.69 26.29 9.27
N GLN F 79 -31.76 27.23 9.00
CA GLN F 79 -30.34 26.90 8.88
C GLN F 79 -29.69 26.63 10.22
N GLY F 80 -29.00 25.50 10.31
CA GLY F 80 -28.25 25.16 11.51
C GLY F 80 -26.90 25.85 11.66
N GLY F 81 -26.21 25.48 12.74
CA GLY F 81 -24.98 26.11 13.13
C GLY F 81 -23.79 25.18 13.01
N SER F 82 -22.72 25.58 13.68
CA SER F 82 -21.42 24.92 13.61
C SER F 82 -21.31 23.68 14.50
N ASP F 83 -22.22 23.51 15.45
CA ASP F 83 -22.30 22.34 16.29
C ASP F 83 -23.73 22.24 16.82
N ARG F 84 -24.01 21.19 17.59
CA ARG F 84 -25.40 20.96 17.97
C ARG F 84 -25.88 22.13 18.81
N ASN F 85 -25.05 22.59 19.74
CA ASN F 85 -25.45 23.69 20.60
C ASN F 85 -25.54 25.01 19.84
N ASP F 86 -24.63 25.28 18.90
CA ASP F 86 -24.76 26.49 18.07
C ASP F 86 -26.04 26.44 17.22
N THR F 87 -26.41 25.24 16.77
CA THR F 87 -27.66 25.03 16.04
C THR F 87 -28.88 25.29 16.92
N ILE F 88 -28.85 24.77 18.16
CA ILE F 88 -29.91 25.08 19.12
C ILE F 88 -30.03 26.58 19.26
N MET F 89 -28.89 27.27 19.34
CA MET F 89 -28.96 28.72 19.52
C MET F 89 -29.50 29.37 18.26
N ASN F 90 -29.28 28.79 17.08
CA ASN F 90 -29.95 29.29 15.88
C ASN F 90 -31.46 29.18 16.02
N ILE F 91 -31.94 28.08 16.59
CA ILE F 91 -33.38 27.93 16.78
C ILE F 91 -33.91 28.97 17.76
N VAL F 92 -33.20 29.17 18.88
CA VAL F 92 -33.57 30.17 19.87
C VAL F 92 -33.61 31.56 19.26
N LYS F 93 -32.57 31.89 18.47
CA LYS F 93 -32.46 33.18 17.82
C LYS F 93 -33.61 33.37 16.83
N HIS F 94 -33.96 32.29 16.12
CA HIS F 94 -35.08 32.35 15.19
C HIS F 94 -36.40 32.60 15.91
N ILE F 95 -36.61 31.92 17.04
CA ILE F 95 -37.80 32.14 17.84
C ILE F 95 -37.90 33.58 18.31
N GLU F 96 -36.82 34.13 18.86
CA GLU F 96 -36.86 35.52 19.33
C GLU F 96 -37.08 36.48 18.17
N SER F 97 -36.40 36.27 17.02
CA SER F 97 -36.52 37.25 15.96
C SER F 97 -37.85 37.18 15.25
N THR F 98 -38.57 36.08 15.35
CA THR F 98 -39.87 36.12 14.71
C THR F 98 -40.90 36.61 15.71
N ASN F 99 -41.04 35.90 16.83
CA ASN F 99 -42.03 36.21 17.85
C ASN F 99 -41.55 36.88 19.13
N GLY F 100 -40.27 36.86 19.46
CA GLY F 100 -39.77 37.21 20.79
C GLY F 100 -39.94 36.17 21.88
N ILE F 101 -39.06 36.18 22.91
CA ILE F 101 -39.10 35.21 24.00
C ILE F 101 -39.78 35.78 25.23
N ASN F 102 -40.78 35.06 25.73
CA ASN F 102 -41.47 35.32 26.99
C ASN F 102 -40.78 34.54 28.10
N ASP F 103 -40.93 35.03 29.34
CA ASP F 103 -40.21 34.41 30.45
C ASP F 103 -40.62 32.95 30.71
N ASP F 104 -41.84 32.57 30.34
CA ASP F 104 -42.29 31.19 30.55
C ASP F 104 -42.14 30.32 29.32
N ASP F 105 -41.54 30.84 28.25
CA ASP F 105 -41.36 30.06 27.03
C ASP F 105 -40.44 28.88 27.33
N VAL F 106 -40.70 27.71 26.72
CA VAL F 106 -39.81 26.55 26.83
C VAL F 106 -39.46 26.00 25.46
N ILE F 107 -38.30 25.33 25.38
CA ILE F 107 -37.82 24.68 24.16
C ILE F 107 -37.55 23.20 24.40
N VAL F 108 -38.11 22.35 23.54
CA VAL F 108 -37.86 20.91 23.52
C VAL F 108 -36.96 20.55 22.35
N THR F 109 -35.69 20.22 22.60
CA THR F 109 -34.74 19.87 21.56
C THR F 109 -34.64 18.35 21.45
N HIS F 110 -34.50 17.83 20.23
CA HIS F 110 -34.58 16.38 20.03
C HIS F 110 -33.83 15.97 18.76
N ASP F 111 -33.09 14.85 18.83
CA ASP F 111 -32.40 14.29 17.67
C ASP F 111 -33.43 13.91 16.61
N ALA F 112 -33.19 14.31 15.36
CA ALA F 112 -34.07 13.91 14.26
C ALA F 112 -34.14 12.40 14.05
N VAL F 113 -33.10 11.69 14.43
CA VAL F 113 -33.02 10.25 14.22
C VAL F 113 -33.41 9.38 15.43
N ARG F 114 -34.27 9.91 16.31
CA ARG F 114 -34.88 9.19 17.44
C ARG F 114 -36.40 9.10 17.25
N PRO F 115 -36.87 8.15 16.42
CA PRO F 115 -38.29 8.12 16.01
C PRO F 115 -39.28 7.47 16.97
N PHE F 116 -38.81 6.86 18.06
CA PHE F 116 -39.62 6.02 18.92
C PHE F 116 -39.94 6.70 20.23
N LEU F 117 -39.73 7.99 20.30
CA LEU F 117 -40.08 8.79 21.42
C LEU F 117 -41.56 8.64 21.73
N THR F 118 -42.01 8.96 22.93
CA THR F 118 -43.41 8.75 23.27
C THR F 118 -44.07 10.06 23.68
N HIS F 119 -45.41 10.03 23.64
CA HIS F 119 -46.21 11.16 24.08
C HIS F 119 -45.85 11.55 25.53
N ARG F 120 -45.72 10.54 26.41
CA ARG F 120 -45.37 10.75 27.81
C ARG F 120 -44.05 11.48 27.99
N ILE F 121 -43.01 11.08 27.26
CA ILE F 121 -41.71 11.71 27.38
C ILE F 121 -41.81 13.21 27.07
N ILE F 122 -42.51 13.58 26.00
CA ILE F 122 -42.60 14.99 25.63
C ILE F 122 -43.37 15.78 26.69
N LYS F 123 -44.51 15.25 27.13
CA LYS F 123 -45.30 15.96 28.13
C LYS F 123 -44.53 16.09 29.44
N GLU F 124 -43.86 15.02 29.86
CA GLU F 124 -43.06 15.05 31.08
C GLU F 124 -41.89 16.01 30.96
N ASN F 125 -41.28 16.09 29.77
CA ASN F 125 -40.21 17.05 29.54
C ASN F 125 -40.67 18.50 29.70
N ILE F 126 -41.78 18.87 29.07
CA ILE F 126 -42.29 20.24 29.23
C ILE F 126 -42.66 20.55 30.67
N GLN F 127 -43.40 19.65 31.32
CA GLN F 127 -43.81 19.95 32.69
C GLN F 127 -42.57 20.08 33.58
N ALA F 128 -41.58 19.18 33.38
CA ALA F 128 -40.36 19.26 34.16
C ALA F 128 -39.53 20.51 33.82
N ALA F 129 -39.55 20.98 32.57
CA ALA F 129 -38.85 22.23 32.23
C ALA F 129 -39.51 23.45 32.88
N LEU F 130 -40.80 23.46 32.94
CA LEU F 130 -41.39 24.59 33.55
C LEU F 130 -41.10 24.58 35.01
N GLU F 131 -41.03 23.40 35.61
CA GLU F 131 -40.85 23.34 37.05
C GLU F 131 -39.40 23.55 37.47
N TYR F 132 -38.43 22.98 36.74
CA TYR F 132 -37.04 22.91 37.21
C TYR F 132 -36.05 23.66 36.33
N GLY F 133 -36.44 24.08 35.13
CA GLY F 133 -35.66 24.94 34.26
C GLY F 133 -34.81 24.27 33.21
N ALA F 134 -34.36 23.03 33.41
CA ALA F 134 -33.49 22.34 32.46
C ALA F 134 -33.71 20.86 32.67
N VAL F 135 -33.81 20.11 31.57
CA VAL F 135 -34.23 18.70 31.64
C VAL F 135 -33.45 17.86 30.65
N ASP F 136 -33.07 16.66 31.10
CA ASP F 136 -32.44 15.65 30.27
C ASP F 136 -33.30 14.39 30.34
N THR F 137 -33.56 13.77 29.20
CA THR F 137 -34.25 12.48 29.19
C THR F 137 -33.20 11.39 29.24
N VAL F 138 -33.26 10.55 30.29
CA VAL F 138 -32.22 9.57 30.59
C VAL F 138 -32.85 8.22 30.98
N ILE F 139 -32.08 7.15 30.87
CA ILE F 139 -32.42 5.85 31.46
C ILE F 139 -31.27 5.33 32.30
N ASP F 140 -31.61 4.52 33.30
CA ASP F 140 -30.60 3.85 34.11
C ASP F 140 -29.68 3.06 33.18
N ALA F 141 -28.36 3.14 33.39
CA ALA F 141 -27.42 2.29 32.63
C ALA F 141 -27.76 0.83 32.94
N ILE F 142 -27.94 -0.01 31.92
CA ILE F 142 -28.13 -1.42 32.27
C ILE F 142 -26.81 -2.18 32.29
N ASP F 143 -25.94 -1.92 31.33
CA ASP F 143 -24.61 -2.49 31.36
C ASP F 143 -23.74 -1.71 32.33
N THR F 144 -22.72 -2.38 32.88
CA THR F 144 -21.65 -1.67 33.55
C THR F 144 -20.93 -0.73 32.62
N ILE F 145 -20.75 0.51 33.10
CA ILE F 145 -20.03 1.56 32.37
C ILE F 145 -18.59 1.51 32.84
N VAL F 146 -17.66 1.54 31.89
CA VAL F 146 -16.25 1.50 32.17
C VAL F 146 -15.55 2.66 31.50
N THR F 147 -14.45 3.10 32.10
CA THR F 147 -13.72 4.22 31.55
C THR F 147 -12.36 3.80 30.99
N SER F 148 -11.92 4.53 29.97
CA SER F 148 -10.58 4.33 29.43
C SER F 148 -10.12 5.63 28.80
N LYS F 149 -8.89 6.04 29.09
CA LYS F 149 -8.30 7.24 28.51
C LYS F 149 -7.39 6.95 27.33
N ASP F 150 -7.09 5.68 27.07
CA ASP F 150 -6.12 5.33 26.03
C ASP F 150 -6.67 4.33 25.02
N ASN F 151 -7.93 3.93 25.11
CA ASN F 151 -8.54 2.93 24.24
C ASN F 151 -7.87 1.57 24.37
N GLN F 152 -7.13 1.34 25.45
CA GLN F 152 -6.43 0.08 25.60
C GLN F 152 -6.67 -0.59 26.94
N THR F 153 -6.71 0.18 28.03
CA THR F 153 -6.90 -0.41 29.35
C THR F 153 -7.94 0.40 30.09
N ILE F 154 -8.60 -0.25 31.06
CA ILE F 154 -9.59 0.43 31.87
C ILE F 154 -8.85 1.40 32.78
N ASP F 155 -9.36 2.61 32.87
CA ASP F 155 -8.88 3.56 33.85
C ASP F 155 -9.68 3.46 35.16
N ALA F 156 -11.02 3.48 35.05
CA ALA F 156 -11.91 3.43 36.21
C ALA F 156 -13.24 2.74 35.88
N ILE F 157 -13.89 2.22 36.92
CA ILE F 157 -15.26 1.69 36.87
C ILE F 157 -16.15 2.36 37.92
N PRO F 158 -16.94 3.36 37.56
CA PRO F 158 -17.80 4.03 38.56
C PRO F 158 -18.87 3.10 39.08
N VAL F 159 -19.52 3.53 40.17
CA VAL F 159 -20.62 2.79 40.77
C VAL F 159 -21.82 2.76 39.82
N ARG F 160 -22.26 1.55 39.43
CA ARG F 160 -23.27 1.46 38.39
C ARG F 160 -24.58 2.13 38.76
N ASN F 161 -24.98 2.08 40.04
CA ASN F 161 -26.28 2.67 40.40
C ASN F 161 -26.32 4.17 40.15
N GLU F 162 -25.15 4.79 39.97
CA GLU F 162 -25.11 6.21 39.67
C GLU F 162 -24.91 6.52 38.19
N MET F 163 -24.83 5.52 37.32
CA MET F 163 -24.53 5.82 35.92
C MET F 163 -25.82 5.73 35.09
N TYR F 164 -25.99 6.67 34.17
CA TYR F 164 -27.18 6.72 33.32
C TYR F 164 -26.83 7.07 31.88
N GLN F 165 -27.57 6.49 30.93
CA GLN F 165 -27.45 6.86 29.51
C GLN F 165 -28.39 8.00 29.11
N GLY F 166 -27.79 9.10 28.63
CA GLY F 166 -28.56 10.24 28.17
C GLY F 166 -29.22 9.97 26.83
N GLN F 167 -30.49 10.37 26.71
CA GLN F 167 -31.22 10.36 25.45
C GLN F 167 -31.65 11.79 25.12
N THR F 168 -32.61 11.92 24.22
CA THR F 168 -33.35 13.16 24.06
C THR F 168 -34.85 12.87 24.07
N PRO F 169 -35.68 13.89 24.28
CA PRO F 169 -35.46 15.34 24.36
C PRO F 169 -34.55 15.85 25.45
N GLN F 170 -34.02 17.04 25.20
CA GLN F 170 -33.44 17.89 26.22
C GLN F 170 -34.22 19.18 26.07
N SER F 171 -34.73 19.65 27.18
CA SER F 171 -35.74 20.70 27.24
C SER F 171 -35.30 21.81 28.15
N PHE F 172 -35.64 23.07 27.86
CA PHE F 172 -35.03 24.16 28.64
C PHE F 172 -36.03 25.32 28.71
N ASN F 173 -36.08 26.05 29.84
CA ASN F 173 -36.60 27.41 29.78
C ASN F 173 -35.67 28.20 28.86
N ILE F 174 -36.23 28.90 27.87
CA ILE F 174 -35.39 29.46 26.80
C ILE F 174 -34.45 30.57 27.29
N ASN F 175 -34.94 31.50 28.13
CA ASN F 175 -34.05 32.56 28.57
C ASN F 175 -32.89 32.04 29.41
N LEU F 176 -33.12 30.97 30.16
CA LEU F 176 -32.10 30.42 31.01
C LEU F 176 -31.01 29.78 30.19
N LEU F 177 -31.38 29.09 29.14
CA LEU F 177 -30.40 28.48 28.31
C LEU F 177 -29.62 29.55 27.63
N LYS F 178 -30.30 30.51 27.04
CA LYS F 178 -29.64 31.60 26.30
C LYS F 178 -28.62 32.34 27.17
N GLU F 179 -29.03 32.72 28.39
CA GLU F 179 -28.13 33.45 29.29
C GLU F 179 -26.94 32.58 29.67
N SER F 180 -27.17 31.28 29.98
CA SER F 180 -26.08 30.38 30.36
C SER F 180 -25.10 30.15 29.21
N TYR F 181 -25.56 29.93 27.98
CA TYR F 181 -24.64 29.76 26.85
C TYR F 181 -23.77 31.00 26.68
N ALA F 182 -24.37 32.19 26.88
CA ALA F 182 -23.57 33.40 26.78
C ALA F 182 -22.51 33.43 27.88
N GLN F 183 -22.74 32.75 29.01
CA GLN F 183 -21.66 32.87 29.98
C GLN F 183 -20.45 32.04 29.57
N LEU F 184 -20.62 30.96 28.80
CA LEU F 184 -19.42 30.20 28.50
C LEU F 184 -18.78 30.89 27.30
N SER F 185 -17.46 30.83 27.17
CA SER F 185 -16.93 31.44 25.97
C SER F 185 -16.97 30.47 24.78
N ASP F 186 -15.91 29.67 24.66
CA ASP F 186 -15.72 28.66 23.61
C ASP F 186 -16.00 27.20 23.99
N GLU F 187 -17.09 26.66 23.42
CA GLU F 187 -17.51 25.28 23.55
C GLU F 187 -16.49 24.37 22.86
N GLN F 188 -16.75 23.06 22.90
CA GLN F 188 -15.89 22.07 22.23
C GLN F 188 -16.53 20.69 22.22
N ASP F 194 -22.84 18.54 23.72
CA ASP F 194 -24.10 18.18 24.37
C ASP F 194 -24.69 19.40 25.05
N ALA F 195 -26.03 19.49 25.11
CA ALA F 195 -26.69 20.71 25.57
C ALA F 195 -26.87 20.81 27.09
N CYS F 196 -27.15 19.71 27.78
CA CYS F 196 -27.33 19.77 29.24
C CYS F 196 -26.04 20.09 30.02
N LYS F 197 -24.88 19.77 29.43
CA LYS F 197 -23.63 20.08 30.09
C LYS F 197 -23.39 21.57 30.17
N ILE F 198 -23.97 22.33 29.23
CA ILE F 198 -23.95 23.78 29.32
C ILE F 198 -24.48 24.27 30.67
N ILE F 199 -25.66 23.76 31.03
CA ILE F 199 -26.32 24.20 32.27
C ILE F 199 -25.54 23.71 33.47
N VAL F 200 -25.14 22.43 33.44
CA VAL F 200 -24.37 21.88 34.57
C VAL F 200 -23.09 22.69 34.79
N GLU F 201 -22.37 23.04 33.71
CA GLU F 201 -21.12 23.78 33.82
C GLU F 201 -21.31 25.21 34.31
N THR F 202 -22.49 25.79 34.11
CA THR F 202 -22.75 27.11 34.68
C THR F 202 -23.42 26.99 36.04
N ASN F 203 -23.29 25.81 36.66
CA ASN F 203 -23.63 25.56 38.07
C ASN F 203 -25.12 25.77 38.34
N LYS F 204 -25.95 25.29 37.40
CA LYS F 204 -27.39 25.28 37.56
C LYS F 204 -27.93 23.85 37.45
N PRO F 205 -29.05 23.55 38.10
CA PRO F 205 -29.57 22.17 38.13
C PRO F 205 -30.15 21.70 36.80
N VAL F 206 -30.01 20.40 36.55
CA VAL F 206 -30.68 19.71 35.44
C VAL F 206 -31.47 18.51 35.99
N ARG F 207 -32.78 18.49 35.75
CA ARG F 207 -33.61 17.39 36.23
C ARG F 207 -33.59 16.23 35.24
N LEU F 208 -33.81 15.03 35.76
CA LEU F 208 -33.85 13.82 34.96
C LEU F 208 -35.30 13.45 34.69
N VAL F 209 -35.61 13.13 33.43
CA VAL F 209 -36.87 12.48 33.04
C VAL F 209 -36.52 11.13 32.46
N LYS F 210 -37.22 10.09 32.89
CA LYS F 210 -36.89 8.75 32.43
C LYS F 210 -37.46 8.51 31.02
N GLY F 211 -36.60 8.05 30.10
CA GLY F 211 -36.98 7.70 28.75
C GLY F 211 -37.48 6.27 28.67
N GLU F 212 -37.11 5.58 27.61
CA GLU F 212 -37.45 4.18 27.38
C GLU F 212 -36.27 3.44 26.76
N LEU F 213 -36.19 2.13 27.00
CA LEU F 213 -35.10 1.34 26.42
C LEU F 213 -35.12 1.41 24.91
N TYR F 214 -36.29 1.59 24.31
CA TYR F 214 -36.44 1.62 22.87
C TYR F 214 -36.31 3.03 22.27
N ASN F 215 -36.06 4.06 23.07
CA ASN F 215 -35.88 5.40 22.52
C ASN F 215 -34.49 5.56 21.91
N ILE F 216 -34.19 4.68 20.94
CA ILE F 216 -32.83 4.58 20.39
C ILE F 216 -32.58 5.64 19.32
N LYS F 217 -31.29 5.90 19.07
CA LYS F 217 -30.81 6.75 17.98
C LYS F 217 -30.43 5.82 16.84
N VAL F 218 -31.03 6.00 15.68
CA VAL F 218 -30.88 5.06 14.57
C VAL F 218 -29.72 5.60 13.74
N THR F 219 -28.51 5.09 14.01
CA THR F 219 -27.30 5.67 13.47
C THR F 219 -26.42 4.70 12.71
N THR F 220 -26.65 3.40 12.83
CA THR F 220 -25.84 2.36 12.22
C THR F 220 -26.79 1.45 11.49
N PRO F 221 -26.28 0.61 10.59
CA PRO F 221 -27.19 -0.38 9.96
C PRO F 221 -27.82 -1.29 11.00
N TYR F 222 -27.06 -1.63 12.04
CA TYR F 222 -27.61 -2.41 13.15
C TYR F 222 -28.78 -1.68 13.78
N ASP F 223 -28.60 -0.40 14.09
CA ASP F 223 -29.70 0.32 14.70
C ASP F 223 -30.90 0.37 13.76
N LEU F 224 -30.67 0.40 12.44
CA LEU F 224 -31.78 0.44 11.52
C LEU F 224 -32.56 -0.89 11.50
N LYS F 225 -31.85 -2.02 11.59
CA LYS F 225 -32.56 -3.30 11.70
C LYS F 225 -33.34 -3.44 13.01
N VAL F 226 -32.74 -3.02 14.13
CA VAL F 226 -33.49 -3.11 15.38
C VAL F 226 -34.69 -2.18 15.37
N ALA F 227 -34.53 -0.96 14.82
CA ALA F 227 -35.64 -0.01 14.78
C ALA F 227 -36.78 -0.49 13.90
N ASN F 228 -36.48 -1.09 12.78
CA ASN F 228 -37.57 -1.59 11.96
C ASN F 228 -38.28 -2.70 12.70
N ALA F 229 -37.56 -3.58 13.34
CA ALA F 229 -38.23 -4.63 14.10
C ALA F 229 -39.14 -4.02 15.17
N ILE F 230 -38.63 -2.99 15.84
CA ILE F 230 -39.37 -2.29 16.88
C ILE F 230 -40.68 -1.71 16.36
N ILE F 231 -40.64 -1.12 15.17
CA ILE F 231 -41.87 -0.57 14.62
C ILE F 231 -42.82 -1.72 14.34
N ARG F 232 -42.34 -2.74 13.60
CA ARG F 232 -43.20 -3.85 13.24
C ARG F 232 -43.70 -4.66 14.44
N GLY F 233 -43.14 -4.45 15.62
CA GLY F 233 -43.61 -5.08 16.84
C GLY F 233 -44.42 -4.19 17.77
N GLY F 234 -44.82 -3.00 17.32
CA GLY F 234 -45.63 -2.08 18.12
C GLY F 234 -45.11 -1.75 19.49
N ILE F 235 -43.81 -1.44 19.60
CA ILE F 235 -43.17 -1.20 20.89
C ILE F 235 -42.86 0.30 21.03
#